data_8DZF
#
_entry.id   8DZF
#
_cell.length_a   1.00
_cell.length_b   1.00
_cell.length_c   1.00
_cell.angle_alpha   90.00
_cell.angle_beta   90.00
_cell.angle_gamma   90.00
#
_symmetry.space_group_name_H-M   'P 1'
#
loop_
_entity.id
_entity.type
_entity.pdbx_description
1 polymer BfpD
2 non-polymer 'ZINC ION'
3 non-polymer 'PHOSPHOAMINOPHOSPHONIC ACID-ADENYLATE ESTER'
#
_entity_poly.entity_id   1
_entity_poly.type   'polypeptide(L)'
_entity_poly.pdbx_seq_one_letter_code
;MVNKTEKTSDLMFERFKRNVSEIVTGDGGELELTVEQRKYFLIFKNGDFLVSSCHMKHHLVQMLREIATRKGYPNLTIYE
VNLKDIRLLYEASLKTVQNNGQDLLPVEKRASMLLFECAEMRVSDLHIKVYDAEADIYIRKDGDMELLRQIESNTAHSIL
ASLYNNADDSDATYKINAYQAARIVASKSRLALPPVIQAVRLQFNPLGQGGRYLIARFLYTDKSEKQKEMDPTRFGFHHS
HAESFSRMRNLPIGINIISGPTGSGKSTTLKNLLELLYIEKKKKVNIISIEDPPEYEIDGTAQLPITNVETEAQRGEEYR
KAITAALRSDPDIIMPGEARDAEVINLLFTAAMTGHQVWTSLHANNALAIFDRLKDQGVDEFKLTDPELITGLVAQRLVR
KLCAQCSITLTEYIASGGGISDTDRKIISGHETSVRFPNPRAKKCCRDGYNGRTILAEVIEPDSKLLRLVAEGKREDAQH
YWLTSLHGMALKEHAWLKIISGEICVMDAVNKISGIDNITEERKKYLFSRDNEI
;
_entity_poly.pdbx_strand_id   A,B,C,D,E,F
#
# COMPACT_ATOMS: atom_id res chain seq x y z
N VAL A 107 11.24 -40.94 44.52
CA VAL A 107 10.65 -40.41 45.75
C VAL A 107 10.82 -38.90 45.78
N GLU A 108 9.84 -38.21 46.36
CA GLU A 108 9.86 -36.74 46.38
C GLU A 108 10.99 -36.19 47.24
N LYS A 109 11.44 -36.94 48.25
CA LYS A 109 12.54 -36.47 49.09
C LYS A 109 13.86 -36.39 48.33
N ARG A 110 14.10 -37.36 47.43
CA ARG A 110 15.30 -37.31 46.60
C ARG A 110 15.28 -36.08 45.69
N ALA A 111 14.13 -35.79 45.09
CA ALA A 111 13.99 -34.60 44.25
C ALA A 111 14.18 -33.33 45.05
N SER A 112 13.62 -33.28 46.26
CA SER A 112 13.78 -32.11 47.12
C SER A 112 15.23 -31.89 47.50
N MET A 113 15.94 -32.97 47.85
CA MET A 113 17.36 -32.88 48.16
C MET A 113 18.19 -32.46 46.96
N LEU A 114 17.90 -32.99 45.77
CA LEU A 114 18.61 -32.57 44.57
C LEU A 114 18.37 -31.10 44.26
N LEU A 115 17.12 -30.64 44.40
CA LEU A 115 16.81 -29.23 44.18
C LEU A 115 17.53 -28.35 45.19
N PHE A 116 17.58 -28.78 46.46
CA PHE A 116 18.22 -27.98 47.50
C PHE A 116 19.72 -27.89 47.27
N GLU A 117 20.36 -28.99 46.89
CA GLU A 117 21.80 -28.96 46.65
C GLU A 117 22.13 -28.25 45.34
N CYS A 118 21.19 -28.23 44.39
CA CYS A 118 21.42 -27.50 43.15
C CYS A 118 21.25 -26.01 43.33
N ALA A 119 20.33 -25.60 44.20
CA ALA A 119 20.07 -24.17 44.41
C ALA A 119 21.27 -23.49 45.07
N GLU A 120 21.88 -24.13 46.05
CA GLU A 120 23.01 -23.58 46.78
C GLU A 120 24.30 -23.60 45.97
N MET A 121 24.31 -24.28 44.82
CA MET A 121 25.51 -24.37 44.01
C MET A 121 25.68 -23.20 43.06
N ARG A 122 24.73 -22.25 43.04
CA ARG A 122 24.75 -21.06 42.19
C ARG A 122 24.82 -21.46 40.71
N VAL A 123 23.75 -22.11 40.28
CA VAL A 123 23.63 -22.61 38.92
C VAL A 123 22.74 -21.66 38.13
N SER A 124 22.78 -21.81 36.79
CA SER A 124 21.96 -20.99 35.92
C SER A 124 20.72 -21.75 35.44
N ASP A 125 20.92 -22.89 34.79
CA ASP A 125 19.83 -23.70 34.26
C ASP A 125 20.05 -25.17 34.61
N LEU A 126 18.96 -25.92 34.68
CA LEU A 126 19.01 -27.34 35.00
C LEU A 126 18.45 -28.15 33.83
N HIS A 127 19.21 -29.15 33.40
CA HIS A 127 18.81 -30.04 32.33
C HIS A 127 18.78 -31.47 32.85
N ILE A 128 17.69 -32.19 32.58
CA ILE A 128 17.59 -33.61 32.88
C ILE A 128 17.20 -34.32 31.60
N LYS A 129 18.05 -35.24 31.13
CA LYS A 129 17.80 -35.99 29.91
C LYS A 129 17.62 -37.47 30.24
N VAL A 130 16.61 -38.08 29.63
CA VAL A 130 16.30 -39.49 29.85
C VAL A 130 16.46 -40.24 28.53
N TYR A 131 17.28 -41.28 28.54
CA TYR A 131 17.52 -42.10 27.36
C TYR A 131 16.98 -43.52 27.50
N ASP A 132 16.05 -43.74 28.42
CA ASP A 132 15.32 -44.97 28.75
C ASP A 132 16.19 -45.99 29.48
N ALA A 133 17.51 -45.78 29.56
CA ALA A 133 18.40 -46.66 30.31
C ALA A 133 19.10 -45.91 31.44
N GLU A 134 19.43 -44.64 31.23
CA GLU A 134 20.00 -43.80 32.28
C GLU A 134 19.59 -42.36 32.00
N ALA A 135 19.64 -41.54 33.05
CA ALA A 135 19.28 -40.12 32.96
C ALA A 135 20.49 -39.27 33.35
N ASP A 136 20.83 -38.34 32.49
CA ASP A 136 21.96 -37.45 32.69
C ASP A 136 21.49 -36.11 33.24
N ILE A 137 22.24 -35.58 34.22
CA ILE A 137 21.95 -34.32 34.86
C ILE A 137 23.01 -33.31 34.43
N TYR A 138 22.56 -32.14 33.97
CA TYR A 138 23.46 -31.06 33.56
C TYR A 138 23.09 -29.79 34.29
N ILE A 139 24.09 -29.06 34.76
CA ILE A 139 23.91 -27.78 35.41
C ILE A 139 24.81 -26.75 34.74
N ARG A 140 24.24 -25.60 34.41
CA ARG A 140 24.96 -24.53 33.74
C ARG A 140 25.73 -23.74 34.80
N LYS A 141 26.84 -24.32 35.25
CA LYS A 141 27.75 -23.63 36.15
C LYS A 141 28.42 -22.50 35.38
N ASP A 142 28.38 -21.28 35.94
CA ASP A 142 28.91 -20.06 35.31
C ASP A 142 28.16 -19.90 33.98
N GLY A 143 28.80 -20.11 32.83
CA GLY A 143 28.15 -19.93 31.55
C GLY A 143 27.98 -21.18 30.71
N ASP A 144 28.49 -22.33 31.15
CA ASP A 144 28.42 -23.56 30.36
C ASP A 144 27.89 -24.70 31.24
N MET A 145 27.28 -25.67 30.60
CA MET A 145 26.72 -26.83 31.28
C MET A 145 27.79 -27.89 31.47
N GLU A 146 27.63 -28.68 32.54
CA GLU A 146 28.57 -29.74 32.88
C GLU A 146 27.78 -30.97 33.32
N LEU A 147 28.30 -32.14 32.95
CA LEU A 147 27.64 -33.41 33.27
C LEU A 147 27.77 -33.66 34.78
N LEU A 148 26.65 -33.60 35.50
CA LEU A 148 26.69 -33.77 36.95
C LEU A 148 26.74 -35.25 37.32
N ARG A 149 25.70 -36.00 36.94
CA ARG A 149 25.61 -37.41 37.31
C ARG A 149 24.68 -38.13 36.36
N GLN A 150 24.65 -39.46 36.51
CA GLN A 150 23.83 -40.36 35.69
C GLN A 150 23.03 -41.25 36.63
N ILE A 151 21.77 -40.86 36.85
CA ILE A 151 20.86 -41.62 37.71
C ILE A 151 20.15 -42.67 36.86
N GLU A 152 19.51 -43.62 37.52
CA GLU A 152 18.78 -44.65 36.80
C GLU A 152 17.40 -44.12 36.36
N SER A 153 16.76 -44.87 35.47
CA SER A 153 15.58 -44.37 34.77
C SER A 153 14.36 -44.29 35.68
N ASN A 154 14.13 -45.33 36.49
CA ASN A 154 12.91 -45.38 37.30
C ASN A 154 12.88 -44.27 38.34
N THR A 155 14.01 -44.04 39.01
CA THR A 155 14.09 -42.94 39.97
C THR A 155 13.92 -41.58 39.28
N ALA A 156 14.47 -41.43 38.08
CA ALA A 156 14.32 -40.19 37.34
C ALA A 156 12.85 -39.94 37.00
N HIS A 157 12.14 -40.97 36.53
CA HIS A 157 10.72 -40.81 36.23
C HIS A 157 9.92 -40.52 37.49
N SER A 158 10.26 -41.16 38.61
CA SER A 158 9.55 -40.91 39.86
C SER A 158 9.74 -39.47 40.33
N ILE A 159 10.97 -38.97 40.29
CA ILE A 159 11.22 -37.60 40.75
C ILE A 159 10.62 -36.59 39.77
N LEU A 160 10.61 -36.90 38.47
CA LEU A 160 9.95 -36.00 37.52
C LEU A 160 8.46 -35.93 37.77
N ALA A 161 7.81 -37.08 38.04
CA ALA A 161 6.39 -37.07 38.35
C ALA A 161 6.11 -36.34 39.65
N SER A 162 6.95 -36.53 40.65
CA SER A 162 6.78 -35.84 41.93
C SER A 162 6.93 -34.32 41.76
N LEU A 163 7.91 -33.90 40.97
CA LEU A 163 8.12 -32.48 40.75
C LEU A 163 6.98 -31.86 39.94
N TYR A 164 6.45 -32.60 38.96
CA TYR A 164 5.35 -32.06 38.15
C TYR A 164 4.07 -31.98 38.97
N ASN A 165 3.80 -33.00 39.80
CA ASN A 165 2.56 -33.00 40.58
C ASN A 165 2.56 -31.97 41.69
N ASN A 166 3.74 -31.57 42.19
CA ASN A 166 3.81 -30.57 43.24
C ASN A 166 3.72 -29.14 42.71
N ALA A 167 3.74 -28.95 41.39
CA ALA A 167 3.58 -27.62 40.83
C ALA A 167 2.15 -27.13 41.00
N ASP A 168 2.01 -25.81 41.14
CA ASP A 168 0.68 -25.24 41.32
C ASP A 168 -0.13 -25.24 40.03
N ASP A 169 0.54 -25.32 38.88
CA ASP A 169 -0.13 -25.40 37.59
C ASP A 169 -0.06 -26.83 37.08
N SER A 170 -1.22 -27.44 36.87
CA SER A 170 -1.29 -28.81 36.40
C SER A 170 -2.59 -29.02 35.64
N ASP A 171 -2.58 -29.99 34.72
CA ASP A 171 -3.76 -30.34 33.93
C ASP A 171 -4.29 -31.73 34.26
N ALA A 172 -4.02 -32.20 35.49
CA ALA A 172 -4.47 -33.50 36.01
C ALA A 172 -3.97 -34.68 35.19
N THR A 173 -2.91 -34.51 34.41
CA THR A 173 -2.33 -35.60 33.64
C THR A 173 -0.88 -35.26 33.33
N TYR A 174 -0.08 -36.31 33.11
CA TYR A 174 1.34 -36.09 32.82
C TYR A 174 1.56 -35.84 31.33
N LYS A 175 0.93 -36.65 30.47
CA LYS A 175 1.01 -36.54 29.01
C LYS A 175 2.47 -36.63 28.55
N ILE A 176 3.03 -37.84 28.72
CA ILE A 176 4.43 -38.09 28.41
C ILE A 176 4.71 -37.80 26.94
N ASN A 177 3.79 -38.18 26.06
CA ASN A 177 3.99 -37.96 24.63
C ASN A 177 3.89 -36.48 24.26
N ALA A 178 3.24 -35.68 25.10
CA ALA A 178 3.03 -34.27 24.78
C ALA A 178 4.06 -33.38 25.47
N TYR A 179 4.00 -32.09 25.15
CA TYR A 179 4.88 -31.09 25.73
C TYR A 179 4.17 -30.39 26.88
N GLN A 180 4.88 -30.19 27.98
CA GLN A 180 4.30 -29.60 29.18
C GLN A 180 5.14 -28.43 29.66
N ALA A 181 4.47 -27.47 30.29
CA ALA A 181 5.15 -26.34 30.92
C ALA A 181 4.41 -26.01 32.21
N ALA A 182 5.16 -25.67 33.25
CA ALA A 182 4.56 -25.37 34.54
C ALA A 182 5.48 -24.43 35.32
N ARG A 183 4.94 -23.89 36.41
CA ARG A 183 5.68 -22.99 37.28
C ARG A 183 5.48 -23.40 38.73
N ILE A 184 6.51 -23.21 39.54
CA ILE A 184 6.45 -23.44 40.98
C ILE A 184 6.75 -22.12 41.66
N VAL A 185 5.81 -21.65 42.48
CA VAL A 185 5.90 -20.34 43.11
C VAL A 185 6.06 -20.51 44.62
N ALA A 186 6.46 -19.43 45.28
CA ALA A 186 6.63 -19.42 46.72
C ALA A 186 5.28 -19.47 47.42
N SER A 187 5.32 -19.85 48.70
CA SER A 187 4.20 -19.96 49.63
C SER A 187 3.24 -21.10 49.28
N LYS A 188 3.47 -21.82 48.18
CA LYS A 188 2.68 -23.00 47.83
C LYS A 188 3.66 -24.05 47.29
N SER A 189 4.22 -24.84 48.20
CA SER A 189 5.22 -25.83 47.82
C SER A 189 5.32 -26.85 48.95
N ARG A 190 5.12 -28.12 48.64
CA ARG A 190 5.24 -29.19 49.62
C ARG A 190 6.59 -29.90 49.56
N LEU A 191 7.52 -29.41 48.76
CA LEU A 191 8.82 -30.05 48.59
C LEU A 191 9.96 -29.32 49.32
N ALA A 192 9.64 -28.45 50.27
CA ALA A 192 10.62 -27.70 51.07
C ALA A 192 11.54 -26.87 50.17
N LEU A 193 10.91 -25.90 49.51
CA LEU A 193 11.63 -25.04 48.58
C LEU A 193 12.68 -24.22 49.32
N PRO A 194 13.90 -24.09 48.78
CA PRO A 194 14.92 -23.30 49.46
C PRO A 194 14.55 -21.82 49.47
N PRO A 195 14.98 -21.08 50.48
CA PRO A 195 14.64 -19.64 50.55
C PRO A 195 15.33 -18.79 49.51
N VAL A 196 16.36 -19.31 48.83
CA VAL A 196 17.12 -18.48 47.89
C VAL A 196 16.46 -18.41 46.51
N ILE A 197 15.26 -18.98 46.37
CA ILE A 197 14.51 -18.91 45.12
C ILE A 197 13.07 -18.54 45.43
N GLN A 198 12.50 -17.67 44.59
CA GLN A 198 11.10 -17.30 44.73
C GLN A 198 10.20 -18.21 43.89
N ALA A 199 10.43 -18.24 42.58
CA ALA A 199 9.64 -19.07 41.68
C ALA A 199 10.53 -19.55 40.55
N VAL A 200 10.20 -20.72 40.01
CA VAL A 200 10.92 -21.32 38.90
C VAL A 200 9.90 -21.77 37.85
N ARG A 201 10.39 -21.93 36.62
CA ARG A 201 9.60 -22.48 35.53
C ARG A 201 10.27 -23.74 35.02
N LEU A 202 9.46 -24.77 34.78
CA LEU A 202 9.97 -26.08 34.37
C LEU A 202 9.20 -26.56 33.16
N GLN A 203 9.92 -27.00 32.14
CA GLN A 203 9.34 -27.46 30.88
C GLN A 203 9.72 -28.93 30.66
N PHE A 204 8.73 -29.74 30.34
CA PHE A 204 8.90 -31.16 30.04
C PHE A 204 8.73 -31.36 28.54
N ASN A 205 9.71 -32.04 27.94
CA ASN A 205 9.72 -32.28 26.50
C ASN A 205 9.99 -33.76 26.25
N PRO A 206 9.16 -34.44 25.47
CA PRO A 206 9.42 -35.85 25.15
C PRO A 206 10.63 -35.98 24.22
N LEU A 207 11.31 -37.13 24.34
CA LEU A 207 12.49 -37.40 23.54
C LEU A 207 12.59 -38.89 23.26
N GLY A 208 12.76 -39.25 21.99
CA GLY A 208 12.88 -40.65 21.62
C GLY A 208 11.62 -41.43 21.92
N GLN A 209 11.80 -42.60 22.51
CA GLN A 209 10.69 -43.48 22.87
C GLN A 209 10.67 -43.60 24.40
N GLY A 210 9.69 -42.97 25.03
CA GLY A 210 9.56 -42.99 26.47
C GLY A 210 10.68 -42.28 27.21
N GLY A 211 11.18 -41.18 26.68
CA GLY A 211 12.23 -40.40 27.33
C GLY A 211 11.74 -38.99 27.60
N ARG A 212 12.38 -38.34 28.56
CA ARG A 212 11.97 -37.02 29.01
C ARG A 212 13.13 -36.03 28.89
N TYR A 213 12.79 -34.75 28.80
CA TYR A 213 13.78 -33.68 28.71
C TYR A 213 13.27 -32.52 29.55
N LEU A 214 13.70 -32.47 30.81
CA LEU A 214 13.29 -31.42 31.73
C LEU A 214 14.28 -30.26 31.67
N ILE A 215 13.74 -29.05 31.49
CA ILE A 215 14.55 -27.84 31.47
C ILE A 215 13.99 -26.88 32.52
N ALA A 216 14.85 -26.39 33.40
CA ALA A 216 14.48 -25.45 34.45
C ALA A 216 15.34 -24.20 34.35
N ARG A 217 14.70 -23.04 34.48
CA ARG A 217 15.38 -21.76 34.32
C ARG A 217 15.97 -21.24 35.62
N PHE A 218 15.41 -21.66 36.77
CA PHE A 218 15.99 -21.43 38.09
C PHE A 218 16.19 -19.95 38.41
N LEU A 219 15.09 -19.21 38.52
CA LEU A 219 15.17 -17.80 38.87
C LEU A 219 15.62 -17.63 40.31
N TYR A 220 16.59 -16.75 40.52
CA TYR A 220 17.19 -16.50 41.83
C TYR A 220 16.61 -15.23 42.46
N THR A 221 17.12 -14.91 43.64
CA THR A 221 16.75 -13.66 44.31
C THR A 221 17.57 -12.49 43.76
N ASP A 222 18.88 -12.55 43.90
CA ASP A 222 19.75 -11.48 43.43
C ASP A 222 20.49 -11.90 42.16
N ASP A 231 31.48 -1.67 43.37
CA ASP A 231 30.12 -1.83 43.90
C ASP A 231 29.11 -0.73 43.46
N PRO A 232 29.47 0.57 43.48
CA PRO A 232 28.52 1.55 42.96
C PRO A 232 28.37 1.50 41.44
N THR A 233 29.47 1.37 40.72
CA THR A 233 29.43 1.34 39.26
C THR A 233 30.69 0.68 38.74
N ARG A 234 30.72 0.46 37.43
CA ARG A 234 31.86 -0.08 36.69
C ARG A 234 32.26 -1.46 37.22
N PHE A 235 31.31 -2.40 37.09
CA PHE A 235 31.59 -3.79 37.43
C PHE A 235 32.61 -4.39 36.46
N GLY A 236 32.36 -4.25 35.17
CA GLY A 236 33.28 -4.71 34.16
C GLY A 236 33.35 -3.78 32.96
N PHE A 237 32.62 -2.67 33.04
CA PHE A 237 32.56 -1.72 31.95
C PHE A 237 33.87 -0.94 31.83
N HIS A 238 34.12 -0.41 30.64
CA HIS A 238 35.26 0.46 30.41
C HIS A 238 35.01 1.82 31.05
N HIS A 239 36.10 2.57 31.26
CA HIS A 239 35.96 3.91 31.84
C HIS A 239 35.22 4.85 30.90
N SER A 240 35.36 4.66 29.58
CA SER A 240 34.58 5.43 28.62
C SER A 240 33.09 5.14 28.77
N HIS A 241 32.73 3.88 29.06
CA HIS A 241 31.33 3.54 29.31
C HIS A 241 30.80 4.26 30.55
N ALA A 242 31.62 4.34 31.61
CA ALA A 242 31.21 5.06 32.80
C ALA A 242 31.07 6.56 32.54
N GLU A 243 31.97 7.14 31.73
CA GLU A 243 31.84 8.54 31.38
C GLU A 243 30.60 8.80 30.54
N SER A 244 30.27 7.90 29.62
CA SER A 244 29.06 8.05 28.81
C SER A 244 27.81 7.91 29.67
N PHE A 245 27.82 7.00 30.65
CA PHE A 245 26.66 6.83 31.53
C PHE A 245 26.41 8.07 32.37
N SER A 246 27.45 8.78 32.77
CA SER A 246 27.28 10.01 33.53
C SER A 246 26.54 11.07 32.72
N ARG A 247 26.90 11.22 31.44
CA ARG A 247 26.18 12.14 30.57
C ARG A 247 24.76 11.64 30.28
N MET A 248 24.59 10.32 30.19
CA MET A 248 23.28 9.77 29.87
C MET A 248 22.29 9.95 31.01
N ARG A 249 22.77 9.85 32.25
CA ARG A 249 21.89 9.97 33.41
C ARG A 249 21.40 11.40 33.65
N ASN A 250 22.09 12.40 33.10
CA ASN A 250 21.70 13.79 33.32
C ASN A 250 20.62 14.27 32.38
N LEU A 251 20.29 13.51 31.35
CA LEU A 251 19.26 13.93 30.41
C LEU A 251 17.88 13.66 31.01
N PRO A 252 17.00 14.67 31.09
CA PRO A 252 15.70 14.44 31.74
C PRO A 252 14.74 13.61 30.91
N ILE A 253 14.90 13.56 29.59
CA ILE A 253 13.99 12.84 28.72
C ILE A 253 14.81 11.96 27.79
N GLY A 254 14.16 10.92 27.28
CA GLY A 254 14.77 10.06 26.30
C GLY A 254 14.43 8.61 26.54
N ILE A 255 14.94 7.76 25.66
CA ILE A 255 14.77 6.32 25.74
C ILE A 255 16.12 5.65 25.54
N ASN A 256 16.45 4.70 26.42
CA ASN A 256 17.68 3.93 26.35
C ASN A 256 17.34 2.46 26.21
N ILE A 257 18.17 1.72 25.50
CA ILE A 257 17.95 0.31 25.21
C ILE A 257 19.15 -0.48 25.72
N ILE A 258 18.87 -1.57 26.44
CA ILE A 258 19.88 -2.53 26.86
C ILE A 258 19.65 -3.81 26.07
N SER A 259 20.67 -4.26 25.35
CA SER A 259 20.53 -5.39 24.43
C SER A 259 21.56 -6.47 24.76
N GLY A 260 21.16 -7.71 24.51
CA GLY A 260 22.03 -8.85 24.72
C GLY A 260 21.26 -10.15 24.71
N PRO A 261 21.98 -11.27 24.81
CA PRO A 261 21.31 -12.58 24.89
C PRO A 261 20.62 -12.80 26.22
N THR A 262 20.08 -14.00 26.42
CA THR A 262 19.34 -14.31 27.64
C THR A 262 20.22 -14.23 28.88
N GLY A 263 21.45 -14.71 28.81
CA GLY A 263 22.35 -14.68 29.95
C GLY A 263 23.31 -13.51 29.90
N SER A 264 22.84 -12.33 29.52
CA SER A 264 23.68 -11.15 29.38
C SER A 264 23.70 -10.26 30.62
N GLY A 265 22.94 -10.60 31.65
CA GLY A 265 22.92 -9.79 32.87
C GLY A 265 22.34 -8.40 32.69
N LYS A 266 21.21 -8.31 31.98
CA LYS A 266 20.59 -7.01 31.74
C LYS A 266 19.95 -6.46 33.02
N SER A 267 19.30 -7.33 33.79
CA SER A 267 18.61 -6.89 35.00
C SER A 267 19.59 -6.36 36.04
N THR A 268 20.77 -6.96 36.17
CA THR A 268 21.78 -6.46 37.09
C THR A 268 22.24 -5.06 36.70
N THR A 269 22.47 -4.84 35.41
CA THR A 269 22.87 -3.51 34.94
C THR A 269 21.76 -2.48 35.17
N LEU A 270 20.51 -2.86 34.92
CA LEU A 270 19.40 -1.95 35.17
C LEU A 270 19.26 -1.60 36.65
N LYS A 271 19.41 -2.60 37.52
CA LYS A 271 19.33 -2.35 38.96
C LYS A 271 20.50 -1.50 39.44
N ASN A 272 21.68 -1.67 38.84
CA ASN A 272 22.82 -0.84 39.21
C ASN A 272 22.63 0.60 38.76
N LEU A 273 22.06 0.80 37.57
CA LEU A 273 21.81 2.16 37.09
C LEU A 273 20.68 2.84 37.86
N LEU A 274 19.70 2.05 38.33
CA LEU A 274 18.59 2.62 39.10
C LEU A 274 19.07 3.23 40.41
N GLU A 275 20.02 2.58 41.08
CA GLU A 275 20.56 3.13 42.31
C GLU A 275 21.30 4.43 42.08
N LEU A 276 22.09 4.50 41.01
CA LEU A 276 22.78 5.75 40.66
C LEU A 276 21.79 6.86 40.33
N LEU A 277 20.74 6.55 39.58
CA LEU A 277 19.71 7.56 39.29
C LEU A 277 19.01 8.02 40.57
N TYR A 278 18.72 7.10 41.49
CA TYR A 278 18.08 7.46 42.75
C TYR A 278 18.97 8.35 43.60
N ILE A 279 20.27 8.03 43.68
CA ILE A 279 21.18 8.80 44.51
C ILE A 279 21.45 10.17 43.90
N GLU A 280 21.71 10.24 42.60
CA GLU A 280 22.15 11.49 41.99
C GLU A 280 21.04 12.54 41.93
N LYS A 281 19.79 12.12 41.74
CA LYS A 281 18.71 13.07 41.60
C LYS A 281 18.30 13.73 42.91
N LYS A 282 18.78 13.21 44.05
CA LYS A 282 18.52 13.79 45.37
C LYS A 282 17.02 13.89 45.67
N LYS A 283 16.28 12.86 45.27
CA LYS A 283 14.84 12.73 45.50
C LYS A 283 14.03 13.86 44.87
N LYS A 284 14.54 14.44 43.78
CA LYS A 284 13.80 15.48 43.07
C LYS A 284 12.90 14.93 41.99
N VAL A 285 12.97 13.63 41.70
CA VAL A 285 12.11 12.98 40.72
C VAL A 285 11.48 11.75 41.37
N ASN A 286 10.41 11.27 40.74
CA ASN A 286 9.70 10.08 41.20
C ASN A 286 10.24 8.87 40.46
N ILE A 287 10.66 7.84 41.21
CA ILE A 287 11.23 6.63 40.63
C ILE A 287 10.20 5.53 40.82
N ILE A 288 9.60 5.08 39.71
CA ILE A 288 8.68 3.96 39.71
C ILE A 288 9.23 2.90 38.77
N SER A 289 9.20 1.64 39.22
CA SER A 289 9.69 0.52 38.43
C SER A 289 8.64 -0.58 38.44
N ILE A 290 8.48 -1.25 37.30
CA ILE A 290 7.50 -2.32 37.15
C ILE A 290 8.26 -3.59 36.77
N GLU A 291 8.06 -4.65 37.55
CA GLU A 291 8.70 -5.94 37.27
C GLU A 291 7.90 -7.01 38.01
N ASP A 292 7.27 -7.89 37.25
CA ASP A 292 6.45 -8.95 37.86
C ASP A 292 7.25 -9.91 38.75
N PRO A 293 8.41 -10.44 38.35
CA PRO A 293 9.20 -11.24 39.31
C PRO A 293 10.10 -10.35 40.14
N PRO A 294 9.96 -10.38 41.46
CA PRO A 294 10.85 -9.58 42.33
C PRO A 294 12.28 -10.07 42.24
N GLU A 295 13.22 -9.15 42.38
CA GLU A 295 14.65 -9.45 42.27
C GLU A 295 15.37 -8.85 43.48
N TYR A 296 15.43 -9.63 44.56
CA TYR A 296 16.14 -9.30 45.82
C TYR A 296 15.56 -7.98 46.34
N GLU A 297 16.40 -7.08 46.85
CA GLU A 297 15.96 -5.76 47.32
C GLU A 297 16.38 -4.70 46.31
N ILE A 298 15.52 -3.71 46.11
CA ILE A 298 15.80 -2.64 45.16
C ILE A 298 15.61 -1.28 45.83
N THR A 301 13.03 4.00 45.96
CA THR A 301 12.45 3.60 44.69
C THR A 301 11.21 2.73 44.89
N ALA A 302 10.33 2.70 43.88
CA ALA A 302 9.11 1.93 43.96
C ALA A 302 9.17 0.76 42.97
N GLN A 303 8.79 -0.42 43.44
CA GLN A 303 8.77 -1.62 42.61
C GLN A 303 7.35 -2.11 42.46
N LEU A 304 6.94 -2.40 41.22
CA LEU A 304 5.59 -2.85 40.93
C LEU A 304 5.62 -4.25 40.32
N PRO A 305 4.72 -5.14 40.76
CA PRO A 305 4.64 -6.51 40.24
C PRO A 305 3.99 -6.57 38.86
N THR A 311 -2.07 -18.24 33.24
CA THR A 311 -1.57 -18.58 31.91
C THR A 311 -0.76 -17.42 31.32
N GLU A 312 -0.25 -17.64 30.10
CA GLU A 312 0.52 -16.60 29.43
C GLU A 312 -0.35 -15.40 29.08
N ALA A 313 -1.59 -15.65 28.65
CA ALA A 313 -2.50 -14.56 28.32
C ALA A 313 -2.86 -13.73 29.54
N GLN A 314 -3.07 -14.38 30.70
CA GLN A 314 -3.35 -13.65 31.92
C GLN A 314 -2.18 -12.79 32.35
N ARG A 315 -0.95 -13.33 32.23
CA ARG A 315 0.24 -12.55 32.56
C ARG A 315 0.41 -11.37 31.62
N GLY A 316 0.16 -11.58 30.32
CA GLY A 316 0.21 -10.47 29.38
C GLY A 316 -0.82 -9.41 29.65
N GLU A 317 -2.05 -9.81 30.00
CA GLU A 317 -3.07 -8.84 30.35
C GLU A 317 -2.73 -8.08 31.62
N GLU A 318 -2.15 -8.76 32.62
CA GLU A 318 -1.73 -8.07 33.83
C GLU A 318 -0.61 -7.08 33.54
N TYR A 319 0.34 -7.46 32.69
CA TYR A 319 1.41 -6.54 32.29
C TYR A 319 0.86 -5.34 31.54
N ARG A 320 -0.12 -5.57 30.65
CA ARG A 320 -0.76 -4.48 29.94
C ARG A 320 -1.47 -3.53 30.89
N LYS A 321 -2.20 -4.07 31.87
CA LYS A 321 -2.88 -3.24 32.86
C LYS A 321 -1.88 -2.45 33.71
N ALA A 322 -0.77 -3.08 34.10
CA ALA A 322 0.25 -2.38 34.87
C ALA A 322 0.90 -1.25 34.08
N ILE A 323 1.20 -1.50 32.80
CA ILE A 323 1.88 -0.47 32.02
C ILE A 323 0.92 0.64 31.62
N THR A 324 -0.39 0.35 31.52
CA THR A 324 -1.33 1.40 31.22
C THR A 324 -1.80 2.13 32.47
N ALA A 325 -1.57 1.57 33.66
CA ALA A 325 -1.86 2.28 34.90
C ALA A 325 -0.65 3.03 35.44
N ALA A 326 0.55 2.67 35.01
CA ALA A 326 1.75 3.40 35.44
C ALA A 326 1.77 4.82 34.89
N LEU A 327 1.31 5.01 33.65
CA LEU A 327 1.28 6.33 33.06
C LEU A 327 0.21 7.23 33.65
N ARG A 328 -0.76 6.66 34.39
CA ARG A 328 -1.75 7.48 35.07
C ARG A 328 -1.08 8.36 36.13
N SER A 329 -0.14 7.80 36.88
CA SER A 329 0.65 8.60 37.81
C SER A 329 1.75 9.34 37.06
N ASP A 330 2.35 10.31 37.73
CA ASP A 330 3.48 11.04 37.16
C ASP A 330 4.70 10.13 37.12
N PRO A 331 5.16 9.71 35.93
CA PRO A 331 6.17 8.65 35.88
C PRO A 331 7.60 9.13 36.13
N ASP A 332 7.94 10.33 35.63
CA ASP A 332 9.31 10.85 35.63
C ASP A 332 10.27 9.84 35.01
N ILE A 333 10.64 8.82 35.78
CA ILE A 333 11.40 7.67 35.28
C ILE A 333 10.50 6.46 35.40
N ILE A 334 10.20 5.83 34.26
CA ILE A 334 9.17 4.78 34.23
C ILE A 334 9.72 3.39 34.51
N MET A 335 10.99 3.10 34.17
CA MET A 335 11.71 1.86 34.43
C MET A 335 10.91 0.59 34.12
N PRO A 336 10.63 0.29 32.85
CA PRO A 336 9.96 -0.97 32.52
C PRO A 336 10.94 -2.12 32.41
N GLY A 337 10.41 -3.27 32.02
CA GLY A 337 11.24 -4.45 31.83
C GLY A 337 10.66 -5.45 30.85
N GLU A 338 11.53 -6.01 30.01
CA GLU A 338 11.19 -7.08 29.06
C GLU A 338 10.08 -6.65 28.11
N ALA A 339 10.42 -5.66 27.28
CA ALA A 339 9.50 -5.15 26.26
C ALA A 339 9.40 -6.21 25.17
N ARG A 340 8.35 -7.04 25.27
CA ARG A 340 8.22 -8.20 24.39
C ARG A 340 7.12 -8.04 23.35
N ASP A 341 6.11 -7.20 23.60
CA ASP A 341 4.98 -7.08 22.71
C ASP A 341 5.09 -5.82 21.86
N ALA A 342 4.60 -5.92 20.62
CA ALA A 342 4.63 -4.77 19.71
C ALA A 342 3.74 -3.64 20.20
N GLU A 343 2.55 -3.95 20.71
CA GLU A 343 1.67 -2.90 21.21
C GLU A 343 2.23 -2.27 22.49
N VAL A 344 2.89 -3.06 23.33
CA VAL A 344 3.48 -2.53 24.56
C VAL A 344 4.58 -1.53 24.23
N ILE A 345 5.48 -1.88 23.31
CA ILE A 345 6.56 -0.97 22.95
C ILE A 345 6.03 0.21 22.15
N ASN A 346 4.95 0.01 21.38
CA ASN A 346 4.32 1.13 20.68
C ASN A 346 3.75 2.15 21.66
N LEU A 347 3.08 1.68 22.71
CA LEU A 347 2.62 2.56 23.77
C LEU A 347 3.78 3.19 24.54
N LEU A 348 4.87 2.44 24.74
CA LEU A 348 6.04 2.96 25.44
C LEU A 348 6.69 4.10 24.68
N PHE A 349 6.77 3.99 23.34
CA PHE A 349 7.37 5.03 22.54
C PHE A 349 6.58 6.35 22.59
N THR A 350 5.26 6.28 22.79
CA THR A 350 4.49 7.50 22.96
C THR A 350 4.87 8.22 24.25
N ALA A 351 4.99 7.48 25.36
CA ALA A 351 5.42 8.08 26.61
C ALA A 351 6.88 8.52 26.56
N ALA A 352 7.69 7.90 25.70
CA ALA A 352 9.08 8.32 25.55
C ALA A 352 9.18 9.74 24.99
N MET A 353 8.34 10.06 24.01
CA MET A 353 8.34 11.39 23.40
C MET A 353 7.35 12.34 24.06
N THR A 354 6.54 11.85 25.00
CA THR A 354 5.64 12.74 25.74
C THR A 354 6.41 13.66 26.67
N GLY A 355 7.60 13.26 27.10
CA GLY A 355 8.37 14.06 28.02
C GLY A 355 8.86 13.28 29.23
N HIS A 356 8.90 11.96 29.11
CA HIS A 356 9.38 11.07 30.17
C HIS A 356 10.73 10.49 29.77
N GLN A 357 11.29 9.68 30.66
CA GLN A 357 12.53 8.97 30.41
C GLN A 357 12.30 7.48 30.67
N VAL A 358 12.73 6.64 29.72
CA VAL A 358 12.45 5.22 29.73
C VAL A 358 13.76 4.45 29.72
N TRP A 359 13.87 3.46 30.60
CA TRP A 359 15.01 2.55 30.65
C TRP A 359 14.49 1.13 30.50
N THR A 360 14.53 0.60 29.28
CA THR A 360 14.03 -0.74 29.00
C THR A 360 15.13 -1.59 28.39
N SER A 361 14.90 -2.90 28.41
CA SER A 361 15.85 -3.87 27.89
C SER A 361 15.12 -4.88 27.01
N LEU A 362 15.81 -5.32 25.95
CA LEU A 362 15.28 -6.32 25.03
C LEU A 362 16.43 -7.20 24.55
N HIS A 363 16.10 -8.17 23.70
CA HIS A 363 17.07 -9.12 23.19
C HIS A 363 17.50 -8.70 21.80
N ALA A 364 18.80 -8.43 21.63
CA ALA A 364 19.38 -8.04 20.35
C ALA A 364 20.88 -8.29 20.42
N ASN A 365 21.60 -7.81 19.40
CA ASN A 365 23.04 -7.99 19.34
C ASN A 365 23.64 -6.92 18.45
N ASN A 366 24.96 -6.73 18.59
CA ASN A 366 25.82 -5.86 17.79
C ASN A 366 25.50 -4.37 17.96
N ALA A 367 24.54 -4.01 18.82
CA ALA A 367 24.17 -2.63 19.15
C ALA A 367 23.63 -1.84 17.95
N LEU A 368 23.46 -2.48 16.79
CA LEU A 368 22.88 -1.83 15.62
C LEU A 368 21.68 -2.59 15.05
N ALA A 369 21.55 -3.88 15.35
CA ALA A 369 20.38 -4.65 14.94
C ALA A 369 19.16 -4.36 15.83
N ILE A 370 19.32 -3.52 16.85
CA ILE A 370 18.19 -3.14 17.70
C ILE A 370 17.15 -2.41 16.88
N PHE A 371 17.59 -1.52 15.97
CA PHE A 371 16.65 -0.80 15.12
C PHE A 371 15.91 -1.74 14.19
N ASP A 372 16.56 -2.82 13.76
CA ASP A 372 15.88 -3.84 12.98
C ASP A 372 14.79 -4.53 13.80
N ARG A 373 15.07 -4.79 15.07
CA ARG A 373 14.03 -5.33 15.96
C ARG A 373 12.88 -4.36 16.12
N LEU A 374 13.18 -3.07 16.27
CA LEU A 374 12.13 -2.06 16.40
C LEU A 374 11.27 -1.99 15.14
N LYS A 375 11.90 -2.04 13.97
CA LYS A 375 11.15 -2.05 12.72
C LYS A 375 10.33 -3.33 12.55
N ASP A 376 10.84 -4.46 13.04
CA ASP A 376 10.05 -5.69 13.04
C ASP A 376 8.84 -5.56 13.95
N GLN A 377 8.98 -4.88 15.09
CA GLN A 377 7.85 -4.66 15.97
C GLN A 377 6.86 -3.67 15.38
N GLY A 378 7.30 -2.85 14.43
CA GLY A 378 6.39 -1.93 13.77
C GLY A 378 6.33 -0.56 14.41
N VAL A 379 7.49 0.08 14.60
CA VAL A 379 7.53 1.41 15.21
C VAL A 379 7.64 2.53 14.19
N ASP A 380 7.62 2.20 12.89
CA ASP A 380 7.69 3.14 11.77
C ASP A 380 9.02 3.88 11.69
N GLU A 381 9.31 4.47 10.53
CA GLU A 381 10.60 5.10 10.30
C GLU A 381 10.72 6.48 10.95
N PHE A 382 9.63 7.23 11.06
CA PHE A 382 9.72 8.60 11.53
C PHE A 382 9.99 8.69 13.03
N LYS A 383 9.53 7.71 13.81
CA LYS A 383 9.76 7.73 15.26
C LYS A 383 11.22 7.52 15.63
N LEU A 384 11.98 6.78 14.82
CA LEU A 384 13.37 6.49 15.12
C LEU A 384 14.33 7.48 14.49
N THR A 385 13.83 8.49 13.78
CA THR A 385 14.72 9.46 13.15
C THR A 385 15.12 10.59 14.10
N ASP A 386 14.50 10.66 15.27
CA ASP A 386 14.77 11.74 16.21
C ASP A 386 16.06 11.48 16.97
N PRO A 387 17.05 12.36 16.89
CA PRO A 387 18.24 12.19 17.74
C PRO A 387 17.97 12.53 19.20
N GLU A 388 16.97 13.37 19.47
CA GLU A 388 16.66 13.75 20.84
C GLU A 388 15.92 12.64 21.57
N LEU A 389 15.14 11.84 20.84
CA LEU A 389 14.36 10.77 21.48
C LEU A 389 15.28 9.66 21.99
N ILE A 390 16.00 9.00 21.09
CA ILE A 390 16.98 8.00 21.49
C ILE A 390 18.11 8.68 22.24
N THR A 391 18.50 8.10 23.37
CA THR A 391 19.58 8.68 24.17
C THR A 391 20.82 7.81 24.29
N GLY A 392 20.72 6.52 23.96
CA GLY A 392 21.87 5.66 24.01
C GLY A 392 21.55 4.19 23.81
N LEU A 393 22.47 3.45 23.18
CA LEU A 393 22.32 2.02 22.98
C LEU A 393 23.45 1.31 23.70
N VAL A 394 23.12 0.25 24.44
CA VAL A 394 24.12 -0.51 25.18
C VAL A 394 23.95 -1.99 24.85
N ALA A 395 25.03 -2.62 24.39
CA ALA A 395 25.05 -4.05 24.11
C ALA A 395 26.13 -4.70 24.95
N GLN A 396 25.74 -5.70 25.76
CA GLN A 396 26.66 -6.33 26.69
C GLN A 396 26.56 -7.84 26.60
N ARG A 397 27.70 -8.49 26.80
CA ARG A 397 27.81 -9.94 26.88
C ARG A 397 28.56 -10.30 28.16
N LEU A 398 28.38 -11.53 28.60
CA LEU A 398 29.04 -12.02 29.82
C LEU A 398 30.03 -13.11 29.47
N VAL A 399 31.28 -12.94 29.91
CA VAL A 399 32.34 -13.92 29.63
C VAL A 399 33.04 -14.26 30.93
N ARG A 400 33.53 -15.50 31.00
CA ARG A 400 34.21 -15.98 32.20
C ARG A 400 35.52 -15.23 32.41
N LYS A 401 35.79 -14.89 33.67
CA LYS A 401 36.98 -14.12 34.03
C LYS A 401 38.00 -15.02 34.71
N LEU A 402 39.25 -14.95 34.25
CA LEU A 402 40.30 -15.78 34.80
C LEU A 402 40.68 -15.34 36.21
N CYS A 403 41.11 -16.31 37.02
CA CYS A 403 41.58 -16.01 38.36
C CYS A 403 42.92 -15.30 38.30
N ALA A 404 43.05 -14.21 39.07
CA ALA A 404 44.30 -13.48 39.10
C ALA A 404 45.40 -14.26 39.82
N GLN A 405 45.04 -14.96 40.89
CA GLN A 405 46.03 -15.77 41.61
C GLN A 405 46.43 -17.01 40.84
N CYS A 406 45.48 -17.70 40.22
CA CYS A 406 45.75 -18.93 39.48
C CYS A 406 45.78 -18.58 37.99
N SER A 407 46.94 -18.13 37.52
CA SER A 407 47.13 -17.77 36.13
C SER A 407 48.48 -18.27 35.66
N ILE A 408 48.56 -18.62 34.37
CA ILE A 408 49.80 -19.08 33.76
C ILE A 408 50.02 -18.31 32.47
N THR A 409 51.28 -18.24 32.05
CA THR A 409 51.63 -17.54 30.82
C THR A 409 51.48 -18.46 29.61
N LEU A 410 51.86 -17.94 28.44
CA LEU A 410 51.76 -18.73 27.22
C LEU A 410 52.74 -19.92 27.24
N THR A 411 53.98 -19.68 27.69
CA THR A 411 54.97 -20.74 27.74
C THR A 411 54.57 -21.84 28.72
N GLU A 412 54.07 -21.44 29.90
CA GLU A 412 53.61 -22.43 30.88
C GLU A 412 52.39 -23.19 30.38
N TYR A 413 51.55 -22.54 29.58
CA TYR A 413 50.38 -23.24 29.03
C TYR A 413 50.78 -24.24 27.96
N ILE A 414 51.67 -23.85 27.04
CA ILE A 414 52.09 -24.76 25.99
C ILE A 414 53.05 -25.82 26.49
N ALA A 415 53.63 -25.63 27.68
CA ALA A 415 54.52 -26.64 28.23
C ALA A 415 53.77 -27.88 28.69
N SER A 416 52.47 -27.74 28.98
CA SER A 416 51.65 -28.85 29.47
C SER A 416 50.37 -28.92 28.64
N GLY A 417 50.43 -29.61 27.50
CA GLY A 417 49.26 -29.83 26.67
C GLY A 417 48.63 -28.58 26.11
N GLY A 418 49.43 -27.63 25.64
CA GLY A 418 48.90 -26.38 25.13
C GLY A 418 48.46 -26.50 23.69
N GLY A 419 47.17 -26.27 23.42
CA GLY A 419 46.67 -26.28 22.07
C GLY A 419 46.03 -24.96 21.69
N ILE A 420 46.65 -24.25 20.74
CA ILE A 420 46.18 -22.95 20.30
C ILE A 420 46.03 -22.98 18.78
N SER A 421 44.87 -22.53 18.29
CA SER A 421 44.59 -22.54 16.87
C SER A 421 45.44 -21.49 16.14
N ASP A 422 45.55 -21.65 14.83
CA ASP A 422 46.32 -20.74 13.99
C ASP A 422 45.72 -19.33 13.97
N THR A 423 44.40 -19.22 13.90
CA THR A 423 43.76 -17.91 13.88
C THR A 423 43.92 -17.16 15.19
N ASP A 424 44.07 -17.86 16.32
CA ASP A 424 44.26 -17.22 17.61
C ASP A 424 45.62 -16.53 17.72
N ARG A 425 46.64 -17.07 17.06
CA ARG A 425 47.98 -16.48 17.14
C ARG A 425 48.04 -15.07 16.57
N LYS A 426 47.14 -14.72 15.66
CA LYS A 426 47.06 -13.35 15.18
C LYS A 426 46.59 -12.41 16.29
N ILE A 427 45.69 -12.88 17.14
CA ILE A 427 45.18 -12.05 18.23
C ILE A 427 46.27 -11.81 19.27
N ILE A 428 47.00 -12.86 19.65
CA ILE A 428 48.01 -12.73 20.69
C ILE A 428 49.35 -12.29 20.13
N SER A 429 49.41 -11.91 18.85
CA SER A 429 50.66 -11.49 18.25
C SER A 429 51.12 -10.16 18.84
N GLY A 430 52.35 -10.13 19.34
CA GLY A 430 52.95 -8.94 19.91
C GLY A 430 52.75 -8.77 21.40
N HIS A 431 51.83 -9.54 21.98
CA HIS A 431 51.51 -9.46 23.40
C HIS A 431 51.42 -10.86 24.00
N GLU A 432 52.43 -11.69 23.70
CA GLU A 432 52.42 -13.07 24.17
C GLU A 432 52.61 -13.15 25.68
N THR A 433 53.47 -12.29 26.24
CA THR A 433 53.74 -12.34 27.67
C THR A 433 52.59 -11.79 28.49
N SER A 434 51.86 -10.80 27.97
CA SER A 434 50.81 -10.16 28.74
C SER A 434 49.57 -11.04 28.86
N VAL A 435 49.38 -11.98 27.94
CA VAL A 435 48.19 -12.82 27.96
C VAL A 435 48.29 -13.84 29.09
N ARG A 436 47.15 -14.36 29.50
CA ARG A 436 47.07 -15.35 30.57
C ARG A 436 46.13 -16.49 30.16
N PHE A 437 46.33 -17.64 30.79
CA PHE A 437 45.58 -18.85 30.51
C PHE A 437 45.06 -19.45 31.81
N PRO A 438 43.98 -20.22 31.76
CA PRO A 438 43.47 -20.87 32.97
C PRO A 438 44.48 -21.83 33.57
N ASN A 439 44.51 -21.88 34.90
CA ASN A 439 45.48 -22.70 35.61
C ASN A 439 44.86 -24.06 35.92
N PRO A 440 45.43 -25.16 35.41
CA PRO A 440 44.87 -26.49 35.71
C PRO A 440 45.23 -26.99 37.09
N ARG A 441 44.89 -28.26 37.36
CA ARG A 441 45.20 -29.05 38.57
C ARG A 441 44.37 -28.67 39.79
N ALA A 442 43.53 -27.63 39.70
CA ALA A 442 42.55 -27.28 40.72
C ALA A 442 43.22 -27.02 42.07
N LYS A 443 43.98 -25.92 42.10
CA LYS A 443 44.72 -25.54 43.30
C LYS A 443 43.77 -25.10 44.41
N LYS A 444 44.36 -24.75 45.56
CA LYS A 444 43.58 -24.40 46.74
C LYS A 444 42.76 -23.13 46.52
N CYS A 445 43.32 -22.15 45.83
CA CYS A 445 42.58 -20.94 45.52
C CYS A 445 41.44 -21.22 44.55
N CYS A 446 40.39 -20.40 44.66
CA CYS A 446 39.18 -20.42 43.83
C CYS A 446 38.61 -21.83 43.65
N ARG A 447 37.95 -22.07 42.51
CA ARG A 447 37.34 -23.36 42.24
C ARG A 447 37.98 -24.07 41.05
N ASP A 448 38.01 -23.42 39.87
CA ASP A 448 38.54 -24.03 38.66
C ASP A 448 39.36 -23.03 37.84
N GLY A 449 39.88 -21.99 38.48
CA GLY A 449 40.58 -20.94 37.76
C GLY A 449 39.68 -19.83 37.24
N TYR A 450 38.37 -19.94 37.41
CA TYR A 450 37.42 -18.92 37.01
C TYR A 450 36.73 -18.39 38.25
N ASN A 451 36.77 -17.07 38.44
CA ASN A 451 36.11 -16.41 39.55
C ASN A 451 35.13 -15.38 39.01
N GLY A 452 33.84 -15.69 39.09
CA GLY A 452 32.82 -14.79 38.60
C GLY A 452 32.75 -14.76 37.08
N ARG A 453 32.00 -13.78 36.59
CA ARG A 453 31.81 -13.60 35.16
C ARG A 453 31.74 -12.11 34.87
N THR A 454 32.64 -11.63 34.03
CA THR A 454 32.74 -10.20 33.74
C THR A 454 31.94 -9.83 32.51
N ILE A 455 31.86 -8.53 32.25
CA ILE A 455 30.98 -7.97 31.22
C ILE A 455 31.83 -7.34 30.14
N LEU A 456 31.53 -7.68 28.88
CA LEU A 456 32.10 -7.02 27.71
C LEU A 456 30.98 -6.25 27.05
N ALA A 457 31.08 -4.91 27.06
CA ALA A 457 29.96 -4.09 26.65
C ALA A 457 30.44 -2.96 25.74
N GLU A 458 29.51 -2.49 24.91
CA GLU A 458 29.73 -1.34 24.06
C GLU A 458 28.52 -0.42 24.17
N VAL A 459 28.78 0.88 24.07
CA VAL A 459 27.75 1.90 24.17
C VAL A 459 27.88 2.85 22.97
N ILE A 460 26.75 3.11 22.33
CA ILE A 460 26.67 4.00 21.17
C ILE A 460 25.80 5.18 21.54
N GLU A 461 26.34 6.39 21.40
CA GLU A 461 25.59 7.62 21.60
C GLU A 461 24.95 8.01 20.27
N PRO A 462 23.62 8.14 20.21
CA PRO A 462 22.97 8.46 18.94
C PRO A 462 23.31 9.85 18.44
N ASP A 463 23.30 9.99 17.11
CA ASP A 463 23.57 11.27 16.45
C ASP A 463 22.61 11.41 15.29
N SER A 464 22.50 12.64 14.78
CA SER A 464 21.59 12.90 13.67
C SER A 464 22.05 12.20 12.39
N LYS A 465 23.32 12.35 12.02
CA LYS A 465 23.83 11.70 10.82
C LYS A 465 23.87 10.19 10.98
N LEU A 466 24.24 9.70 12.17
CA LEU A 466 24.28 8.26 12.41
C LEU A 466 22.90 7.63 12.27
N LEU A 467 21.87 8.28 12.84
CA LEU A 467 20.52 7.76 12.71
C LEU A 467 19.99 7.91 11.30
N ARG A 468 20.37 8.98 10.60
CA ARG A 468 19.96 9.15 9.21
C ARG A 468 20.54 8.07 8.30
N LEU A 469 21.79 7.67 8.55
CA LEU A 469 22.40 6.60 7.76
C LEU A 469 21.67 5.28 7.96
N VAL A 470 21.31 4.95 9.20
CA VAL A 470 20.59 3.70 9.47
C VAL A 470 19.18 3.77 8.89
N ALA A 471 18.54 4.94 8.96
CA ALA A 471 17.18 5.09 8.46
C ALA A 471 17.10 4.87 6.95
N GLU A 472 18.19 5.11 6.23
CA GLU A 472 18.25 4.82 4.80
C GLU A 472 18.49 3.35 4.52
N GLY A 473 18.72 2.53 5.54
CA GLY A 473 19.01 1.12 5.35
C GLY A 473 20.31 0.84 4.64
N LYS A 474 21.35 1.63 4.92
CA LYS A 474 22.65 1.41 4.29
C LYS A 474 23.32 0.16 4.85
N ARG A 475 23.32 0.01 6.17
CA ARG A 475 23.98 -1.07 6.91
C ARG A 475 25.48 -1.15 6.61
N GLU A 476 26.08 -0.08 6.09
CA GLU A 476 27.48 -0.04 5.75
C GLU A 476 27.91 1.42 5.72
N ASP A 477 29.10 1.69 6.26
CA ASP A 477 29.73 2.99 6.47
C ASP A 477 29.05 3.80 7.56
N ALA A 478 27.91 3.34 8.10
CA ALA A 478 27.39 3.91 9.33
C ALA A 478 28.19 3.42 10.53
N GLN A 479 28.56 2.13 10.53
CA GLN A 479 29.47 1.61 11.54
C GLN A 479 30.83 2.28 11.47
N HIS A 480 31.34 2.52 10.26
CA HIS A 480 32.60 3.23 10.10
C HIS A 480 32.49 4.67 10.61
N TYR A 481 31.39 5.34 10.30
CA TYR A 481 31.18 6.71 10.79
C TYR A 481 31.10 6.75 12.32
N TRP A 482 30.41 5.78 12.92
CA TRP A 482 30.32 5.72 14.38
C TRP A 482 31.68 5.42 15.00
N LEU A 483 32.46 4.54 14.36
CA LEU A 483 33.75 4.14 14.93
C LEU A 483 34.81 5.21 14.77
N THR A 484 34.73 6.03 13.71
CA THR A 484 35.77 7.02 13.44
C THR A 484 35.39 8.41 13.96
N SER A 485 34.24 8.92 13.52
CA SER A 485 33.85 10.29 13.87
C SER A 485 33.41 10.40 15.32
N LEU A 486 32.61 9.44 15.80
CA LEU A 486 32.12 9.50 17.16
C LEU A 486 33.09 8.93 18.19
N HIS A 487 34.24 8.41 17.74
CA HIS A 487 35.28 7.85 18.61
C HIS A 487 34.72 6.71 19.47
N GLY A 488 33.82 5.91 18.89
CA GLY A 488 33.26 4.79 19.60
C GLY A 488 34.19 3.60 19.64
N MET A 489 33.80 2.60 20.44
CA MET A 489 34.55 1.37 20.60
C MET A 489 33.64 0.18 20.35
N ALA A 490 34.07 -0.71 19.46
CA ALA A 490 33.28 -1.88 19.13
C ALA A 490 33.37 -2.94 20.23
N LEU A 491 32.42 -3.87 20.20
CA LEU A 491 32.43 -4.99 21.14
C LEU A 491 33.66 -5.85 20.96
N LYS A 492 34.04 -6.12 19.71
CA LYS A 492 35.26 -6.90 19.45
C LYS A 492 36.49 -6.15 19.93
N GLU A 493 36.51 -4.82 19.76
CA GLU A 493 37.63 -4.02 20.26
C GLU A 493 37.72 -4.08 21.79
N HIS A 494 36.58 -4.01 22.48
CA HIS A 494 36.58 -4.12 23.93
C HIS A 494 37.04 -5.50 24.38
N ALA A 495 36.63 -6.55 23.67
CA ALA A 495 37.11 -7.89 23.98
C ALA A 495 38.61 -8.00 23.79
N TRP A 496 39.13 -7.45 22.69
CA TRP A 496 40.57 -7.51 22.43
C TRP A 496 41.36 -6.73 23.47
N LEU A 497 40.82 -5.61 23.95
CA LEU A 497 41.50 -4.84 24.98
C LEU A 497 41.65 -5.63 26.28
N LYS A 498 40.62 -6.37 26.68
CA LYS A 498 40.75 -7.22 27.86
C LYS A 498 41.61 -8.44 27.59
N ILE A 499 41.65 -8.91 26.34
CA ILE A 499 42.53 -10.02 25.99
C ILE A 499 43.99 -9.60 26.15
N ILE A 500 44.33 -8.38 25.71
CA ILE A 500 45.69 -7.88 25.87
C ILE A 500 46.05 -7.74 27.34
N SER A 501 45.13 -7.22 28.15
CA SER A 501 45.37 -7.07 29.58
C SER A 501 45.42 -8.39 30.33
N GLY A 502 44.95 -9.49 29.71
CA GLY A 502 44.99 -10.78 30.36
C GLY A 502 43.89 -11.04 31.36
N GLU A 503 42.81 -10.25 31.33
CA GLU A 503 41.72 -10.45 32.29
C GLU A 503 40.92 -11.70 31.96
N ILE A 504 40.76 -12.01 30.67
CA ILE A 504 39.97 -13.15 30.23
C ILE A 504 40.78 -13.98 29.25
N CYS A 505 40.39 -15.24 29.11
CA CYS A 505 41.06 -16.17 28.21
C CYS A 505 40.60 -15.96 26.78
N VAL A 506 41.53 -16.19 25.84
CA VAL A 506 41.21 -16.03 24.42
C VAL A 506 40.26 -17.12 23.94
N MET A 507 40.34 -18.32 24.52
CA MET A 507 39.51 -19.43 24.08
C MET A 507 38.03 -19.14 24.33
N ASP A 508 37.71 -18.57 25.50
CA ASP A 508 36.32 -18.21 25.77
C ASP A 508 35.89 -16.98 24.97
N ALA A 509 36.83 -16.04 24.76
CA ALA A 509 36.50 -14.83 24.02
C ALA A 509 36.14 -15.13 22.57
N VAL A 510 36.87 -16.03 21.94
CA VAL A 510 36.55 -16.42 20.57
C VAL A 510 35.22 -17.15 20.50
N ASN A 511 34.97 -18.04 21.47
CA ASN A 511 33.73 -18.81 21.44
C ASN A 511 32.52 -17.97 21.82
N LYS A 512 32.73 -16.81 22.45
CA LYS A 512 31.61 -15.95 22.81
C LYS A 512 31.48 -14.75 21.89
N ILE A 513 32.59 -14.22 21.40
CA ILE A 513 32.60 -13.04 20.53
C ILE A 513 33.25 -13.42 19.21
N SER A 514 32.57 -13.14 18.11
CA SER A 514 33.04 -13.47 16.78
C SER A 514 33.69 -12.25 16.12
N GLY A 515 34.55 -12.54 15.14
CA GLY A 515 35.20 -11.49 14.39
C GLY A 515 36.32 -10.77 15.10
N ILE A 516 36.87 -11.35 16.17
CA ILE A 516 37.96 -10.72 16.90
C ILE A 516 39.22 -10.66 16.06
N ASP A 517 39.47 -11.72 15.28
CA ASP A 517 40.67 -11.79 14.45
C ASP A 517 40.62 -10.87 13.24
N ASN A 518 39.48 -10.25 12.96
CA ASN A 518 39.34 -9.40 11.79
C ASN A 518 39.76 -7.95 12.05
N ILE A 519 40.21 -7.64 13.26
CA ILE A 519 40.62 -6.28 13.58
C ILE A 519 41.95 -5.98 12.93
N THR A 520 42.03 -4.85 12.23
CA THR A 520 43.27 -4.47 11.56
C THR A 520 44.32 -4.04 12.56
N GLU A 521 45.59 -4.09 12.13
CA GLU A 521 46.70 -3.72 13.00
C GLU A 521 46.68 -2.24 13.34
N GLU A 522 46.30 -1.39 12.39
CA GLU A 522 46.20 0.04 12.65
C GLU A 522 45.16 0.35 13.71
N ARG A 523 44.03 -0.36 13.67
CA ARG A 523 43.02 -0.22 14.72
C ARG A 523 43.54 -0.70 16.06
N LYS A 524 44.29 -1.82 16.08
CA LYS A 524 44.84 -2.34 17.32
C LYS A 524 45.82 -1.36 17.95
N LYS A 525 46.67 -0.73 17.14
CA LYS A 525 47.61 0.25 17.65
C LYS A 525 46.90 1.46 18.26
N TYR A 526 45.86 1.95 17.58
CA TYR A 526 45.09 3.07 18.11
C TYR A 526 44.37 2.71 19.39
N LEU A 527 43.83 1.49 19.48
CA LEU A 527 43.18 1.05 20.71
C LEU A 527 44.18 0.93 21.85
N PHE A 528 45.37 0.40 21.57
CA PHE A 528 46.37 0.25 22.62
C PHE A 528 46.96 1.58 23.08
N SER A 529 47.09 2.55 22.17
CA SER A 529 47.67 3.84 22.54
C SER A 529 46.80 4.58 23.55
N ARG A 530 45.47 4.56 23.36
CA ARG A 530 44.58 5.25 24.27
C ARG A 530 44.57 4.60 25.65
N ASP A 531 44.67 3.27 25.70
CA ASP A 531 44.72 2.60 26.99
C ASP A 531 46.06 2.81 27.67
N ASN A 532 47.15 2.89 26.91
CA ASN A 532 48.46 3.09 27.51
C ASN A 532 48.63 4.51 28.02
N GLU A 533 48.09 5.50 27.29
CA GLU A 533 48.26 6.89 27.70
C GLU A 533 47.40 7.25 28.91
N ILE A 534 46.40 6.45 29.24
CA ILE A 534 45.55 6.72 30.39
C ILE A 534 45.99 5.85 31.57
N VAL B 107 -9.20 7.00 60.43
CA VAL B 107 -10.45 7.72 60.60
C VAL B 107 -10.59 8.76 59.49
N GLU B 108 -11.83 8.98 59.05
CA GLU B 108 -12.08 9.90 57.93
C GLU B 108 -11.75 11.34 58.28
N LYS B 109 -11.83 11.72 59.57
CA LYS B 109 -11.50 13.08 59.96
C LYS B 109 -10.01 13.39 59.78
N ARG B 110 -9.14 12.41 60.06
CA ARG B 110 -7.72 12.61 59.83
C ARG B 110 -7.42 12.81 58.35
N ALA B 111 -8.06 12.02 57.48
CA ALA B 111 -7.90 12.18 56.05
C ALA B 111 -8.43 13.53 55.58
N SER B 112 -9.56 13.96 56.11
CA SER B 112 -10.12 15.26 55.74
C SER B 112 -9.19 16.40 56.16
N MET B 113 -8.64 16.31 57.36
CA MET B 113 -7.69 17.32 57.83
C MET B 113 -6.41 17.32 56.99
N LEU B 114 -5.88 16.15 56.64
CA LEU B 114 -4.70 16.09 55.79
C LEU B 114 -4.97 16.68 54.42
N LEU B 115 -6.14 16.37 53.84
CA LEU B 115 -6.50 16.94 52.54
C LEU B 115 -6.65 18.45 52.63
N PHE B 116 -7.25 18.94 53.71
CA PHE B 116 -7.46 20.39 53.85
C PHE B 116 -6.14 21.12 54.02
N GLU B 117 -5.21 20.56 54.81
CA GLU B 117 -3.92 21.22 55.00
C GLU B 117 -3.04 21.08 53.77
N CYS B 118 -3.25 20.02 52.97
CA CYS B 118 -2.48 19.86 51.75
C CYS B 118 -2.99 20.79 50.64
N ALA B 119 -4.29 21.05 50.60
CA ALA B 119 -4.86 21.91 49.57
C ALA B 119 -4.38 23.35 49.72
N GLU B 120 -4.33 23.85 50.94
CA GLU B 120 -3.93 25.23 51.22
C GLU B 120 -2.43 25.43 51.08
N MET B 121 -1.65 24.36 50.94
CA MET B 121 -0.21 24.47 50.82
C MET B 121 0.26 24.72 49.40
N ARG B 122 -0.66 24.79 48.43
CA ARG B 122 -0.36 25.04 47.02
C ARG B 122 0.60 23.96 46.47
N VAL B 123 0.10 22.73 46.47
CA VAL B 123 0.85 21.57 46.02
C VAL B 123 0.42 21.21 44.61
N SER B 124 1.24 20.37 43.97
CA SER B 124 0.93 19.91 42.62
C SER B 124 0.32 18.51 42.62
N ASP B 125 1.05 17.54 43.17
CA ASP B 125 0.61 16.15 43.22
C ASP B 125 0.84 15.58 44.61
N LEU B 126 0.04 14.57 44.96
CA LEU B 126 0.14 13.92 46.26
C LEU B 126 0.49 12.46 46.08
N HIS B 127 1.52 11.99 46.79
CA HIS B 127 1.96 10.60 46.74
C HIS B 127 1.88 10.03 48.15
N ILE B 128 1.28 8.85 48.28
CA ILE B 128 1.27 8.10 49.53
C ILE B 128 1.80 6.70 49.23
N LYS B 129 2.90 6.33 49.89
CA LYS B 129 3.52 5.04 49.69
C LYS B 129 3.44 4.23 50.98
N VAL B 130 3.08 2.95 50.85
CA VAL B 130 2.94 2.06 51.99
C VAL B 130 3.94 0.92 51.84
N TYR B 131 4.77 0.72 52.86
CA TYR B 131 5.78 -0.33 52.86
C TYR B 131 5.50 -1.41 53.90
N ASP B 132 4.26 -1.50 54.38
CA ASP B 132 3.70 -2.46 55.34
C ASP B 132 4.18 -2.19 56.78
N ALA B 133 5.15 -1.30 56.99
CA ALA B 133 5.59 -0.92 58.33
C ALA B 133 5.40 0.57 58.59
N GLU B 134 5.55 1.40 57.57
CA GLU B 134 5.28 2.83 57.65
C GLU B 134 4.86 3.33 56.28
N ALA B 135 4.18 4.47 56.26
CA ALA B 135 3.70 5.09 55.03
C ALA B 135 4.30 6.48 54.90
N ASP B 136 4.91 6.73 53.75
CA ASP B 136 5.55 8.00 53.46
C ASP B 136 4.63 8.88 52.63
N ILE B 137 4.60 10.17 52.98
CA ILE B 137 3.78 11.16 52.30
C ILE B 137 4.71 12.11 51.54
N TYR B 138 4.41 12.31 50.25
CA TYR B 138 5.19 13.19 49.40
C TYR B 138 4.25 14.21 48.75
N ILE B 139 4.68 15.46 48.71
CA ILE B 139 3.94 16.53 48.05
C ILE B 139 4.88 17.25 47.09
N ARG B 140 4.40 17.45 45.86
CA ARG B 140 5.19 18.10 44.82
C ARG B 140 5.06 19.61 45.02
N LYS B 141 5.81 20.12 46.00
CA LYS B 141 5.91 21.56 46.21
C LYS B 141 6.70 22.16 45.07
N ASP B 142 6.14 23.20 44.43
CA ASP B 142 6.71 23.85 43.25
C ASP B 142 6.84 22.79 42.17
N GLY B 143 8.05 22.35 41.81
CA GLY B 143 8.22 21.35 40.77
C GLY B 143 8.77 20.00 41.20
N ASP B 144 9.12 19.83 42.47
CA ASP B 144 9.72 18.59 42.95
C ASP B 144 8.99 18.12 44.21
N MET B 145 9.03 16.81 44.44
CA MET B 145 8.38 16.21 45.60
C MET B 145 9.32 16.25 46.80
N GLU B 146 8.72 16.30 47.99
CA GLU B 146 9.46 16.36 49.24
C GLU B 146 8.79 15.45 50.25
N LEU B 147 9.61 14.79 51.06
CA LEU B 147 9.11 13.86 52.08
C LEU B 147 8.41 14.64 53.18
N LEU B 148 7.09 14.50 53.28
CA LEU B 148 6.34 15.26 54.27
C LEU B 148 6.41 14.61 55.63
N ARG B 149 5.92 13.36 55.75
CA ARG B 149 5.87 12.68 57.03
C ARG B 149 5.79 11.18 56.81
N GLN B 150 5.91 10.44 57.92
CA GLN B 150 5.86 8.97 57.93
C GLN B 150 4.83 8.54 58.96
N ILE B 151 3.62 8.23 58.50
CA ILE B 151 2.53 7.78 59.35
C ILE B 151 2.62 6.27 59.50
N GLU B 152 1.89 5.73 60.46
CA GLU B 152 1.88 4.28 60.66
C GLU B 152 0.93 3.62 59.65
N SER B 153 1.05 2.29 59.55
CA SER B 153 0.41 1.56 58.45
C SER B 153 -1.10 1.48 58.63
N ASN B 154 -1.57 1.19 59.84
CA ASN B 154 -3.00 0.97 60.06
C ASN B 154 -3.81 2.24 59.80
N THR B 155 -3.32 3.39 60.29
CA THR B 155 -3.98 4.66 60.02
C THR B 155 -3.96 4.99 58.53
N ALA B 156 -2.87 4.68 57.85
CA ALA B 156 -2.78 4.92 56.41
C ALA B 156 -3.81 4.09 55.66
N HIS B 157 -3.94 2.81 56.02
CA HIS B 157 -4.95 1.96 55.37
C HIS B 157 -6.36 2.45 55.67
N SER B 158 -6.60 2.89 56.91
CA SER B 158 -7.92 3.39 57.27
C SER B 158 -8.28 4.64 56.48
N ILE B 159 -7.35 5.59 56.37
CA ILE B 159 -7.65 6.82 55.64
C ILE B 159 -7.75 6.56 54.15
N LEU B 160 -6.97 5.60 53.61
CA LEU B 160 -7.11 5.25 52.21
C LEU B 160 -8.48 4.63 51.93
N ALA B 161 -8.95 3.74 52.81
CA ALA B 161 -10.27 3.16 52.64
C ALA B 161 -11.36 4.21 52.76
N SER B 162 -11.22 5.14 53.71
CA SER B 162 -12.20 6.20 53.86
C SER B 162 -12.24 7.11 52.65
N LEU B 163 -11.07 7.44 52.09
CA LEU B 163 -11.02 8.29 50.91
C LEU B 163 -11.58 7.58 49.68
N TYR B 164 -11.33 6.28 49.55
CA TYR B 164 -11.85 5.55 48.39
C TYR B 164 -13.36 5.38 48.49
N ASN B 165 -13.88 5.10 49.70
CA ASN B 165 -15.31 4.88 49.85
C ASN B 165 -16.12 6.16 49.71
N ASN B 166 -15.51 7.33 49.98
CA ASN B 166 -16.23 8.59 49.83
C ASN B 166 -16.25 9.11 48.39
N ALA B 167 -15.52 8.46 47.48
CA ALA B 167 -15.55 8.86 46.09
C ALA B 167 -16.88 8.49 45.46
N ASP B 168 -17.31 9.30 44.47
CA ASP B 168 -18.58 9.04 43.81
C ASP B 168 -18.50 7.86 42.87
N ASP B 169 -17.29 7.50 42.43
CA ASP B 169 -17.09 6.34 41.56
C ASP B 169 -16.51 5.20 42.38
N SER B 170 -17.22 4.09 42.45
CA SER B 170 -16.76 2.93 43.22
C SER B 170 -17.36 1.67 42.61
N ASP B 171 -16.66 0.54 42.82
CA ASP B 171 -17.10 -0.76 42.34
C ASP B 171 -17.49 -1.70 43.49
N ALA B 172 -17.88 -1.14 44.63
CA ALA B 172 -18.31 -1.85 45.83
C ALA B 172 -17.25 -2.79 46.40
N THR B 173 -15.98 -2.57 46.07
CA THR B 173 -14.89 -3.37 46.60
C THR B 173 -13.61 -2.56 46.53
N TYR B 174 -12.66 -2.90 47.41
CA TYR B 174 -11.39 -2.18 47.41
C TYR B 174 -10.41 -2.77 46.41
N LYS B 175 -10.29 -4.10 46.37
CA LYS B 175 -9.42 -4.84 45.46
C LYS B 175 -7.96 -4.39 45.61
N ILE B 176 -7.41 -4.72 46.79
CA ILE B 176 -6.06 -4.30 47.14
C ILE B 176 -5.05 -4.83 46.13
N ASN B 177 -5.23 -6.08 45.69
CA ASN B 177 -4.30 -6.66 44.73
C ASN B 177 -4.42 -6.04 43.34
N ALA B 178 -5.55 -5.39 43.05
CA ALA B 178 -5.79 -4.84 41.73
C ALA B 178 -5.49 -3.34 41.70
N TYR B 179 -5.57 -2.78 40.49
CA TYR B 179 -5.37 -1.35 40.27
C TYR B 179 -6.71 -0.64 40.23
N GLN B 180 -6.79 0.51 40.90
CA GLN B 180 -8.04 1.25 40.99
C GLN B 180 -7.83 2.69 40.58
N ALA B 181 -8.89 3.29 40.04
CA ALA B 181 -8.89 4.71 39.71
C ALA B 181 -10.27 5.27 40.01
N ALA B 182 -10.32 6.49 40.55
CA ALA B 182 -11.59 7.10 40.92
C ALA B 182 -11.45 8.61 40.86
N ARG B 183 -12.59 9.29 40.95
CA ARG B 183 -12.64 10.75 40.94
C ARG B 183 -13.55 11.23 42.06
N ILE B 184 -13.21 12.38 42.64
CA ILE B 184 -14.03 13.04 43.64
C ILE B 184 -14.41 14.41 43.09
N VAL B 185 -15.70 14.66 42.98
CA VAL B 185 -16.21 15.88 42.36
C VAL B 185 -16.90 16.74 43.41
N ALA B 186 -17.14 17.99 43.05
CA ALA B 186 -17.82 18.94 43.93
C ALA B 186 -19.30 18.59 44.04
N SER B 187 -19.93 19.12 45.09
CA SER B 187 -21.34 18.98 45.45
C SER B 187 -21.71 17.57 45.89
N LYS B 188 -20.79 16.62 45.86
CA LYS B 188 -21.02 15.26 46.37
C LYS B 188 -19.75 14.85 47.11
N SER B 189 -19.67 15.19 48.39
CA SER B 189 -18.48 14.90 49.19
C SER B 189 -18.87 15.00 50.66
N ARG B 190 -18.64 13.92 51.40
CA ARG B 190 -18.92 13.91 52.84
C ARG B 190 -17.68 14.17 53.68
N LEU B 191 -16.56 14.51 53.07
CA LEU B 191 -15.31 14.71 53.79
C LEU B 191 -14.92 16.19 53.92
N ALA B 192 -15.87 17.10 53.73
CA ALA B 192 -15.65 18.55 53.86
C ALA B 192 -14.54 19.03 52.91
N LEU B 193 -14.84 18.90 51.63
CA LEU B 193 -13.88 19.27 50.60
C LEU B 193 -13.60 20.77 50.65
N PRO B 194 -12.33 21.19 50.53
CA PRO B 194 -12.02 22.61 50.57
C PRO B 194 -12.58 23.31 49.35
N PRO B 195 -12.93 24.60 49.46
CA PRO B 195 -13.49 25.34 48.32
C PRO B 195 -12.48 25.61 47.21
N VAL B 196 -11.18 25.45 47.46
CA VAL B 196 -10.18 25.82 46.48
C VAL B 196 -9.95 24.71 45.45
N ILE B 197 -10.74 23.63 45.51
CA ILE B 197 -10.65 22.55 44.54
C ILE B 197 -12.05 22.17 44.09
N GLN B 198 -12.18 21.91 42.79
CA GLN B 198 -13.45 21.47 42.23
C GLN B 198 -13.55 19.94 42.22
N ALA B 199 -12.61 19.28 41.53
CA ALA B 199 -12.60 17.83 41.46
C ALA B 199 -11.16 17.35 41.39
N VAL B 200 -10.92 16.15 41.90
CA VAL B 200 -9.61 15.52 41.88
C VAL B 200 -9.75 14.09 41.39
N ARG B 201 -8.64 13.54 40.91
CA ARG B 201 -8.57 12.15 40.50
C ARG B 201 -7.52 11.43 41.34
N LEU B 202 -7.87 10.23 41.80
CA LEU B 202 -7.01 9.47 42.69
C LEU B 202 -6.86 8.06 42.17
N GLN B 203 -5.62 7.59 42.09
CA GLN B 203 -5.30 6.26 41.57
C GLN B 203 -4.62 5.45 42.67
N PHE B 204 -5.10 4.22 42.87
CA PHE B 204 -4.55 3.27 43.83
C PHE B 204 -3.80 2.19 43.08
N ASN B 205 -2.56 1.95 43.49
CA ASN B 205 -1.69 0.98 42.84
C ASN B 205 -1.09 0.07 43.91
N PRO B 206 -1.21 -1.25 43.77
CA PRO B 206 -0.57 -2.15 44.74
C PRO B 206 0.95 -2.13 44.60
N LEU B 207 1.63 -2.39 45.72
CA LEU B 207 3.09 -2.38 45.76
C LEU B 207 3.57 -3.41 46.77
N GLY B 208 4.49 -4.27 46.35
CA GLY B 208 5.04 -5.28 47.24
C GLY B 208 3.99 -6.26 47.70
N GLN B 209 4.00 -6.54 49.01
CA GLN B 209 3.04 -7.46 49.63
C GLN B 209 2.19 -6.66 50.60
N GLY B 210 0.93 -6.42 50.24
CA GLY B 210 0.02 -5.67 51.08
C GLY B 210 0.38 -4.21 51.24
N GLY B 211 0.89 -3.57 50.19
CA GLY B 211 1.24 -2.16 50.22
C GLY B 211 0.45 -1.41 49.17
N ARG B 212 0.30 -0.10 49.38
CA ARG B 212 -0.50 0.75 48.52
C ARG B 212 0.34 1.91 47.98
N TYR B 213 -0.10 2.45 46.84
CA TYR B 213 0.56 3.58 46.21
C TYR B 213 -0.52 4.50 45.68
N LEU B 214 -0.90 5.51 46.48
CA LEU B 214 -1.92 6.47 46.11
C LEU B 214 -1.29 7.66 45.42
N ILE B 215 -1.82 8.01 44.24
CA ILE B 215 -1.37 9.17 43.49
C ILE B 215 -2.58 10.06 43.22
N ALA B 216 -2.46 11.34 43.57
CA ALA B 216 -3.51 12.32 43.36
C ALA B 216 -2.98 13.49 42.55
N ARG B 217 -3.77 13.94 41.58
CA ARG B 217 -3.34 14.99 40.66
C ARG B 217 -3.70 16.38 41.16
N PHE B 218 -4.72 16.49 42.01
CA PHE B 218 -5.04 17.71 42.75
C PHE B 218 -5.31 18.91 41.84
N LEU B 219 -6.39 18.83 41.06
CA LEU B 219 -6.76 19.94 40.20
C LEU B 219 -7.25 21.13 41.02
N TYR B 220 -6.74 22.31 40.69
CA TYR B 220 -7.03 23.53 41.41
C TYR B 220 -8.07 24.37 40.65
N THR B 221 -8.38 25.54 41.23
CA THR B 221 -9.27 26.48 40.56
C THR B 221 -8.50 27.31 39.54
N ASP B 222 -7.51 28.07 39.98
CA ASP B 222 -6.72 28.91 39.09
C ASP B 222 -5.34 28.31 38.86
N ASP B 231 1.09 41.16 34.35
CA ASP B 231 -0.27 40.64 34.46
C ASP B 231 -1.01 40.51 33.10
N PRO B 232 -0.96 41.52 32.20
CA PRO B 232 -1.60 41.30 30.90
C PRO B 232 -0.86 40.30 30.02
N THR B 233 0.47 40.39 29.96
CA THR B 233 1.26 39.52 29.12
C THR B 233 2.69 39.48 29.65
N ARG B 234 3.49 38.59 29.05
CA ARG B 234 4.92 38.44 29.32
C ARG B 234 5.17 38.13 30.81
N PHE B 235 4.64 36.97 31.21
CA PHE B 235 4.91 36.48 32.56
C PHE B 235 6.38 36.09 32.71
N GLY B 236 6.89 35.29 31.78
CA GLY B 236 8.29 34.91 31.78
C GLY B 236 8.86 34.83 30.38
N PHE B 237 8.04 35.15 29.39
CA PHE B 237 8.44 35.07 27.99
C PHE B 237 9.44 36.17 27.65
N HIS B 238 10.22 35.92 26.61
CA HIS B 238 11.12 36.94 26.08
C HIS B 238 10.32 38.02 25.34
N HIS B 239 10.96 39.17 25.14
CA HIS B 239 10.30 40.25 24.41
C HIS B 239 10.07 39.89 22.95
N SER B 240 10.96 39.09 22.37
CA SER B 240 10.74 38.58 21.03
C SER B 240 9.51 37.68 20.96
N HIS B 241 9.27 36.89 22.02
CA HIS B 241 8.05 36.08 22.08
C HIS B 241 6.80 36.95 22.12
N ALA B 242 6.85 38.04 22.88
CA ALA B 242 5.72 38.97 22.91
C ALA B 242 5.50 39.65 21.57
N GLU B 243 6.58 40.02 20.88
CA GLU B 243 6.44 40.60 19.55
C GLU B 243 5.87 39.60 18.55
N SER B 244 6.29 38.34 18.63
CA SER B 244 5.74 37.32 17.75
C SER B 244 4.27 37.05 18.05
N PHE B 245 3.87 37.08 19.33
CA PHE B 245 2.47 36.86 19.69
C PHE B 245 1.58 37.97 19.15
N SER B 246 2.08 39.21 19.09
CA SER B 246 1.29 40.30 18.55
C SER B 246 0.98 40.08 17.07
N ARG B 247 1.97 39.61 16.29
CA ARG B 247 1.72 39.29 14.90
C ARG B 247 0.83 38.05 14.77
N MET B 248 0.96 37.10 15.69
CA MET B 248 0.19 35.87 15.60
C MET B 248 -1.29 36.12 15.89
N ARG B 249 -1.60 37.04 16.81
CA ARG B 249 -2.99 37.31 17.17
C ARG B 249 -3.75 38.07 16.09
N ASN B 250 -3.05 38.72 15.16
CA ASN B 250 -3.73 39.50 14.12
C ASN B 250 -4.15 38.65 12.93
N LEU B 251 -3.70 37.41 12.84
CA LEU B 251 -4.08 36.57 11.71
C LEU B 251 -5.48 36.01 11.92
N PRO B 252 -6.40 36.20 10.99
CA PRO B 252 -7.79 35.75 11.21
C PRO B 252 -7.96 34.24 11.15
N ILE B 253 -7.07 33.54 10.45
CA ILE B 253 -7.19 32.09 10.28
C ILE B 253 -5.85 31.45 10.61
N GLY B 254 -5.91 30.17 10.96
CA GLY B 254 -4.71 29.40 11.21
C GLY B 254 -4.88 28.47 12.39
N ILE B 255 -3.82 27.71 12.66
CA ILE B 255 -3.76 26.78 13.78
C ILE B 255 -2.44 27.00 14.50
N ASN B 256 -2.52 27.11 15.84
CA ASN B 256 -1.35 27.26 16.69
C ASN B 256 -1.31 26.10 17.67
N ILE B 257 -0.10 25.68 18.03
CA ILE B 257 0.13 24.53 18.90
C ILE B 257 0.93 24.98 20.10
N ILE B 258 0.50 24.59 21.29
CA ILE B 258 1.24 24.79 22.53
C ILE B 258 1.72 23.42 23.00
N SER B 259 3.03 23.28 23.18
CA SER B 259 3.62 21.99 23.49
C SER B 259 4.45 22.07 24.76
N GLY B 260 4.48 20.95 25.48
CA GLY B 260 5.25 20.85 26.70
C GLY B 260 4.86 19.63 27.52
N PRO B 261 5.58 19.39 28.62
CA PRO B 261 5.21 18.28 29.51
C PRO B 261 3.94 18.55 30.29
N THR B 262 3.60 17.64 31.21
CA THR B 262 2.36 17.77 31.97
C THR B 262 2.35 19.02 32.84
N GLY B 263 3.48 19.34 33.49
CA GLY B 263 3.54 20.51 34.34
C GLY B 263 4.15 21.71 33.65
N SER B 264 3.77 21.94 32.40
CA SER B 264 4.35 23.03 31.61
C SER B 264 3.51 24.31 31.64
N GLY B 265 2.36 24.30 32.32
CA GLY B 265 1.53 25.49 32.40
C GLY B 265 0.93 25.92 31.08
N LYS B 266 0.40 24.97 30.32
CA LYS B 266 -0.20 25.29 29.02
C LYS B 266 -1.53 26.02 29.18
N SER B 267 -2.34 25.59 30.15
CA SER B 267 -3.66 26.19 30.35
C SER B 267 -3.55 27.65 30.78
N THR B 268 -2.56 27.98 31.61
CA THR B 268 -2.36 29.37 32.01
C THR B 268 -2.01 30.24 30.82
N THR B 269 -1.13 29.75 29.93
CA THR B 269 -0.77 30.50 28.74
C THR B 269 -1.96 30.67 27.80
N LEU B 270 -2.76 29.62 27.65
CA LEU B 270 -3.96 29.73 26.81
C LEU B 270 -4.95 30.72 27.38
N LYS B 271 -5.16 30.70 28.69
CA LYS B 271 -6.08 31.65 29.32
C LYS B 271 -5.56 33.08 29.23
N ASN B 272 -4.24 33.27 29.30
CA ASN B 272 -3.67 34.59 29.15
C ASN B 272 -3.82 35.11 27.72
N LEU B 273 -3.64 34.23 26.74
CA LEU B 273 -3.80 34.65 25.34
C LEU B 273 -5.25 34.91 25.00
N LEU B 274 -6.18 34.17 25.63
CA LEU B 274 -7.60 34.37 25.37
C LEU B 274 -8.07 35.76 25.78
N GLU B 275 -7.57 36.26 26.92
CA GLU B 275 -7.92 37.61 27.35
C GLU B 275 -7.41 38.67 26.38
N LEU B 276 -6.18 38.51 25.89
CA LEU B 276 -5.64 39.43 24.90
C LEU B 276 -6.44 39.40 23.60
N LEU B 277 -6.82 38.20 23.13
CA LEU B 277 -7.65 38.10 21.94
C LEU B 277 -9.02 38.74 22.15
N TYR B 278 -9.61 38.56 23.34
CA TYR B 278 -10.91 39.17 23.63
C TYR B 278 -10.82 40.69 23.66
N ILE B 279 -9.77 41.23 24.28
CA ILE B 279 -9.63 42.69 24.38
C ILE B 279 -9.30 43.31 23.04
N GLU B 280 -8.37 42.73 22.28
CA GLU B 280 -7.88 43.38 21.08
C GLU B 280 -8.92 43.38 19.95
N LYS B 281 -9.75 42.35 19.86
CA LYS B 281 -10.70 42.26 18.77
C LYS B 281 -11.88 43.21 18.93
N LYS B 282 -12.05 43.82 20.11
CA LYS B 282 -13.12 44.80 20.38
C LYS B 282 -14.51 44.23 20.10
N LYS B 283 -14.71 42.97 20.49
CA LYS B 283 -15.98 42.26 20.36
C LYS B 283 -16.46 42.14 18.92
N LYS B 284 -15.54 42.14 17.96
CA LYS B 284 -15.91 41.96 16.56
C LYS B 284 -15.92 40.50 16.13
N VAL B 285 -15.50 39.58 16.99
CA VAL B 285 -15.52 38.15 16.71
C VAL B 285 -16.17 37.44 17.88
N ASN B 286 -16.61 36.21 17.63
CA ASN B 286 -17.24 35.37 18.64
C ASN B 286 -16.17 34.49 19.28
N ILE B 287 -16.09 34.52 20.60
CA ILE B 287 -15.10 33.75 21.35
C ILE B 287 -15.85 32.64 22.06
N ILE B 288 -15.63 31.40 21.62
CA ILE B 288 -16.19 30.21 22.25
C ILE B 288 -15.02 29.32 22.66
N SER B 289 -15.09 28.80 23.89
CA SER B 289 -14.05 27.92 24.42
C SER B 289 -14.72 26.69 25.02
N ILE B 290 -14.08 25.54 24.83
CA ILE B 290 -14.61 24.27 25.33
C ILE B 290 -13.57 23.67 26.27
N GLU B 291 -13.99 23.38 27.50
CA GLU B 291 -13.10 22.77 28.49
C GLU B 291 -13.97 22.11 29.55
N ASP B 292 -13.91 20.78 29.64
CA ASP B 292 -14.72 20.06 30.62
C ASP B 292 -14.43 20.43 32.07
N PRO B 293 -13.18 20.50 32.53
CA PRO B 293 -12.95 20.98 33.90
C PRO B 293 -12.85 22.50 33.92
N PRO B 294 -13.71 23.18 34.68
CA PRO B 294 -13.61 24.64 34.79
C PRO B 294 -12.31 25.06 35.47
N GLU B 295 -11.80 26.22 35.07
CA GLU B 295 -10.53 26.73 35.59
C GLU B 295 -10.74 28.19 36.01
N TYR B 296 -11.15 28.37 37.26
CA TYR B 296 -11.36 29.69 37.90
C TYR B 296 -12.35 30.49 37.05
N GLU B 297 -12.12 31.79 36.86
CA GLU B 297 -12.95 32.63 36.01
C GLU B 297 -12.22 32.92 34.70
N ILE B 298 -12.98 32.93 33.61
CA ILE B 298 -12.40 33.18 32.30
C ILE B 298 -13.15 34.30 31.59
N THR B 301 -16.22 36.21 26.94
CA THR B 301 -15.89 34.91 26.36
C THR B 301 -16.85 33.84 26.85
N ALA B 302 -16.99 32.77 26.07
CA ALA B 302 -17.90 31.68 26.41
C ALA B 302 -17.09 30.43 26.75
N GLN B 303 -17.44 29.77 27.85
CA GLN B 303 -16.79 28.55 28.30
C GLN B 303 -17.78 27.40 28.22
N LEU B 304 -17.35 26.29 27.63
CA LEU B 304 -18.20 25.12 27.47
C LEU B 304 -17.60 23.93 28.21
N PRO B 305 -18.42 23.15 28.93
CA PRO B 305 -17.96 21.96 29.66
C PRO B 305 -17.68 20.77 28.74
N THR B 311 -17.41 7.13 33.00
CA THR B 311 -16.20 6.42 32.61
C THR B 311 -15.40 7.21 31.58
N GLU B 312 -14.27 6.64 31.16
CA GLU B 312 -13.44 7.30 30.14
C GLU B 312 -14.15 7.36 28.80
N ALA B 313 -14.86 6.29 28.44
CA ALA B 313 -15.60 6.28 27.18
C ALA B 313 -16.72 7.31 27.17
N GLN B 314 -17.43 7.46 28.29
CA GLN B 314 -18.48 8.48 28.37
C GLN B 314 -17.91 9.88 28.24
N ARG B 315 -16.77 10.13 28.89
CA ARG B 315 -16.12 11.45 28.78
C ARG B 315 -15.66 11.71 27.36
N GLY B 316 -15.09 10.70 26.70
CA GLY B 316 -14.70 10.85 25.31
C GLY B 316 -15.87 11.10 24.38
N GLU B 317 -16.99 10.40 24.60
CA GLU B 317 -18.19 10.64 23.80
C GLU B 317 -18.75 12.04 24.03
N GLU B 318 -18.74 12.51 25.28
CA GLU B 318 -19.20 13.87 25.56
C GLU B 318 -18.30 14.90 24.91
N TYR B 319 -16.99 14.68 24.94
CA TYR B 319 -16.06 15.58 24.25
C TYR B 319 -16.28 15.58 22.75
N ARG B 320 -16.54 14.40 22.17
CA ARG B 320 -16.83 14.31 20.74
C ARG B 320 -18.10 15.06 20.40
N LYS B 321 -19.15 14.91 21.21
CA LYS B 321 -20.39 15.64 20.98
C LYS B 321 -20.21 17.14 21.10
N ALA B 322 -19.43 17.58 22.10
CA ALA B 322 -19.16 19.01 22.26
C ALA B 322 -18.39 19.58 21.08
N ILE B 323 -17.38 18.84 20.60
CA ILE B 323 -16.55 19.38 19.52
C ILE B 323 -17.29 19.31 18.19
N THR B 324 -18.24 18.37 18.04
CA THR B 324 -19.02 18.34 16.80
C THR B 324 -20.23 19.26 16.86
N ALA B 325 -20.61 19.73 18.04
CA ALA B 325 -21.67 20.73 18.15
C ALA B 325 -21.13 22.15 18.19
N ALA B 326 -19.85 22.33 18.51
CA ALA B 326 -19.26 23.66 18.49
C ALA B 326 -19.17 24.22 17.07
N LEU B 327 -18.87 23.37 16.09
CA LEU B 327 -18.78 23.81 14.71
C LEU B 327 -20.14 24.13 14.10
N ARG B 328 -21.24 23.70 14.73
CA ARG B 328 -22.56 24.07 14.25
C ARG B 328 -22.78 25.58 14.35
N SER B 329 -22.35 26.18 15.46
CA SER B 329 -22.36 27.63 15.57
C SER B 329 -21.18 28.23 14.83
N ASP B 330 -21.25 29.55 14.62
CA ASP B 330 -20.13 30.26 14.00
C ASP B 330 -18.97 30.34 14.98
N PRO B 331 -17.86 29.64 14.73
CA PRO B 331 -16.83 29.50 15.76
C PRO B 331 -15.90 30.71 15.89
N ASP B 332 -15.55 31.33 14.77
CA ASP B 332 -14.53 32.38 14.70
C ASP B 332 -13.23 31.92 15.35
N ILE B 333 -13.19 31.94 16.68
CA ILE B 333 -12.11 31.36 17.46
C ILE B 333 -12.69 30.20 18.25
N ILE B 334 -12.19 29.00 18.01
CA ILE B 334 -12.81 27.79 18.54
C ILE B 334 -12.29 27.40 19.92
N MET B 335 -11.03 27.70 20.24
CA MET B 335 -10.39 27.48 21.54
C MET B 335 -10.64 26.10 22.14
N PRO B 336 -10.10 25.04 21.57
CA PRO B 336 -10.23 23.71 22.18
C PRO B 336 -9.19 23.48 23.25
N GLY B 337 -9.20 22.25 23.79
CA GLY B 337 -8.22 21.87 24.79
C GLY B 337 -7.96 20.39 24.85
N GLU B 338 -6.68 20.01 25.01
CA GLU B 338 -6.24 18.63 25.21
C GLU B 338 -6.68 17.74 24.04
N ALA B 339 -6.10 18.05 22.87
CA ALA B 339 -6.35 17.27 21.66
C ALA B 339 -5.65 15.93 21.81
N ARG B 340 -6.40 14.92 22.26
CA ARG B 340 -5.82 13.63 22.60
C ARG B 340 -6.14 12.53 21.61
N ASP B 341 -7.23 12.65 20.85
CA ASP B 341 -7.66 11.60 19.96
C ASP B 341 -7.31 11.92 18.52
N ALA B 342 -6.98 10.88 17.75
CA ALA B 342 -6.64 11.06 16.34
C ALA B 342 -7.83 11.57 15.52
N GLU B 343 -9.02 11.03 15.77
CA GLU B 343 -10.20 11.50 15.04
C GLU B 343 -10.57 12.93 15.42
N VAL B 344 -10.39 13.28 16.70
CA VAL B 344 -10.69 14.64 17.15
C VAL B 344 -9.79 15.65 16.45
N ILE B 345 -8.48 15.38 16.41
CA ILE B 345 -7.57 16.32 15.77
C ILE B 345 -7.74 16.28 14.25
N ASN B 346 -8.15 15.14 13.69
CA ASN B 346 -8.44 15.07 12.25
C ASN B 346 -9.63 15.95 11.90
N LEU B 347 -10.68 15.92 12.72
CA LEU B 347 -11.81 16.84 12.54
C LEU B 347 -11.41 18.28 12.78
N LEU B 348 -10.52 18.53 13.74
CA LEU B 348 -10.07 19.89 14.05
C LEU B 348 -9.29 20.48 12.87
N PHE B 349 -8.47 19.68 12.21
CA PHE B 349 -7.70 20.17 11.07
C PHE B 349 -8.58 20.58 9.90
N THR B 350 -9.76 19.95 9.74
CA THR B 350 -10.68 20.38 8.71
C THR B 350 -11.22 21.77 9.00
N ALA B 351 -11.63 22.02 10.24
CA ALA B 351 -12.09 23.35 10.61
C ALA B 351 -10.96 24.37 10.60
N ALA B 352 -9.72 23.93 10.78
CA ALA B 352 -8.58 24.84 10.71
C ALA B 352 -8.43 25.44 9.31
N MET B 353 -8.60 24.61 8.28
CA MET B 353 -8.48 25.07 6.90
C MET B 353 -9.82 25.50 6.31
N THR B 354 -10.92 25.31 7.03
CA THR B 354 -12.22 25.80 6.55
C THR B 354 -12.28 27.33 6.58
N GLY B 355 -11.49 27.97 7.43
CA GLY B 355 -11.54 29.41 7.55
C GLY B 355 -11.69 29.90 8.97
N HIS B 356 -11.36 29.04 9.93
CA HIS B 356 -11.42 29.38 11.35
C HIS B 356 -10.01 29.52 11.90
N GLN B 357 -9.93 29.84 13.19
CA GLN B 357 -8.66 29.92 13.90
C GLN B 357 -8.74 29.05 15.14
N VAL B 358 -7.72 28.22 15.34
CA VAL B 358 -7.71 27.20 16.38
C VAL B 358 -6.51 27.43 17.30
N TRP B 359 -6.75 27.40 18.60
CA TRP B 359 -5.70 27.49 19.62
C TRP B 359 -5.80 26.25 20.50
N THR B 360 -4.98 25.23 20.21
CA THR B 360 -5.00 23.99 20.95
C THR B 360 -3.62 23.70 21.53
N SER B 361 -3.59 22.79 22.50
CA SER B 361 -2.37 22.41 23.18
C SER B 361 -2.28 20.89 23.26
N LEU B 362 -1.06 20.37 23.16
CA LEU B 362 -0.80 18.94 23.26
C LEU B 362 0.55 18.74 23.94
N HIS B 363 0.93 17.48 24.12
CA HIS B 363 2.17 17.12 24.80
C HIS B 363 3.24 16.79 23.77
N ALA B 364 4.32 17.57 23.78
CA ALA B 364 5.45 17.37 22.86
C ALA B 364 6.67 18.06 23.47
N ASN B 365 7.74 18.15 22.69
CA ASN B 365 8.96 18.78 23.14
C ASN B 365 9.78 19.24 21.95
N ASN B 366 10.73 20.14 22.20
CA ASN B 366 11.73 20.67 21.28
C ASN B 366 11.12 21.50 20.14
N ALA B 367 9.80 21.71 20.13
CA ALA B 367 9.08 22.54 19.16
C ALA B 367 9.18 22.04 17.73
N LEU B 368 9.81 20.89 17.49
CA LEU B 368 9.88 20.28 16.17
C LEU B 368 9.37 18.85 16.13
N ALA B 369 9.32 18.16 17.27
CA ALA B 369 8.74 16.83 17.34
C ALA B 369 7.21 16.86 17.33
N ILE B 370 6.62 18.06 17.32
CA ILE B 370 5.16 18.17 17.24
C ILE B 370 4.66 17.59 15.94
N PHE B 371 5.38 17.84 14.84
CA PHE B 371 4.98 17.28 13.55
C PHE B 371 5.07 15.76 13.55
N ASP B 372 6.02 15.21 14.30
CA ASP B 372 6.09 13.76 14.46
C ASP B 372 4.86 13.23 15.19
N ARG B 373 4.40 13.96 16.21
CA ARG B 373 3.16 13.59 16.90
C ARG B 373 1.96 13.66 15.96
N LEU B 374 1.91 14.70 15.11
CA LEU B 374 0.82 14.83 14.15
C LEU B 374 0.82 13.68 13.16
N LYS B 375 2.00 13.29 12.65
CA LYS B 375 2.11 12.16 11.75
C LYS B 375 1.77 10.84 12.45
N ASP B 376 2.08 10.71 13.73
CA ASP B 376 1.66 9.54 14.50
C ASP B 376 0.15 9.49 14.62
N GLN B 377 -0.49 10.65 14.80
CA GLN B 377 -1.95 10.69 14.86
C GLN B 377 -2.58 10.41 13.51
N GLY B 378 -1.83 10.60 12.42
CA GLY B 378 -2.35 10.29 11.10
C GLY B 378 -2.99 11.46 10.40
N VAL B 379 -2.27 12.59 10.30
CA VAL B 379 -2.81 13.78 9.64
C VAL B 379 -2.33 13.92 8.21
N ASP B 380 -1.56 12.96 7.70
CA ASP B 380 -1.02 12.91 6.34
C ASP B 380 -0.04 14.04 6.04
N GLU B 381 0.76 13.87 4.99
CA GLU B 381 1.82 14.82 4.67
C GLU B 381 1.31 16.10 4.03
N PHE B 382 0.25 16.04 3.23
CA PHE B 382 -0.19 17.21 2.47
C PHE B 382 -0.83 18.28 3.35
N LYS B 383 -1.48 17.89 4.45
CA LYS B 383 -2.11 18.86 5.33
C LYS B 383 -1.11 19.74 6.07
N LEU B 384 0.08 19.22 6.35
CA LEU B 384 1.09 19.96 7.10
C LEU B 384 2.06 20.71 6.21
N THR B 385 1.88 20.66 4.88
CA THR B 385 2.79 21.35 3.98
C THR B 385 2.38 22.81 3.76
N ASP B 386 1.21 23.20 4.23
CA ASP B 386 0.71 24.55 4.01
C ASP B 386 1.36 25.53 4.98
N PRO B 387 2.06 26.56 4.49
CA PRO B 387 2.57 27.59 5.42
C PRO B 387 1.47 28.49 5.93
N GLU B 388 0.36 28.63 5.20
CA GLU B 388 -0.72 29.49 5.63
C GLU B 388 -1.54 28.84 6.73
N LEU B 389 -1.63 27.51 6.73
CA LEU B 389 -2.43 26.81 7.74
C LEU B 389 -1.80 26.92 9.12
N ILE B 390 -0.59 26.38 9.29
CA ILE B 390 0.14 26.52 10.54
C ILE B 390 0.51 27.99 10.73
N THR B 391 0.29 28.51 11.93
CA THR B 391 0.61 29.91 12.21
C THR B 391 1.69 30.10 13.26
N GLY B 392 2.01 29.08 14.04
CA GLY B 392 3.07 29.20 15.03
C GLY B 392 3.16 28.01 15.96
N LEU B 393 4.38 27.69 16.39
CA LEU B 393 4.62 26.61 17.35
C LEU B 393 5.25 27.21 18.59
N VAL B 394 4.75 26.82 19.77
CA VAL B 394 5.26 27.32 21.03
C VAL B 394 5.56 26.14 21.94
N ALA B 395 6.80 26.06 22.43
CA ALA B 395 7.21 25.04 23.37
C ALA B 395 7.72 25.71 24.63
N GLN B 396 7.12 25.37 25.78
CA GLN B 396 7.44 26.02 27.04
C GLN B 396 7.67 25.00 28.14
N ARG B 397 8.60 25.32 29.04
CA ARG B 397 8.88 24.54 30.23
C ARG B 397 8.82 25.47 31.43
N LEU B 398 8.64 24.88 32.62
CA LEU B 398 8.56 25.64 33.86
C LEU B 398 9.75 25.31 34.74
N VAL B 399 10.48 26.34 35.17
CA VAL B 399 11.65 26.15 36.02
C VAL B 399 11.55 27.07 37.23
N ARG B 400 12.11 26.62 38.35
CA ARG B 400 12.06 27.40 39.58
C ARG B 400 12.87 28.68 39.45
N LYS B 401 12.32 29.76 39.99
CA LYS B 401 12.93 31.09 39.89
C LYS B 401 13.54 31.47 41.24
N LEU B 402 14.79 31.92 41.22
CA LEU B 402 15.47 32.30 42.45
C LEU B 402 14.91 33.59 43.02
N CYS B 403 14.96 33.70 44.35
CA CYS B 403 14.53 34.91 45.02
C CYS B 403 15.52 36.04 44.76
N ALA B 404 15.01 37.22 44.39
CA ALA B 404 15.87 38.36 44.16
C ALA B 404 16.49 38.89 45.45
N GLN B 405 15.71 38.89 46.54
CA GLN B 405 16.23 39.35 47.83
C GLN B 405 17.21 38.36 48.44
N CYS B 406 16.91 37.06 48.37
CA CYS B 406 17.76 36.02 48.95
C CYS B 406 18.56 35.39 47.83
N SER B 407 19.69 36.02 47.49
CA SER B 407 20.56 35.53 46.45
C SER B 407 22.01 35.67 46.89
N ILE B 408 22.86 34.75 46.43
CA ILE B 408 24.28 34.78 46.73
C ILE B 408 25.06 34.62 45.43
N THR B 409 26.30 35.09 45.44
CA THR B 409 27.15 34.99 44.27
C THR B 409 27.88 33.65 44.24
N LEU B 410 28.77 33.49 43.26
CA LEU B 410 29.51 32.24 43.13
C LEU B 410 30.48 32.06 44.30
N THR B 411 31.19 33.13 44.68
CA THR B 411 32.15 33.04 45.78
C THR B 411 31.45 32.73 47.10
N GLU B 412 30.31 33.39 47.35
CA GLU B 412 29.56 33.11 48.58
C GLU B 412 28.99 31.70 48.58
N TYR B 413 28.65 31.17 47.40
CA TYR B 413 28.14 29.80 47.34
C TYR B 413 29.24 28.78 47.58
N ILE B 414 30.40 28.97 46.97
CA ILE B 414 31.49 28.01 47.15
C ILE B 414 32.16 28.18 48.50
N ALA B 415 31.93 29.31 49.19
CA ALA B 415 32.51 29.49 50.51
C ALA B 415 31.85 28.59 51.56
N SER B 416 30.62 28.15 51.30
CA SER B 416 29.87 27.31 52.24
C SER B 416 29.31 26.10 51.49
N GLY B 417 30.12 25.06 51.38
CA GLY B 417 29.69 23.80 50.78
C GLY B 417 29.28 23.90 49.32
N GLY B 418 30.04 24.63 48.52
CA GLY B 418 29.68 24.82 47.13
C GLY B 418 30.17 23.67 46.27
N GLY B 419 29.24 22.96 45.61
CA GLY B 419 29.59 21.90 44.71
C GLY B 419 29.07 22.14 43.31
N ILE B 420 29.98 22.36 42.36
CA ILE B 420 29.64 22.64 40.97
C ILE B 420 30.38 21.65 40.08
N SER B 421 29.65 21.02 39.16
CA SER B 421 30.23 20.04 38.26
C SER B 421 31.15 20.71 37.24
N ASP B 422 32.01 19.91 36.62
CA ASP B 422 32.95 20.39 35.62
C ASP B 422 32.24 20.92 34.37
N THR B 423 31.19 20.23 33.92
CA THR B 423 30.45 20.68 32.74
C THR B 423 29.72 21.99 32.95
N ASP B 424 29.32 22.28 34.20
CA ASP B 424 28.64 23.54 34.50
C ASP B 424 29.55 24.75 34.37
N ARG B 425 30.84 24.60 34.65
CA ARG B 425 31.78 25.72 34.58
C ARG B 425 31.91 26.27 33.16
N LYS B 426 31.64 25.47 32.14
CA LYS B 426 31.62 25.99 30.78
C LYS B 426 30.45 26.95 30.58
N ILE B 427 29.31 26.68 31.22
CA ILE B 427 28.15 27.55 31.09
C ILE B 427 28.39 28.89 31.78
N ILE B 428 28.96 28.85 32.99
CA ILE B 428 29.16 30.08 33.75
C ILE B 428 30.48 30.75 33.41
N SER B 429 31.18 30.27 32.39
CA SER B 429 32.47 30.85 32.02
C SER B 429 32.28 32.24 31.45
N GLY B 430 32.98 33.21 32.02
CA GLY B 430 32.94 34.60 31.58
C GLY B 430 31.90 35.46 32.27
N HIS B 431 30.96 34.83 32.97
CA HIS B 431 29.88 35.54 33.67
C HIS B 431 29.72 34.99 35.07
N GLU B 432 30.84 34.84 35.78
CA GLU B 432 30.81 34.27 37.13
C GLU B 432 30.11 35.20 38.12
N THR B 433 30.34 36.51 37.99
CA THR B 433 29.76 37.46 38.94
C THR B 433 28.27 37.66 38.70
N SER B 434 27.81 37.57 37.45
CA SER B 434 26.41 37.85 37.15
C SER B 434 25.50 36.71 37.59
N VAL B 435 26.03 35.50 37.73
CA VAL B 435 25.20 34.36 38.10
C VAL B 435 24.82 34.45 39.58
N ARG B 436 23.75 33.76 39.94
CA ARG B 436 23.25 33.73 41.31
C ARG B 436 22.92 32.29 41.72
N PHE B 437 22.92 32.07 43.04
CA PHE B 437 22.68 30.77 43.62
C PHE B 437 21.63 30.88 44.72
N PRO B 438 20.91 29.80 45.01
CA PRO B 438 19.92 29.84 46.10
C PRO B 438 20.57 30.13 47.44
N ASN B 439 19.86 30.89 48.27
CA ASN B 439 20.36 31.33 49.56
C ASN B 439 19.93 30.35 50.64
N PRO B 440 20.85 29.69 51.32
CA PRO B 440 20.47 28.75 52.38
C PRO B 440 20.06 29.44 53.67
N ARG B 441 19.85 28.64 54.73
CA ARG B 441 19.55 29.02 56.12
C ARG B 441 18.13 29.52 56.33
N ALA B 442 17.32 29.65 55.27
CA ALA B 442 15.89 29.93 55.35
C ALA B 442 15.62 31.25 56.10
N LYS B 443 16.03 32.35 55.46
CA LYS B 443 15.88 33.67 56.05
C LYS B 443 14.40 34.07 56.12
N LYS B 444 14.19 35.27 56.67
CA LYS B 444 12.82 35.76 56.89
C LYS B 444 12.07 35.96 55.58
N CYS B 445 12.75 36.45 54.55
CA CYS B 445 12.12 36.62 53.26
C CYS B 445 11.80 35.27 52.63
N CYS B 446 10.75 35.27 51.80
CA CYS B 446 10.24 34.12 51.04
C CYS B 446 10.13 32.85 51.87
N ARG B 447 10.28 31.69 51.23
CA ARG B 447 10.17 30.41 51.93
C ARG B 447 11.47 29.64 51.94
N ASP B 448 12.05 29.36 50.76
CA ASP B 448 13.27 28.57 50.65
C ASP B 448 14.22 29.14 49.60
N GLY B 449 14.11 30.42 49.29
CA GLY B 449 14.90 31.02 48.24
C GLY B 449 14.28 30.92 46.86
N TYR B 450 13.14 30.25 46.72
CA TYR B 450 12.43 30.12 45.45
C TYR B 450 11.08 30.79 45.59
N ASN B 451 10.78 31.74 44.70
CA ASN B 451 9.50 32.43 44.68
C ASN B 451 8.85 32.21 43.32
N GLY B 452 7.81 31.39 43.30
CA GLY B 452 7.11 31.10 42.07
C GLY B 452 7.91 30.20 41.13
N ARG B 453 7.41 30.11 39.91
CA ARG B 453 8.04 29.28 38.88
C ARG B 453 7.90 29.98 37.54
N THR B 454 9.02 30.28 36.89
CA THR B 454 9.02 31.03 35.66
C THR B 454 9.01 30.10 34.44
N ILE B 455 8.87 30.70 33.27
CA ILE B 455 8.64 29.98 32.03
C ILE B 455 9.84 30.18 31.11
N LEU B 456 10.36 29.09 30.56
CA LEU B 456 11.38 29.11 29.52
C LEU B 456 10.71 28.60 28.25
N ALA B 457 10.56 29.48 27.25
CA ALA B 457 9.76 29.13 26.10
C ALA B 457 10.46 29.55 24.82
N GLU B 458 10.10 28.85 23.74
CA GLU B 458 10.56 29.18 22.40
C GLU B 458 9.37 29.16 21.46
N VAL B 459 9.42 30.03 20.46
CA VAL B 459 8.36 30.17 19.46
C VAL B 459 8.98 30.10 18.07
N ILE B 460 8.38 29.28 17.22
CA ILE B 460 8.82 29.11 15.83
C ILE B 460 7.71 29.58 14.92
N GLU B 461 8.02 30.52 14.03
CA GLU B 461 7.10 30.98 13.01
C GLU B 461 7.26 30.11 11.78
N PRO B 462 6.20 29.44 11.31
CA PRO B 462 6.35 28.54 10.16
C PRO B 462 6.67 29.29 8.88
N ASP B 463 7.38 28.60 8.00
CA ASP B 463 7.76 29.14 6.69
C ASP B 463 7.62 28.02 5.66
N SER B 464 7.60 28.42 4.39
CA SER B 464 7.46 27.44 3.31
C SER B 464 8.66 26.51 3.23
N LYS B 465 9.88 27.08 3.20
CA LYS B 465 11.08 26.26 3.14
C LYS B 465 11.28 25.45 4.41
N LEU B 466 10.98 26.03 5.56
CA LEU B 466 11.13 25.31 6.83
C LEU B 466 10.19 24.13 6.90
N LEU B 467 8.94 24.29 6.48
CA LEU B 467 8.01 23.17 6.47
C LEU B 467 8.35 22.16 5.40
N ARG B 468 8.88 22.60 4.26
CA ARG B 468 9.29 21.68 3.21
C ARG B 468 10.46 20.81 3.66
N LEU B 469 11.40 21.38 4.43
CA LEU B 469 12.52 20.60 4.93
C LEU B 469 12.05 19.51 5.90
N VAL B 470 11.11 19.84 6.78
CA VAL B 470 10.59 18.85 7.73
C VAL B 470 9.77 17.80 7.00
N ALA B 471 9.01 18.21 5.98
CA ALA B 471 8.17 17.28 5.23
C ALA B 471 9.00 16.22 4.50
N GLU B 472 10.25 16.54 4.16
CA GLU B 472 11.14 15.56 3.57
C GLU B 472 11.76 14.62 4.60
N GLY B 473 11.50 14.85 5.89
CA GLY B 473 12.08 14.02 6.93
C GLY B 473 13.58 14.15 7.06
N LYS B 474 14.13 15.34 6.86
CA LYS B 474 15.56 15.54 6.99
C LYS B 474 16.01 15.46 8.45
N ARG B 475 15.29 16.14 9.34
CA ARG B 475 15.59 16.27 10.77
C ARG B 475 16.98 16.86 11.02
N GLU B 476 17.56 17.51 10.04
CA GLU B 476 18.89 18.10 10.15
C GLU B 476 19.00 19.21 9.11
N ASP B 477 19.61 20.33 9.51
CA ASP B 477 19.78 21.58 8.77
C ASP B 477 18.48 22.35 8.63
N ALA B 478 17.33 21.77 9.02
CA ALA B 478 16.12 22.55 9.17
C ALA B 478 16.16 23.38 10.45
N GLN B 479 16.68 22.79 11.53
CA GLN B 479 16.93 23.55 12.75
C GLN B 479 17.95 24.65 12.52
N HIS B 480 19.01 24.35 11.76
CA HIS B 480 20.00 25.38 11.43
C HIS B 480 19.39 26.50 10.58
N TYR B 481 18.54 26.14 9.61
CA TYR B 481 17.87 27.14 8.79
C TYR B 481 16.93 28.01 9.62
N TRP B 482 16.21 27.40 10.57
CA TRP B 482 15.32 28.17 11.43
C TRP B 482 16.11 29.08 12.37
N LEU B 483 17.26 28.59 12.87
CA LEU B 483 18.04 29.36 13.82
C LEU B 483 18.81 30.50 13.16
N THR B 484 19.20 30.33 11.89
CA THR B 484 20.02 31.35 11.22
C THR B 484 19.19 32.28 10.35
N SER B 485 18.41 31.73 9.43
CA SER B 485 17.68 32.56 8.48
C SER B 485 16.48 33.23 9.13
N LEU B 486 15.73 32.50 9.95
CA LEU B 486 14.54 33.05 10.58
C LEU B 486 14.85 33.83 11.85
N HIS B 487 16.12 33.88 12.28
CA HIS B 487 16.56 34.59 13.48
C HIS B 487 15.82 34.10 14.72
N GLY B 488 15.56 32.80 14.78
CA GLY B 488 14.89 32.21 15.92
C GLY B 488 15.82 32.01 17.10
N MET B 489 15.22 31.66 18.24
CA MET B 489 15.95 31.41 19.48
C MET B 489 15.55 30.05 20.02
N ALA B 490 16.56 29.21 20.30
CA ALA B 490 16.31 27.88 20.82
C ALA B 490 15.94 27.93 22.30
N LEU B 491 15.36 26.83 22.78
CA LEU B 491 15.01 26.71 24.18
C LEU B 491 16.26 26.73 25.06
N LYS B 492 17.31 26.05 24.63
CA LYS B 492 18.58 26.07 25.36
C LYS B 492 19.18 27.47 25.38
N GLU B 493 19.06 28.20 24.26
CA GLU B 493 19.54 29.57 24.21
C GLU B 493 18.76 30.47 25.17
N HIS B 494 17.43 30.31 25.22
CA HIS B 494 16.64 31.09 26.17
C HIS B 494 16.98 30.76 27.61
N ALA B 495 17.23 29.48 27.90
CA ALA B 495 17.67 29.10 29.24
C ALA B 495 19.02 29.72 29.59
N TRP B 496 19.97 29.70 28.65
CA TRP B 496 21.28 30.29 28.90
C TRP B 496 21.20 31.80 29.09
N LEU B 497 20.30 32.46 28.37
CA LEU B 497 20.13 33.90 28.55
C LEU B 497 19.66 34.26 29.96
N LYS B 498 18.73 33.48 30.51
CA LYS B 498 18.30 33.73 31.88
C LYS B 498 19.36 33.28 32.88
N ILE B 499 20.17 32.28 32.53
CA ILE B 499 21.28 31.88 33.40
C ILE B 499 22.29 33.01 33.52
N ILE B 500 22.61 33.68 32.40
CA ILE B 500 23.53 34.81 32.45
C ILE B 500 22.96 35.95 33.29
N SER B 501 21.67 36.24 33.13
CA SER B 501 21.03 37.30 33.91
C SER B 501 20.88 36.94 35.38
N GLY B 502 21.03 35.68 35.76
CA GLY B 502 20.92 35.28 37.14
C GLY B 502 19.50 35.11 37.65
N GLU B 503 18.52 35.00 36.76
CA GLU B 503 17.13 34.85 37.21
C GLU B 503 16.89 33.47 37.79
N ILE B 504 17.54 32.44 37.23
CA ILE B 504 17.34 31.06 37.66
C ILE B 504 18.69 30.43 37.94
N CYS B 505 18.66 29.36 38.73
CA CYS B 505 19.88 28.64 39.09
C CYS B 505 20.29 27.68 37.98
N VAL B 506 21.60 27.49 37.83
CA VAL B 506 22.12 26.60 36.81
C VAL B 506 21.81 25.14 37.13
N MET B 507 21.75 24.78 38.42
CA MET B 507 21.52 23.40 38.81
C MET B 507 20.14 22.93 38.38
N ASP B 508 19.12 23.78 38.53
CA ASP B 508 17.78 23.41 38.07
C ASP B 508 17.68 23.49 36.56
N ALA B 509 18.39 24.43 35.93
CA ALA B 509 18.33 24.56 34.47
C ALA B 509 18.92 23.34 33.78
N VAL B 510 20.03 22.81 34.30
CA VAL B 510 20.61 21.61 33.71
C VAL B 510 19.70 20.41 33.91
N ASN B 511 19.09 20.29 35.10
CA ASN B 511 18.24 19.14 35.38
C ASN B 511 16.90 19.23 34.64
N LYS B 512 16.53 20.41 34.18
CA LYS B 512 15.27 20.55 33.44
C LYS B 512 15.48 20.67 31.93
N ILE B 513 16.57 21.31 31.52
CA ILE B 513 16.86 21.52 30.10
C ILE B 513 18.21 20.86 29.79
N SER B 514 18.22 20.04 28.75
CA SER B 514 19.42 19.31 28.35
C SER B 514 20.11 20.02 27.19
N GLY B 515 21.41 19.74 27.05
CA GLY B 515 22.18 20.29 25.95
C GLY B 515 22.56 21.74 26.09
N ILE B 516 22.49 22.30 27.30
CA ILE B 516 22.84 23.71 27.50
C ILE B 516 24.34 23.92 27.29
N ASP B 517 25.16 22.96 27.70
CA ASP B 517 26.60 23.09 27.58
C ASP B 517 27.09 22.92 26.15
N ASN B 518 26.24 22.51 25.22
CA ASN B 518 26.63 22.28 23.84
C ASN B 518 26.57 23.54 22.98
N ILE B 519 26.19 24.68 23.55
CA ILE B 519 26.11 25.92 22.78
C ILE B 519 27.51 26.43 22.51
N THR B 520 27.78 26.76 21.25
CA THR B 520 29.09 27.26 20.86
C THR B 520 29.30 28.68 21.37
N GLU B 521 30.57 29.06 21.47
CA GLU B 521 30.91 30.40 21.97
C GLU B 521 30.45 31.49 21.02
N GLU B 522 30.54 31.25 19.70
CA GLU B 522 30.08 32.23 18.73
C GLU B 522 28.57 32.46 18.86
N ARG B 523 27.80 31.40 19.11
CA ARG B 523 26.38 31.56 19.36
C ARG B 523 26.12 32.33 20.65
N LYS B 524 26.91 32.06 21.69
CA LYS B 524 26.74 32.77 22.97
C LYS B 524 27.01 34.25 22.81
N LYS B 525 28.05 34.62 22.05
CA LYS B 525 28.35 36.02 21.83
C LYS B 525 27.22 36.73 21.07
N TYR B 526 26.69 36.07 20.05
CA TYR B 526 25.57 36.65 19.30
C TYR B 526 24.32 36.80 20.15
N LEU B 527 24.05 35.81 21.01
CA LEU B 527 22.90 35.91 21.92
C LEU B 527 23.08 37.04 22.92
N PHE B 528 24.29 37.19 23.46
CA PHE B 528 24.53 38.25 24.44
C PHE B 528 24.52 39.64 23.82
N SER B 529 24.97 39.78 22.57
CA SER B 529 25.01 41.09 21.93
C SER B 529 23.61 41.66 21.73
N ARG B 530 22.66 40.82 21.31
CA ARG B 530 21.30 41.31 21.07
C ARG B 530 20.63 41.70 22.39
N ASP B 531 20.89 40.98 23.46
CA ASP B 531 20.33 41.34 24.75
C ASP B 531 20.98 42.58 25.33
N ASN B 532 22.28 42.77 25.08
CA ASN B 532 22.97 43.96 25.61
C ASN B 532 22.57 45.21 24.84
N GLU B 533 22.38 45.10 23.52
CA GLU B 533 22.05 46.27 22.72
C GLU B 533 20.61 46.74 22.93
N ILE B 534 19.75 45.90 23.51
CA ILE B 534 18.37 46.28 23.75
C ILE B 534 18.22 46.66 25.22
N VAL C 107 -42.80 34.51 27.57
CA VAL C 107 -44.02 34.37 26.80
C VAL C 107 -43.68 34.28 25.32
N GLU C 108 -44.47 33.50 24.58
CA GLU C 108 -44.20 33.27 23.16
C GLU C 108 -44.38 34.54 22.33
N LYS C 109 -45.23 35.47 22.77
CA LYS C 109 -45.42 36.71 22.02
C LYS C 109 -44.18 37.59 22.05
N ARG C 110 -43.46 37.63 23.18
CA ARG C 110 -42.21 38.37 23.25
C ARG C 110 -41.17 37.80 22.30
N ALA C 111 -41.06 36.47 22.26
CA ALA C 111 -40.15 35.82 21.33
C ALA C 111 -40.53 36.08 19.88
N SER C 112 -41.84 36.04 19.58
CA SER C 112 -42.29 36.32 18.21
C SER C 112 -41.97 37.76 17.81
N MET C 113 -42.20 38.71 18.71
CA MET C 113 -41.86 40.11 18.44
C MET C 113 -40.36 40.31 18.27
N LEU C 114 -39.54 39.66 19.10
CA LEU C 114 -38.09 39.78 18.95
C LEU C 114 -37.63 39.19 17.61
N LEU C 115 -38.19 38.04 17.23
CA LEU C 115 -37.84 37.43 15.95
C LEU C 115 -38.27 38.32 14.79
N PHE C 116 -39.45 38.93 14.88
CA PHE C 116 -39.95 39.79 13.81
C PHE C 116 -39.10 41.04 13.67
N GLU C 117 -38.71 41.65 14.79
CA GLU C 117 -37.89 42.86 14.70
C GLU C 117 -36.46 42.53 14.31
N CYS C 118 -36.00 41.31 14.61
CA CYS C 118 -34.66 40.91 14.20
C CYS C 118 -34.59 40.56 12.72
N ALA C 119 -35.67 40.00 12.17
CA ALA C 119 -35.69 39.62 10.76
C ALA C 119 -35.63 40.84 9.85
N GLU C 120 -36.38 41.89 10.19
CA GLU C 120 -36.43 43.10 9.39
C GLU C 120 -35.18 43.95 9.52
N MET C 121 -34.29 43.63 10.46
CA MET C 121 -33.08 44.42 10.67
C MET C 121 -31.94 44.00 9.75
N ARG C 122 -32.15 42.97 8.91
CA ARG C 122 -31.15 42.46 7.97
C ARG C 122 -29.89 42.01 8.71
N VAL C 123 -30.08 40.98 9.53
CA VAL C 123 -29.02 40.42 10.37
C VAL C 123 -28.51 39.14 9.71
N SER C 124 -27.34 38.70 10.18
CA SER C 124 -26.74 37.46 9.67
C SER C 124 -27.00 36.29 10.62
N ASP C 125 -26.56 36.40 11.87
CA ASP C 125 -26.70 35.34 12.86
C ASP C 125 -27.21 35.93 14.17
N LEU C 126 -27.88 35.09 14.95
CA LEU C 126 -28.42 35.51 16.24
C LEU C 126 -27.78 34.68 17.35
N HIS C 127 -27.28 35.38 18.38
CA HIS C 127 -26.67 34.74 19.54
C HIS C 127 -27.42 35.16 20.79
N ILE C 128 -27.78 34.19 21.62
CA ILE C 128 -28.37 34.45 22.93
C ILE C 128 -27.53 33.72 23.97
N LYS C 129 -26.95 34.47 24.91
CA LYS C 129 -26.12 33.90 25.95
C LYS C 129 -26.77 34.11 27.31
N VAL C 130 -26.79 33.06 28.13
CA VAL C 130 -27.38 33.11 29.47
C VAL C 130 -26.29 32.86 30.49
N TYR C 131 -26.16 33.77 31.45
CA TYR C 131 -25.18 33.67 32.52
C TYR C 131 -25.80 33.48 33.88
N ASP C 132 -27.06 33.03 33.94
CA ASP C 132 -27.90 32.71 35.10
C ASP C 132 -28.37 33.97 35.84
N ALA C 133 -27.86 35.15 35.51
CA ALA C 133 -28.32 36.40 36.11
C ALA C 133 -28.87 37.35 35.06
N GLU C 134 -28.31 37.35 33.86
CA GLU C 134 -28.83 38.13 32.74
C GLU C 134 -28.48 37.41 31.45
N ALA C 135 -29.21 37.72 30.38
CA ALA C 135 -29.01 37.13 29.08
C ALA C 135 -28.69 38.22 28.07
N ASP C 136 -27.58 38.03 27.35
CA ASP C 136 -27.11 38.99 26.36
C ASP C 136 -27.54 38.55 24.97
N ILE C 137 -27.99 39.53 24.17
CA ILE C 137 -28.43 39.30 22.80
C ILE C 137 -27.41 39.92 21.86
N TYR C 138 -26.96 39.14 20.88
CA TYR C 138 -26.01 39.60 19.88
C TYR C 138 -26.57 39.34 18.48
N ILE C 139 -26.40 40.31 17.59
CA ILE C 139 -26.81 40.18 16.21
C ILE C 139 -25.64 40.56 15.32
N ARG C 140 -25.36 39.71 14.33
CA ARG C 140 -24.25 39.92 13.41
C ARG C 140 -24.71 40.90 12.33
N LYS C 141 -24.76 42.18 12.69
CA LYS C 141 -25.04 43.24 11.73
C LYS C 141 -23.86 43.36 10.79
N ASP C 142 -24.13 43.34 9.48
CA ASP C 142 -23.11 43.35 8.42
C ASP C 142 -22.21 42.13 8.64
N GLY C 143 -20.96 42.30 9.07
CA GLY C 143 -20.07 41.18 9.28
C GLY C 143 -19.63 40.91 10.71
N ASP C 144 -20.03 41.73 11.67
CA ASP C 144 -19.62 41.57 13.06
C ASP C 144 -20.83 41.62 13.98
N MET C 145 -20.71 40.98 15.14
CA MET C 145 -21.79 40.94 16.12
C MET C 145 -21.72 42.17 17.02
N GLU C 146 -22.89 42.57 17.52
CA GLU C 146 -23.00 43.74 18.39
C GLU C 146 -23.97 43.41 19.52
N LEU C 147 -23.65 43.92 20.71
CA LEU C 147 -24.46 43.66 21.90
C LEU C 147 -25.79 44.41 21.77
N LEU C 148 -26.88 43.67 21.60
CA LEU C 148 -28.18 44.31 21.41
C LEU C 148 -28.80 44.74 22.74
N ARG C 149 -29.03 43.79 23.63
CA ARG C 149 -29.68 44.10 24.91
C ARG C 149 -29.36 43.00 25.92
N GLN C 150 -29.78 43.26 27.16
CA GLN C 150 -29.57 42.35 28.29
C GLN C 150 -30.92 42.13 28.97
N ILE C 151 -31.56 41.02 28.64
CA ILE C 151 -32.86 40.66 29.22
C ILE C 151 -32.61 39.86 30.49
N GLU C 152 -33.65 39.71 31.31
CA GLU C 152 -33.52 38.93 32.53
C GLU C 152 -33.60 37.44 32.23
N SER C 153 -33.23 36.63 33.23
CA SER C 153 -33.00 35.20 32.99
C SER C 153 -34.30 34.44 32.79
N ASN C 154 -35.32 34.71 33.60
CA ASN C 154 -36.56 33.94 33.54
C ASN C 154 -37.28 34.13 32.21
N THR C 155 -37.36 35.38 31.73
CA THR C 155 -37.95 35.64 30.42
C THR C 155 -37.15 34.99 29.31
N ALA C 156 -35.82 35.00 29.42
CA ALA C 156 -34.99 34.35 28.41
C ALA C 156 -35.25 32.84 28.36
N HIS C 157 -35.34 32.21 29.53
CA HIS C 157 -35.64 30.78 29.56
C HIS C 157 -37.03 30.49 29.01
N SER C 158 -38.01 31.34 29.33
CA SER C 158 -39.36 31.15 28.83
C SER C 158 -39.42 31.26 27.31
N ILE C 159 -38.76 32.28 26.74
CA ILE C 159 -38.81 32.45 25.29
C ILE C 159 -37.99 31.36 24.60
N LEU C 160 -36.91 30.89 25.22
CA LEU C 160 -36.16 29.76 24.65
C LEU C 160 -37.00 28.49 24.62
N ALA C 161 -37.72 28.22 25.71
CA ALA C 161 -38.60 27.05 25.74
C ALA C 161 -39.72 27.17 24.72
N SER C 162 -40.30 28.37 24.59
CA SER C 162 -41.36 28.59 23.62
C SER C 162 -40.86 28.41 22.19
N LEU C 163 -39.66 28.92 21.90
CA LEU C 163 -39.09 28.78 20.57
C LEU C 163 -38.73 27.33 20.26
N TYR C 164 -38.23 26.59 21.25
CA TYR C 164 -37.88 25.19 21.02
C TYR C 164 -39.12 24.33 20.83
N ASN C 165 -40.16 24.58 21.62
CA ASN C 165 -41.37 23.77 21.53
C ASN C 165 -42.16 24.04 20.25
N ASN C 166 -42.03 25.23 19.66
CA ASN C 166 -42.73 25.53 18.42
C ASN C 166 -42.02 25.00 17.19
N ALA C 167 -40.81 24.47 17.33
CA ALA C 167 -40.11 23.89 16.20
C ALA C 167 -40.77 22.57 15.79
N ASP C 168 -40.69 22.26 14.49
CA ASP C 168 -41.30 21.05 13.98
C ASP C 168 -40.50 19.81 14.36
N ASP C 169 -39.22 19.97 14.68
CA ASP C 169 -38.37 18.88 15.12
C ASP C 169 -38.17 18.99 16.63
N SER C 170 -38.58 17.96 17.36
CA SER C 170 -38.46 17.94 18.80
C SER C 170 -38.38 16.50 19.28
N ASP C 171 -37.75 16.31 20.45
CA ASP C 171 -37.61 15.00 21.07
C ASP C 171 -38.41 14.88 22.37
N ALA C 172 -39.47 15.69 22.51
CA ALA C 172 -40.38 15.71 23.65
C ALA C 172 -39.68 16.03 24.97
N THR C 173 -38.50 16.67 24.92
CA THR C 173 -37.79 17.07 26.12
C THR C 173 -36.85 18.21 25.77
N TYR C 174 -36.52 19.02 26.77
CA TYR C 174 -35.63 20.15 26.53
C TYR C 174 -34.17 19.73 26.64
N LYS C 175 -33.82 18.96 27.69
CA LYS C 175 -32.48 18.44 27.94
C LYS C 175 -31.47 19.60 28.04
N ILE C 176 -31.63 20.38 29.11
CA ILE C 176 -30.82 21.57 29.34
C ILE C 176 -29.34 21.19 29.40
N ASN C 177 -29.02 20.08 30.06
CA ASN C 177 -27.62 19.66 30.18
C ASN C 177 -27.05 19.17 28.85
N ALA C 178 -27.90 18.79 27.90
CA ALA C 178 -27.44 18.23 26.65
C ALA C 178 -27.44 19.28 25.54
N TYR C 179 -26.92 18.89 24.39
CA TYR C 179 -26.87 19.73 23.21
C TYR C 179 -28.05 19.42 22.30
N GLN C 180 -28.69 20.47 21.78
CA GLN C 180 -29.88 20.30 20.96
C GLN C 180 -29.72 21.06 19.65
N ALA C 181 -30.38 20.54 18.61
CA ALA C 181 -30.43 21.21 17.31
C ALA C 181 -31.81 20.99 16.72
N ALA C 182 -32.35 22.02 16.08
CA ALA C 182 -33.69 21.93 15.51
C ALA C 182 -33.81 22.90 14.35
N ARG C 183 -34.89 22.74 13.59
CA ARG C 183 -35.18 23.61 12.45
C ARG C 183 -36.63 24.05 12.50
N ILE C 184 -36.88 25.27 12.04
CA ILE C 184 -38.22 25.82 11.91
C ILE C 184 -38.45 26.14 10.44
N VAL C 185 -39.47 25.53 9.85
CA VAL C 185 -39.74 25.64 8.42
C VAL C 185 -41.04 26.40 8.20
N ALA C 186 -41.23 26.84 6.96
CA ALA C 186 -42.45 27.56 6.58
C ALA C 186 -43.64 26.61 6.55
N SER C 187 -44.83 27.21 6.60
CA SER C 187 -46.15 26.58 6.56
C SER C 187 -46.47 25.77 7.82
N LYS C 188 -45.54 25.67 8.77
CA LYS C 188 -45.79 25.02 10.06
C LYS C 188 -45.10 25.87 11.12
N SER C 189 -45.83 26.87 11.63
CA SER C 189 -45.27 27.80 12.61
C SER C 189 -46.43 28.50 13.30
N ARG C 190 -46.49 28.41 14.62
CA ARG C 190 -47.52 29.08 15.40
C ARG C 190 -47.04 30.39 16.00
N LEU C 191 -45.84 30.85 15.66
CA LEU C 191 -45.28 32.07 16.22
C LEU C 191 -45.29 33.25 15.26
N ALA C 192 -46.11 33.19 14.20
CA ALA C 192 -46.25 34.26 13.20
C ALA C 192 -44.91 34.60 12.56
N LEU C 193 -44.39 33.62 11.83
CA LEU C 193 -43.09 33.76 11.18
C LEU C 193 -43.16 34.86 10.13
N PRO C 194 -42.14 35.72 10.05
CA PRO C 194 -42.15 36.77 9.04
C PRO C 194 -42.03 36.20 7.65
N PRO C 195 -42.61 36.85 6.63
CA PRO C 195 -42.52 36.34 5.25
C PRO C 195 -41.13 36.41 4.65
N VAL C 196 -40.20 37.16 5.24
CA VAL C 196 -38.90 37.35 4.62
C VAL C 196 -37.94 36.20 4.95
N ILE C 197 -38.42 35.15 5.61
CA ILE C 197 -37.62 33.97 5.91
C ILE C 197 -38.42 32.72 5.59
N GLN C 198 -37.75 31.74 5.00
CA GLN C 198 -38.39 30.46 4.71
C GLN C 198 -38.20 29.47 5.85
N ALA C 199 -36.95 29.17 6.20
CA ALA C 199 -36.65 28.25 7.28
C ALA C 199 -35.37 28.69 7.96
N VAL C 200 -35.26 28.38 9.25
CA VAL C 200 -34.09 28.69 10.05
C VAL C 200 -33.67 27.45 10.83
N ARG C 201 -32.42 27.43 11.25
CA ARG C 201 -31.88 26.39 12.10
C ARG C 201 -31.40 27.00 13.41
N LEU C 202 -31.72 26.36 14.52
CA LEU C 202 -31.41 26.87 15.84
C LEU C 202 -30.76 25.78 16.67
N GLN C 203 -29.63 26.12 17.29
CA GLN C 203 -28.85 25.18 18.10
C GLN C 203 -28.78 25.68 19.53
N PHE C 204 -29.08 24.80 20.48
CA PHE C 204 -29.02 25.07 21.90
C PHE C 204 -27.80 24.37 22.48
N ASN C 205 -26.99 25.12 23.23
CA ASN C 205 -25.75 24.62 23.81
C ASN C 205 -25.72 25.01 25.28
N PRO C 206 -25.51 24.07 26.20
CA PRO C 206 -25.39 24.44 27.61
C PRO C 206 -24.10 25.17 27.89
N LEU C 207 -24.13 26.03 28.91
CA LEU C 207 -22.98 26.83 29.29
C LEU C 207 -22.99 27.07 30.79
N GLY C 208 -21.86 26.79 31.43
CA GLY C 208 -21.75 26.99 32.88
C GLY C 208 -22.70 26.09 33.65
N GLN C 209 -23.38 26.68 34.62
CA GLN C 209 -24.34 25.98 35.46
C GLN C 209 -25.72 26.57 35.20
N GLY C 210 -26.57 25.82 34.50
CA GLY C 210 -27.90 26.28 34.18
C GLY C 210 -27.96 27.45 33.23
N GLY C 211 -27.05 27.52 32.26
CA GLY C 211 -27.04 28.58 31.27
C GLY C 211 -27.20 28.02 29.88
N ARG C 212 -27.66 28.86 28.95
CA ARG C 212 -27.97 28.44 27.59
C ARG C 212 -27.18 29.28 26.59
N TYR C 213 -26.99 28.71 25.40
CA TYR C 213 -26.29 29.39 24.32
C TYR C 213 -27.02 29.06 23.02
N LEU C 214 -27.95 29.93 22.64
CA LEU C 214 -28.73 29.75 21.42
C LEU C 214 -28.03 30.42 20.24
N ILE C 215 -27.85 29.66 19.16
CA ILE C 215 -27.27 30.18 17.93
C ILE C 215 -28.24 29.91 16.79
N ALA C 216 -28.56 30.97 16.03
CA ALA C 216 -29.46 30.87 14.89
C ALA C 216 -28.77 31.41 13.64
N ARG C 217 -28.92 30.68 12.53
CA ARG C 217 -28.24 31.02 11.28
C ARG C 217 -29.05 31.98 10.42
N PHE C 218 -30.38 31.99 10.58
CA PHE C 218 -31.27 32.99 9.99
C PHE C 218 -31.16 33.04 8.47
N LEU C 219 -31.59 31.97 7.81
CA LEU C 219 -31.58 31.93 6.35
C LEU C 219 -32.65 32.88 5.80
N TYR C 220 -32.25 33.68 4.82
CA TYR C 220 -33.11 34.69 4.21
C TYR C 220 -33.64 34.21 2.87
N THR C 221 -34.42 35.08 2.22
CA THR C 221 -34.92 34.79 0.89
C THR C 221 -33.86 35.12 -0.16
N ASP C 222 -33.45 36.38 -0.25
CA ASP C 222 -32.46 36.80 -1.22
C ASP C 222 -31.11 37.03 -0.57
N ASP C 231 -25.55 45.71 -11.54
CA ASP C 231 -26.62 44.72 -11.42
C ASP C 231 -26.44 43.46 -12.30
N PRO C 232 -26.06 43.58 -13.58
CA PRO C 232 -25.80 42.33 -14.34
C PRO C 232 -24.53 41.62 -13.90
N THR C 233 -23.45 42.35 -13.67
CA THR C 233 -22.18 41.75 -13.28
C THR C 233 -21.32 42.80 -12.60
N ARG C 234 -20.19 42.34 -12.07
CA ARG C 234 -19.16 43.18 -11.44
C ARG C 234 -19.74 43.99 -10.27
N PHE C 235 -20.21 43.23 -9.27
CA PHE C 235 -20.66 43.86 -8.03
C PHE C 235 -19.50 44.50 -7.28
N GLY C 236 -18.42 43.74 -7.08
CA GLY C 236 -17.23 44.26 -6.44
C GLY C 236 -15.96 43.71 -7.06
N PHE C 237 -16.12 42.88 -8.09
CA PHE C 237 -14.98 42.24 -8.74
C PHE C 237 -14.18 43.25 -9.54
N HIS C 238 -12.91 42.91 -9.78
CA HIS C 238 -12.07 43.71 -10.64
C HIS C 238 -12.48 43.50 -12.11
N HIS C 239 -12.05 44.43 -12.96
CA HIS C 239 -12.36 44.33 -14.39
C HIS C 239 -11.64 43.12 -15.01
N SER C 240 -10.46 42.77 -14.50
CA SER C 240 -9.79 41.56 -14.95
C SER C 240 -10.60 40.31 -14.60
N HIS C 241 -11.26 40.31 -13.43
CA HIS C 241 -12.13 39.21 -13.07
C HIS C 241 -13.30 39.09 -14.03
N ALA C 242 -13.89 40.22 -14.42
CA ALA C 242 -14.97 40.20 -15.40
C ALA C 242 -14.51 39.71 -16.76
N GLU C 243 -13.30 40.12 -17.18
CA GLU C 243 -12.76 39.63 -18.45
C GLU C 243 -12.50 38.13 -18.39
N SER C 244 -11.99 37.63 -17.27
CA SER C 244 -11.76 36.19 -17.12
C SER C 244 -13.07 35.41 -17.11
N PHE C 245 -14.11 35.97 -16.48
CA PHE C 245 -15.40 35.29 -16.45
C PHE C 245 -16.02 35.17 -17.84
N SER C 246 -15.79 36.17 -18.71
CA SER C 246 -16.30 36.09 -20.07
C SER C 246 -15.68 34.94 -20.83
N ARG C 247 -14.38 34.73 -20.68
CA ARG C 247 -13.73 33.58 -21.31
C ARG C 247 -14.15 32.27 -20.65
N MET C 248 -14.40 32.30 -19.33
CA MET C 248 -14.78 31.08 -18.62
C MET C 248 -16.17 30.61 -19.01
N ARG C 249 -17.09 31.54 -19.27
CA ARG C 249 -18.46 31.16 -19.61
C ARG C 249 -18.60 30.59 -21.01
N ASN C 250 -17.62 30.83 -21.89
CA ASN C 250 -17.72 30.33 -23.26
C ASN C 250 -17.25 28.89 -23.41
N LEU C 251 -16.60 28.32 -22.40
CA LEU C 251 -16.13 26.95 -22.50
C LEU C 251 -17.29 25.99 -22.27
N PRO C 252 -17.53 25.05 -23.20
CA PRO C 252 -18.70 24.17 -23.06
C PRO C 252 -18.54 23.12 -21.97
N ILE C 253 -17.31 22.75 -21.61
CA ILE C 253 -17.06 21.71 -20.62
C ILE C 253 -16.06 22.24 -19.60
N GLY C 254 -16.09 21.63 -18.43
CA GLY C 254 -15.13 21.94 -17.39
C GLY C 254 -15.78 21.98 -16.03
N ILE C 255 -14.95 22.23 -15.02
CA ILE C 255 -15.37 22.36 -13.63
C ILE C 255 -14.76 23.61 -13.06
N ASN C 256 -15.60 24.42 -12.38
CA ASN C 256 -15.16 25.64 -11.70
C ASN C 256 -15.48 25.52 -10.23
N ILE C 257 -14.63 26.12 -9.39
CA ILE C 257 -14.75 26.04 -7.94
C ILE C 257 -14.86 27.45 -7.39
N ILE C 258 -15.82 27.67 -6.50
CA ILE C 258 -15.96 28.92 -5.76
C ILE C 258 -15.61 28.62 -4.30
N SER C 259 -14.63 29.33 -3.76
CA SER C 259 -14.10 29.04 -2.44
C SER C 259 -14.17 30.28 -1.56
N GLY C 260 -14.36 30.03 -0.26
CA GLY C 260 -14.40 31.09 0.72
C GLY C 260 -14.97 30.61 2.05
N PRO C 261 -14.97 31.49 3.05
CA PRO C 261 -15.59 31.14 4.34
C PRO C 261 -17.11 31.07 4.27
N THR C 262 -17.75 30.87 5.42
CA THR C 262 -19.21 30.72 5.46
C THR C 262 -19.91 31.99 5.01
N GLY C 263 -19.43 33.16 5.41
CA GLY C 263 -20.05 34.41 5.03
C GLY C 263 -19.38 35.07 3.84
N SER C 264 -19.00 34.28 2.84
CA SER C 264 -18.30 34.80 1.67
C SER C 264 -19.21 35.15 0.50
N GLY C 265 -20.51 34.91 0.62
CA GLY C 265 -21.43 35.24 -0.46
C GLY C 265 -21.25 34.41 -1.71
N LYS C 266 -21.07 33.10 -1.55
CA LYS C 266 -20.87 32.23 -2.70
C LYS C 266 -22.16 32.06 -3.50
N SER C 267 -23.29 31.92 -2.79
CA SER C 267 -24.56 31.69 -3.47
C SER C 267 -24.98 32.89 -4.32
N THR C 268 -24.70 34.11 -3.86
CA THR C 268 -25.01 35.30 -4.65
C THR C 268 -24.19 35.33 -5.93
N THR C 269 -22.90 34.98 -5.85
CA THR C 269 -22.06 34.94 -7.04
C THR C 269 -22.53 33.85 -8.01
N LEU C 270 -22.91 32.69 -7.49
CA LEU C 270 -23.41 31.62 -8.35
C LEU C 270 -24.71 32.02 -9.04
N LYS C 271 -25.62 32.67 -8.30
CA LYS C 271 -26.87 33.12 -8.90
C LYS C 271 -26.65 34.22 -9.93
N ASN C 272 -25.65 35.08 -9.70
CA ASN C 272 -25.33 36.11 -10.67
C ASN C 272 -24.73 35.52 -11.94
N LEU C 273 -23.88 34.51 -11.80
CA LEU C 273 -23.30 33.86 -12.97
C LEU C 273 -24.32 33.04 -13.73
N LEU C 274 -25.29 32.46 -13.02
CA LEU C 274 -26.33 31.66 -13.68
C LEU C 274 -27.16 32.51 -14.63
N GLU C 275 -27.50 33.74 -14.23
CA GLU C 275 -28.26 34.62 -15.12
C GLU C 275 -27.48 34.98 -16.36
N LEU C 276 -26.18 35.25 -16.23
CA LEU C 276 -25.35 35.53 -17.39
C LEU C 276 -25.25 34.32 -18.32
N LEU C 277 -25.08 33.13 -17.76
CA LEU C 277 -25.07 31.92 -18.58
C LEU C 277 -26.39 31.70 -19.29
N TYR C 278 -27.51 31.96 -18.61
CA TYR C 278 -28.83 31.80 -19.22
C TYR C 278 -29.04 32.80 -20.36
N ILE C 279 -28.62 34.05 -20.16
CA ILE C 279 -28.83 35.08 -21.19
C ILE C 279 -27.91 34.85 -22.38
N GLU C 280 -26.63 34.56 -22.14
CA GLU C 280 -25.66 34.51 -23.23
C GLU C 280 -25.86 33.30 -24.14
N LYS C 281 -26.30 32.17 -23.59
CA LYS C 281 -26.44 30.97 -24.40
C LYS C 281 -27.64 31.02 -25.34
N LYS C 282 -28.56 31.98 -25.16
CA LYS C 282 -29.73 32.16 -26.02
C LYS C 282 -30.59 30.90 -26.08
N LYS C 283 -30.77 30.25 -24.93
CA LYS C 283 -31.60 29.06 -24.77
C LYS C 283 -31.15 27.89 -25.64
N LYS C 284 -29.87 27.82 -25.97
CA LYS C 284 -29.33 26.71 -26.74
C LYS C 284 -28.86 25.56 -25.86
N VAL C 285 -28.84 25.73 -24.54
CA VAL C 285 -28.46 24.69 -23.61
C VAL C 285 -29.53 24.58 -22.53
N ASN C 286 -29.52 23.45 -21.84
CA ASN C 286 -30.46 23.18 -20.76
C ASN C 286 -29.81 23.58 -19.43
N ILE C 287 -30.50 24.43 -18.67
CA ILE C 287 -30.00 24.92 -17.39
C ILE C 287 -30.81 24.24 -16.30
N ILE C 288 -30.17 23.36 -15.55
CA ILE C 288 -30.78 22.70 -14.40
C ILE C 288 -29.92 23.02 -13.18
N SER C 289 -30.58 23.39 -12.08
CA SER C 289 -29.89 23.71 -10.84
C SER C 289 -30.56 22.95 -9.70
N ILE C 290 -29.75 22.47 -8.75
CA ILE C 290 -30.23 21.71 -7.61
C ILE C 290 -29.83 22.45 -6.35
N GLU C 291 -30.81 22.77 -5.50
CA GLU C 291 -30.56 23.45 -4.24
C GLU C 291 -31.75 23.19 -3.33
N ASP C 292 -31.52 22.47 -2.23
CA ASP C 292 -32.61 22.15 -1.31
C ASP C 292 -33.25 23.39 -0.67
N PRO C 293 -32.52 24.37 -0.13
CA PRO C 293 -33.19 25.59 0.34
C PRO C 293 -33.38 26.59 -0.79
N PRO C 294 -34.61 26.97 -1.09
CA PRO C 294 -34.85 27.98 -2.14
C PRO C 294 -34.26 29.33 -1.74
N GLU C 295 -33.81 30.08 -2.74
CA GLU C 295 -33.17 31.38 -2.52
C GLU C 295 -33.82 32.40 -3.45
N TYR C 296 -34.90 33.01 -2.98
CA TYR C 296 -35.66 34.08 -3.67
C TYR C 296 -36.11 33.54 -5.03
N GLU C 297 -36.03 34.34 -6.09
CA GLU C 297 -36.36 33.92 -7.43
C GLU C 297 -35.08 33.72 -8.24
N ILE C 298 -35.08 32.70 -9.09
CA ILE C 298 -33.91 32.39 -9.90
C ILE C 298 -34.32 32.27 -11.36
N THR C 301 -34.48 29.08 -16.31
CA THR C 301 -33.67 28.12 -15.56
C THR C 301 -34.54 27.23 -14.69
N ALA C 302 -34.02 26.05 -14.34
CA ALA C 302 -34.76 25.10 -13.53
C ALA C 302 -34.09 24.97 -12.16
N GLN C 303 -34.88 25.01 -11.10
CA GLN C 303 -34.40 24.88 -9.73
C GLN C 303 -34.96 23.60 -9.13
N LEU C 304 -34.10 22.80 -8.51
CA LEU C 304 -34.49 21.55 -7.91
C LEU C 304 -34.22 21.56 -6.40
N PRO C 305 -35.16 21.07 -5.58
CA PRO C 305 -34.99 21.03 -4.13
C PRO C 305 -34.05 19.91 -3.68
N THR C 311 -33.91 14.21 9.43
CA THR C 311 -32.60 14.20 10.05
C THR C 311 -31.50 14.51 9.03
N GLU C 312 -30.26 14.53 9.50
CA GLU C 312 -29.13 14.79 8.61
C GLU C 312 -28.95 13.66 7.60
N ALA C 313 -29.13 12.41 8.05
CA ALA C 313 -29.02 11.27 7.14
C ALA C 313 -30.09 11.29 6.06
N GLN C 314 -31.32 11.66 6.42
CA GLN C 314 -32.39 11.76 5.42
C GLN C 314 -32.09 12.85 4.40
N ARG C 315 -31.59 13.99 4.87
CA ARG C 315 -31.23 15.08 3.94
C ARG C 315 -30.09 14.66 3.03
N GLY C 316 -29.08 13.97 3.57
CA GLY C 316 -28.00 13.46 2.73
C GLY C 316 -28.47 12.44 1.71
N GLU C 317 -29.37 11.54 2.10
CA GLU C 317 -29.92 10.58 1.15
C GLU C 317 -30.76 11.27 0.07
N GLU C 318 -31.54 12.29 0.44
CA GLU C 318 -32.30 13.02 -0.57
C GLU C 318 -31.38 13.76 -1.53
N TYR C 319 -30.30 14.35 -1.01
CA TYR C 319 -29.32 15.01 -1.88
C TYR C 319 -28.64 14.00 -2.82
N ARG C 320 -28.32 12.82 -2.30
CA ARG C 320 -27.74 11.77 -3.14
C ARG C 320 -28.69 11.34 -4.23
N LYS C 321 -29.97 11.16 -3.89
CA LYS C 321 -30.97 10.80 -4.90
C LYS C 321 -31.14 11.89 -5.94
N ALA C 322 -31.15 13.16 -5.51
CA ALA C 322 -31.28 14.26 -6.46
C ALA C 322 -30.08 14.34 -7.40
N ILE C 323 -28.87 14.16 -6.86
CA ILE C 323 -27.68 14.30 -7.70
C ILE C 323 -27.51 13.08 -8.61
N THR C 324 -28.03 11.92 -8.20
CA THR C 324 -27.95 10.75 -9.09
C THR C 324 -29.12 10.70 -10.07
N ALA C 325 -30.18 11.47 -9.84
CA ALA C 325 -31.26 11.57 -10.80
C ALA C 325 -31.09 12.75 -11.76
N ALA C 326 -30.27 13.74 -11.39
CA ALA C 326 -30.01 14.86 -12.29
C ALA C 326 -29.23 14.43 -13.52
N LEU C 327 -28.30 13.49 -13.36
CA LEU C 327 -27.52 13.01 -14.49
C LEU C 327 -28.32 12.12 -15.42
N ARG C 328 -29.49 11.63 -15.00
CA ARG C 328 -30.35 10.87 -15.89
C ARG C 328 -30.83 11.73 -17.05
N SER C 329 -31.22 12.97 -16.77
CA SER C 329 -31.55 13.91 -17.81
C SER C 329 -30.27 14.49 -18.43
N ASP C 330 -30.43 15.13 -19.58
CA ASP C 330 -29.30 15.81 -20.23
C ASP C 330 -28.93 17.05 -19.42
N PRO C 331 -27.78 17.06 -18.76
CA PRO C 331 -27.51 18.15 -17.79
C PRO C 331 -27.04 19.44 -18.42
N ASP C 332 -26.22 19.37 -19.48
CA ASP C 332 -25.54 20.51 -20.08
C ASP C 332 -24.78 21.32 -19.02
N ILE C 333 -25.51 22.12 -18.26
CA ILE C 333 -24.97 22.80 -17.08
C ILE C 333 -25.69 22.24 -15.87
N ILE C 334 -24.94 21.63 -14.95
CA ILE C 334 -25.54 20.86 -13.87
C ILE C 334 -25.85 21.71 -12.62
N MET C 335 -25.06 22.77 -12.37
CA MET C 335 -25.24 23.74 -11.28
C MET C 335 -25.54 23.11 -9.92
N PRO C 336 -24.60 22.42 -9.29
CA PRO C 336 -24.84 21.88 -7.95
C PRO C 336 -24.55 22.93 -6.87
N GLY C 337 -24.66 22.49 -5.62
CA GLY C 337 -24.37 23.36 -4.51
C GLY C 337 -23.94 22.63 -3.25
N GLU C 338 -22.94 23.19 -2.56
CA GLU C 338 -22.45 22.69 -1.26
C GLU C 338 -21.99 21.24 -1.37
N ALA C 339 -20.92 21.05 -2.15
CA ALA C 339 -20.31 19.74 -2.31
C ALA C 339 -19.59 19.39 -1.01
N ARG C 340 -20.27 18.63 -0.16
CA ARG C 340 -19.79 18.36 1.19
C ARG C 340 -19.30 16.93 1.37
N ASP C 341 -19.77 15.98 0.58
CA ASP C 341 -19.43 14.58 0.76
C ASP C 341 -18.38 14.13 -0.25
N ALA C 342 -17.51 13.21 0.19
CA ALA C 342 -16.47 12.69 -0.69
C ALA C 342 -17.04 11.90 -1.84
N GLU C 343 -18.06 11.07 -1.59
CA GLU C 343 -18.67 10.30 -2.66
C GLU C 343 -19.44 11.19 -3.63
N VAL C 344 -20.07 12.25 -3.11
CA VAL C 344 -20.80 13.18 -3.98
C VAL C 344 -19.85 13.87 -4.94
N ILE C 345 -18.73 14.38 -4.44
CA ILE C 345 -17.79 15.07 -5.31
C ILE C 345 -17.06 14.07 -6.21
N ASN C 346 -16.88 12.83 -5.76
CA ASN C 346 -16.30 11.81 -6.61
C ASN C 346 -17.20 11.49 -7.80
N LEU C 347 -18.51 11.39 -7.55
CA LEU C 347 -19.47 11.23 -8.63
C LEU C 347 -19.53 12.48 -9.52
N LEU C 348 -19.40 13.66 -8.93
CA LEU C 348 -19.44 14.90 -9.70
C LEU C 348 -18.25 15.01 -10.66
N PHE C 349 -17.07 14.58 -10.21
CA PHE C 349 -15.89 14.63 -11.06
C PHE C 349 -16.01 13.71 -12.28
N THR C 350 -16.76 12.62 -12.17
CA THR C 350 -17.00 11.77 -13.35
C THR C 350 -17.83 12.50 -14.39
N ALA C 351 -18.92 13.16 -13.96
CA ALA C 351 -19.73 13.94 -14.88
C ALA C 351 -18.98 15.17 -15.40
N ALA C 352 -17.99 15.66 -14.65
CA ALA C 352 -17.20 16.79 -15.11
C ALA C 352 -16.39 16.42 -16.35
N MET C 353 -15.79 15.23 -16.36
CA MET C 353 -15.00 14.76 -17.49
C MET C 353 -15.82 13.96 -18.50
N THR C 354 -17.09 13.68 -18.20
CA THR C 354 -17.94 13.00 -19.17
C THR C 354 -18.26 13.91 -20.36
N GLY C 355 -18.22 15.23 -20.16
CA GLY C 355 -18.56 16.16 -21.22
C GLY C 355 -19.58 17.20 -20.80
N HIS C 356 -19.71 17.41 -19.50
CA HIS C 356 -20.62 18.40 -18.94
C HIS C 356 -19.82 19.57 -18.38
N GLN C 357 -20.53 20.56 -17.86
CA GLN C 357 -19.93 21.71 -17.20
C GLN C 357 -20.54 21.85 -15.81
N VAL C 358 -19.69 22.01 -14.80
CA VAL C 358 -20.10 22.00 -13.40
C VAL C 358 -19.69 23.32 -12.76
N TRP C 359 -20.62 23.93 -12.03
CA TRP C 359 -20.37 25.14 -11.25
C TRP C 359 -20.74 24.85 -9.79
N THR C 360 -19.74 24.50 -8.99
CA THR C 360 -19.96 24.15 -7.59
C THR C 360 -19.12 25.05 -6.69
N SER C 361 -19.50 25.09 -5.41
CA SER C 361 -18.83 25.90 -4.42
C SER C 361 -18.55 25.07 -3.17
N LEU C 362 -17.41 25.35 -2.53
CA LEU C 362 -17.02 24.67 -1.30
C LEU C 362 -16.28 25.68 -0.42
N HIS C 363 -15.86 25.21 0.75
CA HIS C 363 -15.18 26.05 1.74
C HIS C 363 -13.69 25.83 1.64
N ALA C 364 -12.94 26.89 1.33
CA ALA C 364 -11.49 26.85 1.22
C ALA C 364 -10.97 28.28 1.34
N ASN C 365 -9.67 28.45 1.08
CA ASN C 365 -9.05 29.75 1.16
C ASN C 365 -7.79 29.77 0.30
N ASN C 366 -7.33 30.99 0.00
CA ASN C 366 -6.09 31.31 -0.71
C ASN C 366 -6.08 30.83 -2.17
N ALA C 367 -7.16 30.24 -2.66
CA ALA C 367 -7.34 29.79 -4.05
C ALA C 367 -6.36 28.71 -4.47
N LEU C 368 -5.52 28.21 -3.56
CA LEU C 368 -4.61 27.11 -3.85
C LEU C 368 -4.75 25.94 -2.89
N ALA C 369 -5.33 26.15 -1.70
CA ALA C 369 -5.61 25.07 -0.78
C ALA C 369 -6.84 24.27 -1.18
N ILE C 370 -7.53 24.67 -2.26
CA ILE C 370 -8.67 23.91 -2.76
C ILE C 370 -8.24 22.51 -3.19
N PHE C 371 -7.08 22.42 -3.85
CA PHE C 371 -6.58 21.11 -4.27
C PHE C 371 -6.25 20.23 -3.07
N ASP C 372 -5.80 20.84 -1.97
CA ASP C 372 -5.60 20.09 -0.73
C ASP C 372 -6.92 19.54 -0.20
N ARG C 373 -7.99 20.33 -0.29
CA ARG C 373 -9.31 19.84 0.10
C ARG C 373 -9.75 18.69 -0.81
N LEU C 374 -9.49 18.80 -2.11
CA LEU C 374 -9.85 17.74 -3.04
C LEU C 374 -9.09 16.46 -2.73
N LYS C 375 -7.79 16.56 -2.44
CA LYS C 375 -7.00 15.40 -2.05
C LYS C 375 -7.44 14.82 -0.72
N ASP C 376 -7.89 15.66 0.21
CA ASP C 376 -8.46 15.16 1.46
C ASP C 376 -9.75 14.39 1.20
N GLN C 377 -10.57 14.86 0.24
CA GLN C 377 -11.78 14.14 -0.10
C GLN C 377 -11.48 12.84 -0.84
N GLY C 378 -10.29 12.72 -1.43
CA GLY C 378 -9.90 11.49 -2.09
C GLY C 378 -10.23 11.45 -3.57
N VAL C 379 -9.79 12.47 -4.32
CA VAL C 379 -10.04 12.52 -5.75
C VAL C 379 -8.88 12.03 -6.58
N ASP C 380 -7.80 11.57 -5.95
CA ASP C 380 -6.59 11.02 -6.58
C ASP C 380 -5.82 12.07 -7.38
N GLU C 381 -4.56 11.78 -7.66
CA GLU C 381 -3.68 12.75 -8.32
C GLU C 381 -3.94 12.89 -9.81
N PHE C 382 -4.34 11.81 -10.50
CA PHE C 382 -4.45 11.84 -11.95
C PHE C 382 -5.65 12.67 -12.42
N LYS C 383 -6.73 12.72 -11.64
CA LYS C 383 -7.91 13.48 -12.04
C LYS C 383 -7.67 14.98 -12.03
N LEU C 384 -6.78 15.48 -11.17
CA LEU C 384 -6.51 16.90 -11.06
C LEU C 384 -5.35 17.37 -11.93
N THR C 385 -4.74 16.47 -12.70
CA THR C 385 -3.62 16.86 -13.55
C THR C 385 -4.07 17.40 -14.90
N ASP C 386 -5.36 17.28 -15.21
CA ASP C 386 -5.86 17.70 -16.51
C ASP C 386 -6.05 19.22 -16.54
N PRO C 387 -5.39 19.94 -17.44
CA PRO C 387 -5.68 21.37 -17.59
C PRO C 387 -7.01 21.64 -18.25
N GLU C 388 -7.50 20.70 -19.06
CA GLU C 388 -8.77 20.89 -19.74
C GLU C 388 -9.95 20.70 -18.79
N LEU C 389 -9.80 19.84 -17.78
CA LEU C 389 -10.89 19.57 -16.85
C LEU C 389 -11.18 20.78 -15.98
N ILE C 390 -10.20 21.20 -15.17
CA ILE C 390 -10.36 22.41 -14.37
C ILE C 390 -10.41 23.61 -15.29
N THR C 391 -11.36 24.51 -15.05
CA THR C 391 -11.50 25.70 -15.89
C THR C 391 -11.25 27.00 -15.17
N GLY C 392 -11.26 27.01 -13.84
CA GLY C 392 -10.99 28.22 -13.10
C GLY C 392 -11.24 28.10 -11.61
N LEU C 393 -10.44 28.80 -10.80
CA LEU C 393 -10.61 28.82 -9.35
C LEU C 393 -10.91 30.26 -8.93
N VAL C 394 -11.91 30.44 -8.07
CA VAL C 394 -12.31 31.75 -7.59
C VAL C 394 -12.37 31.72 -6.08
N ALA C 395 -11.63 32.62 -5.43
CA ALA C 395 -11.65 32.77 -3.98
C ALA C 395 -12.08 34.19 -3.63
N GLN C 396 -13.14 34.32 -2.85
CA GLN C 396 -13.72 35.62 -2.55
C GLN C 396 -13.98 35.76 -1.06
N ARG C 397 -13.80 36.98 -0.55
CA ARG C 397 -14.12 37.35 0.82
C ARG C 397 -15.00 38.59 0.79
N LEU C 398 -15.72 38.82 1.89
CA LEU C 398 -16.61 39.96 2.01
C LEU C 398 -16.09 40.92 3.08
N VAL C 399 -15.92 42.18 2.71
CA VAL C 399 -15.43 43.19 3.64
C VAL C 399 -16.36 44.40 3.60
N ARG C 400 -16.45 45.08 4.74
CA ARG C 400 -17.33 46.24 4.85
C ARG C 400 -16.82 47.39 3.99
N LYS C 401 -17.75 48.07 3.32
CA LYS C 401 -17.42 49.15 2.40
C LYS C 401 -17.77 50.49 3.03
N LEU C 402 -16.82 51.43 2.98
CA LEU C 402 -17.03 52.74 3.58
C LEU C 402 -18.03 53.56 2.77
N CYS C 403 -18.76 54.42 3.47
CA CYS C 403 -19.69 55.33 2.82
C CYS C 403 -18.94 56.40 2.04
N ALA C 404 -19.35 56.62 0.79
CA ALA C 404 -18.70 57.65 -0.02
C ALA C 404 -19.04 59.05 0.48
N GLN C 405 -20.28 59.27 0.93
CA GLN C 405 -20.66 60.58 1.44
C GLN C 405 -20.04 60.86 2.81
N CYS C 406 -20.04 59.87 3.70
CA CYS C 406 -19.51 60.02 5.05
C CYS C 406 -18.11 59.41 5.08
N SER C 407 -17.12 60.21 4.67
CA SER C 407 -15.74 59.77 4.66
C SER C 407 -14.84 60.90 5.17
N ILE C 408 -13.74 60.52 5.81
CA ILE C 408 -12.78 61.49 6.33
C ILE C 408 -11.38 61.04 5.89
N THR C 409 -10.46 62.01 5.83
CA THR C 409 -9.09 61.72 5.43
C THR C 409 -8.27 61.27 6.63
N LEU C 410 -6.96 61.08 6.40
CA LEU C 410 -6.08 60.65 7.48
C LEU C 410 -5.93 61.74 8.54
N THR C 411 -5.76 62.99 8.10
CA THR C 411 -5.60 64.09 9.06
C THR C 411 -6.84 64.30 9.89
N GLU C 412 -8.03 64.23 9.26
CA GLU C 412 -9.27 64.37 9.99
C GLU C 412 -9.50 63.20 10.95
N TYR C 413 -9.02 62.01 10.59
CA TYR C 413 -9.16 60.87 11.48
C TYR C 413 -8.23 60.98 12.68
N ILE C 414 -6.97 61.36 12.46
CA ILE C 414 -6.03 61.47 13.58
C ILE C 414 -6.30 62.73 14.40
N ALA C 415 -7.06 63.68 13.88
CA ALA C 415 -7.37 64.88 14.66
C ALA C 415 -8.35 64.57 15.80
N SER C 416 -9.13 63.50 15.69
CA SER C 416 -10.12 63.13 16.70
C SER C 416 -9.92 61.66 17.06
N GLY C 417 -9.03 61.39 18.01
CA GLY C 417 -8.83 60.05 18.52
C GLY C 417 -8.35 59.03 17.49
N GLY C 418 -7.40 59.42 16.64
CA GLY C 418 -6.94 58.53 15.59
C GLY C 418 -5.87 57.59 16.10
N GLY C 419 -6.13 56.29 16.03
CA GLY C 419 -5.14 55.29 16.42
C GLY C 419 -4.81 54.35 15.29
N ILE C 420 -3.58 54.42 14.79
CA ILE C 420 -3.12 53.60 13.67
C ILE C 420 -1.85 52.88 14.11
N SER C 421 -1.81 51.57 13.87
CA SER C 421 -0.67 50.75 14.25
C SER C 421 0.53 51.06 13.36
N ASP C 422 1.71 50.67 13.83
CA ASP C 422 2.97 50.88 13.10
C ASP C 422 3.01 50.11 11.80
N THR C 423 2.53 48.85 11.80
CA THR C 423 2.54 48.04 10.59
C THR C 423 1.60 48.58 9.52
N ASP C 424 0.52 49.27 9.91
CA ASP C 424 -0.41 49.84 8.95
C ASP C 424 0.19 50.99 8.17
N ARG C 425 1.10 51.76 8.77
CA ARG C 425 1.70 52.90 8.09
C ARG C 425 2.51 52.50 6.86
N LYS C 426 3.00 51.26 6.82
CA LYS C 426 3.67 50.77 5.62
C LYS C 426 2.67 50.62 4.47
N ILE C 427 1.44 50.22 4.78
CA ILE C 427 0.42 50.05 3.74
C ILE C 427 0.01 51.39 3.17
N ILE C 428 -0.21 52.38 4.03
CA ILE C 428 -0.70 53.68 3.58
C ILE C 428 0.46 54.60 3.19
N SER C 429 1.68 54.08 3.14
CA SER C 429 2.83 54.91 2.79
C SER C 429 2.76 55.33 1.33
N GLY C 430 2.84 56.63 1.09
CA GLY C 430 2.82 57.20 -0.25
C GLY C 430 1.45 57.57 -0.77
N HIS C 431 0.39 57.09 -0.10
CA HIS C 431 -0.98 57.35 -0.51
C HIS C 431 -1.83 57.74 0.69
N GLU C 432 -1.30 58.67 1.50
CA GLU C 432 -1.99 59.08 2.72
C GLU C 432 -3.27 59.86 2.40
N THR C 433 -3.23 60.71 1.37
CA THR C 433 -4.40 61.52 1.05
C THR C 433 -5.50 60.71 0.39
N SER C 434 -5.14 59.68 -0.38
CA SER C 434 -6.15 58.93 -1.12
C SER C 434 -6.94 58.00 -0.21
N VAL C 435 -6.39 57.63 0.95
CA VAL C 435 -7.08 56.70 1.84
C VAL C 435 -8.24 57.40 2.53
N ARG C 436 -9.19 56.62 3.02
CA ARG C 436 -10.35 57.13 3.72
C ARG C 436 -10.61 56.32 4.99
N PHE C 437 -11.31 56.94 5.93
CA PHE C 437 -11.62 56.36 7.22
C PHE C 437 -13.11 56.51 7.51
N PRO C 438 -13.67 55.62 8.35
CA PRO C 438 -15.09 55.75 8.70
C PRO C 438 -15.37 57.06 9.42
N ASN C 439 -16.54 57.62 9.14
CA ASN C 439 -16.94 58.91 9.68
C ASN C 439 -17.74 58.71 10.96
N PRO C 440 -17.27 59.20 12.11
CA PRO C 440 -18.03 59.04 13.36
C PRO C 440 -19.20 60.00 13.47
N ARG C 441 -19.83 60.01 14.65
CA ARG C 441 -20.91 60.90 15.10
C ARG C 441 -22.27 60.55 14.48
N ALA C 442 -22.34 59.58 13.56
CA ALA C 442 -23.60 59.03 13.04
C ALA C 442 -24.45 60.12 12.39
N LYS C 443 -23.95 60.64 11.28
CA LYS C 443 -24.63 61.71 10.56
C LYS C 443 -25.93 61.21 9.93
N LYS C 444 -26.63 62.14 9.26
CA LYS C 444 -27.93 61.83 8.69
C LYS C 444 -27.83 60.79 7.58
N CYS C 445 -26.79 60.86 6.76
CA CYS C 445 -26.59 59.86 5.72
C CYS C 445 -26.27 58.50 6.32
N CYS C 446 -26.64 57.45 5.58
CA CYS C 446 -26.42 56.04 5.89
C CYS C 446 -26.76 55.69 7.34
N ARG C 447 -26.10 54.69 7.90
CA ARG C 447 -26.35 54.26 9.26
C ARG C 447 -25.17 54.49 10.18
N ASP C 448 -24.00 53.93 9.86
CA ASP C 448 -22.81 54.05 10.71
C ASP C 448 -21.55 54.30 9.90
N GLY C 449 -21.68 54.85 8.69
CA GLY C 449 -20.55 55.01 7.80
C GLY C 449 -20.25 53.82 6.93
N TYR C 450 -20.98 52.72 7.09
CA TYR C 450 -20.81 51.53 6.27
C TYR C 450 -22.11 51.29 5.49
N ASN C 451 -21.99 51.18 4.17
CA ASN C 451 -23.13 50.92 3.31
C ASN C 451 -22.85 49.64 2.53
N GLY C 452 -23.53 48.56 2.90
CA GLY C 452 -23.35 47.29 2.22
C GLY C 452 -22.02 46.63 2.58
N ARG C 453 -21.71 45.59 1.80
CA ARG C 453 -20.49 44.82 2.00
C ARG C 453 -19.96 44.40 0.64
N THR C 454 -18.74 44.80 0.31
CA THR C 454 -18.17 44.54 -1.00
C THR C 454 -17.34 43.27 -0.98
N ILE C 455 -16.89 42.87 -2.17
CA ILE C 455 -16.24 41.59 -2.39
C ILE C 455 -14.79 41.82 -2.80
N LEU C 456 -13.88 41.12 -2.14
CA LEU C 456 -12.47 41.07 -2.51
C LEU C 456 -12.19 39.66 -3.03
N ALA C 457 -11.91 39.54 -4.32
CA ALA C 457 -11.85 38.21 -4.94
C ALA C 457 -10.63 38.10 -5.83
N GLU C 458 -10.18 36.87 -6.00
CA GLU C 458 -9.11 36.52 -6.93
C GLU C 458 -9.53 35.32 -7.76
N VAL C 459 -9.08 35.31 -9.01
CA VAL C 459 -9.40 34.23 -9.95
C VAL C 459 -8.10 33.72 -10.56
N ILE C 460 -7.95 32.40 -10.57
CA ILE C 460 -6.79 31.73 -11.14
C ILE C 460 -7.25 30.89 -12.31
N GLU C 461 -6.66 31.12 -13.48
CA GLU C 461 -6.90 30.30 -14.66
C GLU C 461 -5.92 29.14 -14.66
N PRO C 462 -6.40 27.90 -14.68
CA PRO C 462 -5.48 26.75 -14.62
C PRO C 462 -4.61 26.63 -15.87
N ASP C 463 -3.42 26.08 -15.67
CA ASP C 463 -2.47 25.85 -16.75
C ASP C 463 -1.82 24.50 -16.53
N SER C 464 -1.17 23.99 -17.59
CA SER C 464 -0.52 22.69 -17.49
C SER C 464 0.67 22.72 -16.53
N LYS C 465 1.56 23.70 -16.68
CA LYS C 465 2.71 23.81 -15.79
C LYS C 465 2.28 24.16 -14.37
N LEU C 466 1.29 25.04 -14.22
CA LEU C 466 0.82 25.42 -12.89
C LEU C 466 0.22 24.22 -12.15
N LEU C 467 -0.58 23.41 -12.85
CA LEU C 467 -1.14 22.21 -12.22
C LEU C 467 -0.07 21.16 -11.97
N ARG C 468 0.92 21.06 -12.86
CA ARG C 468 2.00 20.10 -12.64
C ARG C 468 2.84 20.46 -11.42
N LEU C 469 3.07 21.76 -11.18
CA LEU C 469 3.82 22.18 -10.00
C LEU C 469 3.08 21.82 -8.71
N VAL C 470 1.76 22.03 -8.69
CA VAL C 470 0.98 21.71 -7.49
C VAL C 470 0.90 20.20 -7.31
N ALA C 471 0.81 19.44 -8.41
CA ALA C 471 0.71 17.99 -8.33
C ALA C 471 1.97 17.37 -7.74
N GLU C 472 3.11 18.03 -7.87
CA GLU C 472 4.34 17.57 -7.24
C GLU C 472 4.41 17.93 -5.76
N GLY C 473 3.44 18.68 -5.25
CA GLY C 473 3.45 19.09 -3.86
C GLY C 473 4.57 20.05 -3.51
N LYS C 474 4.92 20.96 -4.43
CA LYS C 474 5.97 21.92 -4.14
C LYS C 474 5.51 22.96 -3.11
N ARG C 475 4.32 23.51 -3.31
CA ARG C 475 3.73 24.58 -2.49
C ARG C 475 4.60 25.83 -2.45
N GLU C 476 5.52 25.98 -3.40
CA GLU C 476 6.42 27.12 -3.47
C GLU C 476 6.91 27.25 -4.90
N ASP C 477 6.98 28.49 -5.38
CA ASP C 477 7.32 28.92 -6.73
C ASP C 477 6.23 28.60 -7.73
N ALA C 478 5.19 27.86 -7.34
CA ALA C 478 3.98 27.77 -8.16
C ALA C 478 3.16 29.04 -8.04
N GLN C 479 3.07 29.59 -6.82
CA GLN C 479 2.45 30.90 -6.64
C GLN C 479 3.22 31.98 -7.37
N HIS C 480 4.55 31.94 -7.33
CA HIS C 480 5.36 32.90 -8.08
C HIS C 480 5.15 32.75 -9.57
N TYR C 481 5.09 31.52 -10.08
CA TYR C 481 4.83 31.29 -11.50
C TYR C 481 3.46 31.80 -11.91
N TRP C 482 2.44 31.59 -11.07
CA TRP C 482 1.11 32.09 -11.38
C TRP C 482 1.06 33.61 -11.33
N LEU C 483 1.78 34.21 -10.39
CA LEU C 483 1.74 35.67 -10.24
C LEU C 483 2.54 36.38 -11.32
N THR C 484 3.61 35.76 -11.83
CA THR C 484 4.48 36.42 -12.80
C THR C 484 4.13 36.05 -14.24
N SER C 485 4.14 34.75 -14.54
CA SER C 485 3.93 34.31 -15.92
C SER C 485 2.49 34.46 -16.35
N LEU C 486 1.53 34.09 -15.50
CA LEU C 486 0.13 34.15 -15.84
C LEU C 486 -0.48 35.54 -15.63
N HIS C 487 0.30 36.49 -15.11
CA HIS C 487 -0.15 37.86 -14.85
C HIS C 487 -1.37 37.89 -13.92
N GLY C 488 -1.38 36.98 -12.95
CA GLY C 488 -2.47 36.93 -11.99
C GLY C 488 -2.36 38.00 -10.91
N MET C 489 -3.42 38.12 -10.13
CA MET C 489 -3.49 39.09 -9.03
C MET C 489 -3.88 38.36 -7.75
N ALA C 490 -3.09 38.55 -6.70
CA ALA C 490 -3.36 37.90 -5.43
C ALA C 490 -4.50 38.60 -4.69
N LEU C 491 -5.06 37.89 -3.71
CA LEU C 491 -6.11 38.46 -2.88
C LEU C 491 -5.60 39.65 -2.08
N LYS C 492 -4.39 39.55 -1.53
CA LYS C 492 -3.79 40.66 -0.82
C LYS C 492 -3.56 41.85 -1.75
N GLU C 493 -3.14 41.58 -2.99
CA GLU C 493 -2.96 42.65 -3.96
C GLU C 493 -4.28 43.33 -4.30
N HIS C 494 -5.36 42.56 -4.46
CA HIS C 494 -6.67 43.16 -4.72
C HIS C 494 -7.14 43.97 -3.53
N ALA C 495 -6.90 43.50 -2.30
CA ALA C 495 -7.24 44.28 -1.12
C ALA C 495 -6.45 45.58 -1.07
N TRP C 496 -5.15 45.54 -1.37
CA TRP C 496 -4.33 46.75 -1.35
C TRP C 496 -4.77 47.73 -2.43
N LEU C 497 -5.19 47.24 -3.59
CA LEU C 497 -5.68 48.13 -4.64
C LEU C 497 -6.91 48.90 -4.20
N LYS C 498 -7.85 48.26 -3.51
CA LYS C 498 -9.01 48.98 -3.00
C LYS C 498 -8.65 49.85 -1.81
N ILE C 499 -7.62 49.48 -1.05
CA ILE C 499 -7.15 50.33 0.04
C ILE C 499 -6.61 51.64 -0.51
N ILE C 500 -5.83 51.57 -1.60
CA ILE C 500 -5.30 52.79 -2.23
C ILE C 500 -6.43 53.66 -2.75
N SER C 501 -7.43 53.06 -3.38
CA SER C 501 -8.56 53.81 -3.91
C SER C 501 -9.46 54.37 -2.81
N GLY C 502 -9.33 53.89 -1.58
CA GLY C 502 -10.14 54.39 -0.49
C GLY C 502 -11.55 53.84 -0.41
N GLU C 503 -11.81 52.72 -1.08
CA GLU C 503 -13.16 52.14 -1.05
C GLU C 503 -13.45 51.50 0.30
N ILE C 504 -12.44 50.90 0.92
CA ILE C 504 -12.60 50.20 2.20
C ILE C 504 -11.56 50.70 3.18
N CYS C 505 -11.84 50.50 4.46
CA CYS C 505 -10.95 50.92 5.52
C CYS C 505 -9.83 49.90 5.73
N VAL C 506 -8.65 50.42 6.11
CA VAL C 506 -7.51 49.55 6.33
C VAL C 506 -7.69 48.68 7.57
N MET C 507 -8.40 49.19 8.58
CA MET C 507 -8.58 48.44 9.83
C MET C 507 -9.37 47.16 9.60
N ASP C 508 -10.42 47.22 8.77
CA ASP C 508 -11.17 46.01 8.46
C ASP C 508 -10.41 45.11 7.49
N ALA C 509 -9.65 45.71 6.58
CA ALA C 509 -8.89 44.91 5.61
C ALA C 509 -7.82 44.08 6.29
N VAL C 510 -7.13 44.65 7.28
CA VAL C 510 -6.11 43.89 8.01
C VAL C 510 -6.76 42.78 8.82
N ASN C 511 -7.91 43.08 9.47
CA ASN C 511 -8.55 42.08 10.31
C ASN C 511 -9.22 40.99 9.48
N LYS C 512 -9.48 41.23 8.20
CA LYS C 512 -10.10 40.21 7.36
C LYS C 512 -9.09 39.53 6.44
N ILE C 513 -8.08 40.26 5.96
CA ILE C 513 -7.08 39.73 5.04
C ILE C 513 -5.71 39.87 5.70
N SER C 514 -4.97 38.77 5.74
CA SER C 514 -3.65 38.73 6.36
C SER C 514 -2.56 38.86 5.30
N GLY C 515 -1.38 39.30 5.76
CA GLY C 515 -0.24 39.42 4.88
C GLY C 515 -0.26 40.59 3.93
N ILE C 516 -1.10 41.60 4.19
CA ILE C 516 -1.17 42.75 3.31
C ILE C 516 0.12 43.56 3.38
N ASP C 517 0.71 43.67 4.58
CA ASP C 517 1.94 44.44 4.76
C ASP C 517 3.17 43.77 4.17
N ASN C 518 3.07 42.52 3.74
CA ASN C 518 4.21 41.79 3.21
C ASN C 518 4.43 42.02 1.72
N ILE C 519 3.61 42.85 1.07
CA ILE C 519 3.76 43.11 -0.34
C ILE C 519 4.97 44.03 -0.56
N THR C 520 5.85 43.63 -1.48
CA THR C 520 7.04 44.42 -1.78
C THR C 520 6.67 45.70 -2.53
N GLU C 521 7.58 46.67 -2.46
CA GLU C 521 7.34 47.95 -3.11
C GLU C 521 7.33 47.83 -4.63
N GLU C 522 8.18 46.96 -5.18
CA GLU C 522 8.19 46.74 -6.62
C GLU C 522 6.86 46.15 -7.10
N ARG C 523 6.28 45.24 -6.32
CA ARG C 523 4.97 44.71 -6.65
C ARG C 523 3.89 45.79 -6.55
N LYS C 524 3.99 46.66 -5.54
CA LYS C 524 3.01 47.74 -5.38
C LYS C 524 3.06 48.70 -6.57
N LYS C 525 4.26 49.04 -7.03
CA LYS C 525 4.39 49.94 -8.18
C LYS C 525 3.79 49.33 -9.43
N TYR C 526 4.04 48.03 -9.66
CA TYR C 526 3.48 47.35 -10.83
C TYR C 526 1.97 47.27 -10.75
N LEU C 527 1.43 47.02 -9.55
CA LEU C 527 -0.02 46.98 -9.38
C LEU C 527 -0.64 48.36 -9.63
N PHE C 528 0.00 49.41 -9.14
CA PHE C 528 -0.54 50.76 -9.32
C PHE C 528 -0.44 51.23 -10.76
N SER C 529 0.61 50.83 -11.48
CA SER C 529 0.78 51.29 -12.86
C SER C 529 -0.34 50.77 -13.76
N ARG C 530 -0.72 49.50 -13.60
CA ARG C 530 -1.77 48.93 -14.43
C ARG C 530 -3.12 49.57 -14.15
N ASP C 531 -3.39 49.90 -12.88
CA ASP C 531 -4.64 50.57 -12.55
C ASP C 531 -4.65 52.02 -13.02
N ASN C 532 -3.49 52.68 -12.99
CA ASN C 532 -3.43 54.07 -13.43
C ASN C 532 -3.54 54.19 -14.95
N GLU C 533 -2.93 53.25 -15.68
CA GLU C 533 -2.94 53.32 -17.14
C GLU C 533 -4.30 52.95 -17.73
N ILE C 534 -5.17 52.31 -16.95
CA ILE C 534 -6.50 51.95 -17.44
C ILE C 534 -7.52 52.96 -16.92
N VAL D 107 -56.00 14.11 -21.17
CA VAL D 107 -56.53 12.92 -21.82
C VAL D 107 -55.39 12.19 -22.54
N GLU D 108 -55.47 10.86 -22.56
CA GLU D 108 -54.41 10.04 -23.14
C GLU D 108 -54.30 10.24 -24.65
N LYS D 109 -55.39 10.59 -25.33
CA LYS D 109 -55.33 10.82 -26.77
C LYS D 109 -54.50 12.05 -27.13
N ARG D 110 -54.57 13.10 -26.32
CA ARG D 110 -53.73 14.28 -26.56
C ARG D 110 -52.25 13.93 -26.40
N ALA D 111 -51.92 13.14 -25.37
CA ALA D 111 -50.53 12.70 -25.18
C ALA D 111 -50.07 11.81 -26.32
N SER D 112 -50.94 10.91 -26.80
CA SER D 112 -50.60 10.04 -27.92
C SER D 112 -50.35 10.86 -29.19
N MET D 113 -51.20 11.85 -29.45
CA MET D 113 -51.01 12.72 -30.60
C MET D 113 -49.74 13.54 -30.50
N LEU D 114 -49.44 14.08 -29.31
CA LEU D 114 -48.20 14.84 -29.13
C LEU D 114 -46.99 13.95 -29.34
N LEU D 115 -47.02 12.72 -28.81
CA LEU D 115 -45.91 11.79 -29.01
C LEU D 115 -45.74 11.43 -30.47
N PHE D 116 -46.86 11.22 -31.18
CA PHE D 116 -46.81 10.85 -32.59
C PHE D 116 -46.24 11.99 -33.44
N GLU D 117 -46.67 13.23 -33.16
CA GLU D 117 -46.17 14.35 -33.94
C GLU D 117 -44.73 14.70 -33.56
N CYS D 118 -44.32 14.38 -32.33
CA CYS D 118 -42.94 14.61 -31.93
C CYS D 118 -41.99 13.57 -32.51
N ALA D 119 -42.46 12.33 -32.67
CA ALA D 119 -41.61 11.27 -33.18
C ALA D 119 -41.25 11.52 -34.65
N GLU D 120 -42.22 11.95 -35.45
CA GLU D 120 -42.03 12.20 -36.87
C GLU D 120 -41.23 13.46 -37.14
N MET D 121 -40.99 14.29 -36.13
CA MET D 121 -40.27 15.54 -36.31
C MET D 121 -38.75 15.36 -36.24
N ARG D 122 -38.27 14.14 -36.00
CA ARG D 122 -36.85 13.81 -35.89
C ARG D 122 -36.17 14.65 -34.80
N VAL D 123 -36.62 14.40 -33.57
CA VAL D 123 -36.14 15.11 -32.40
C VAL D 123 -35.14 14.23 -31.66
N SER D 124 -34.39 14.84 -30.75
CA SER D 124 -33.41 14.12 -29.95
C SER D 124 -33.94 13.82 -28.55
N ASP D 125 -34.32 14.85 -27.81
CA ASP D 125 -34.83 14.71 -26.45
C ASP D 125 -36.07 15.56 -26.26
N LEU D 126 -36.92 15.14 -25.31
CA LEU D 126 -38.15 15.86 -25.01
C LEU D 126 -38.12 16.34 -23.58
N HIS D 127 -38.41 17.63 -23.38
CA HIS D 127 -38.48 18.24 -22.06
C HIS D 127 -39.86 18.83 -21.84
N ILE D 128 -40.46 18.52 -20.70
CA ILE D 128 -41.72 19.13 -20.29
C ILE D 128 -41.50 19.73 -18.91
N LYS D 129 -41.70 21.05 -18.80
CA LYS D 129 -41.52 21.76 -17.53
C LYS D 129 -42.86 22.32 -17.07
N VAL D 130 -43.15 22.15 -15.78
CA VAL D 130 -44.39 22.64 -15.19
C VAL D 130 -44.05 23.67 -14.12
N TYR D 131 -44.64 24.86 -14.25
CA TYR D 131 -44.43 25.95 -13.31
C TYR D 131 -45.69 26.29 -12.51
N ASP D 132 -46.65 25.37 -12.43
CA ASP D 132 -47.93 25.40 -11.72
C ASP D 132 -48.94 26.34 -12.37
N ALA D 133 -48.55 27.15 -13.35
CA ALA D 133 -49.47 28.01 -14.09
C ALA D 133 -49.49 27.69 -15.57
N GLU D 134 -48.35 27.29 -16.14
CA GLU D 134 -48.27 26.83 -17.52
C GLU D 134 -47.13 25.83 -17.62
N ALA D 135 -47.17 25.01 -18.68
CA ALA D 135 -46.17 24.00 -18.92
C ALA D 135 -45.52 24.25 -20.28
N ASP D 136 -44.19 24.31 -20.29
CA ASP D 136 -43.42 24.57 -21.49
C ASP D 136 -42.90 23.26 -22.07
N ILE D 137 -42.97 23.15 -23.39
CA ILE D 137 -42.52 21.98 -24.12
C ILE D 137 -41.27 22.35 -24.90
N TYR D 138 -40.21 21.55 -24.76
CA TYR D 138 -38.95 21.76 -25.46
C TYR D 138 -38.58 20.50 -26.21
N ILE D 139 -38.10 20.66 -27.44
CA ILE D 139 -37.62 19.55 -28.26
C ILE D 139 -36.24 19.90 -28.77
N ARG D 140 -35.32 18.95 -28.64
CA ARG D 140 -33.92 19.14 -29.06
C ARG D 140 -33.86 18.86 -30.55
N LYS D 141 -34.33 19.82 -31.35
CA LYS D 141 -34.17 19.76 -32.79
C LYS D 141 -32.71 19.93 -33.15
N ASP D 142 -32.19 19.00 -33.96
CA ASP D 142 -30.77 18.94 -34.33
C ASP D 142 -29.96 18.81 -33.05
N GLY D 143 -29.23 19.83 -32.61
CA GLY D 143 -28.44 19.75 -31.40
C GLY D 143 -28.85 20.65 -30.26
N ASP D 144 -29.86 21.50 -30.43
CA ASP D 144 -30.28 22.43 -29.39
C ASP D 144 -31.78 22.35 -29.20
N MET D 145 -32.24 22.69 -28.00
CA MET D 145 -33.65 22.66 -27.66
C MET D 145 -34.32 23.97 -28.06
N GLU D 146 -35.61 23.89 -28.37
CA GLU D 146 -36.40 25.03 -28.79
C GLU D 146 -37.76 24.98 -28.11
N LEU D 147 -38.26 26.15 -27.74
CA LEU D 147 -39.55 26.25 -27.05
C LEU D 147 -40.66 25.93 -28.03
N LEU D 148 -41.34 24.79 -27.83
CA LEU D 148 -42.38 24.36 -28.75
C LEU D 148 -43.69 25.07 -28.47
N ARG D 149 -44.24 24.88 -27.26
CA ARG D 149 -45.53 25.46 -26.92
C ARG D 149 -45.67 25.56 -25.40
N GLN D 150 -46.74 26.21 -24.97
CA GLN D 150 -47.06 26.42 -23.56
C GLN D 150 -48.50 25.97 -23.33
N ILE D 151 -48.64 24.75 -22.82
CA ILE D 151 -49.95 24.17 -22.52
C ILE D 151 -50.34 24.56 -21.10
N GLU D 152 -51.61 24.37 -20.77
CA GLU D 152 -52.07 24.69 -19.43
C GLU D 152 -51.71 23.55 -18.46
N SER D 153 -51.84 23.84 -17.16
CA SER D 153 -51.27 22.96 -16.14
C SER D 153 -52.08 21.66 -15.98
N ASN D 154 -53.41 21.77 -15.98
CA ASN D 154 -54.24 20.59 -15.72
C ASN D 154 -54.11 19.55 -16.82
N THR D 155 -54.11 19.99 -18.08
CA THR D 155 -53.89 19.07 -19.19
C THR D 155 -52.50 18.45 -19.15
N ALA D 156 -51.49 19.23 -18.75
CA ALA D 156 -50.14 18.70 -18.64
C ALA D 156 -50.07 17.61 -17.57
N HIS D 157 -50.69 17.85 -16.41
CA HIS D 157 -50.71 16.83 -15.37
C HIS D 157 -51.48 15.60 -15.81
N SER D 158 -52.59 15.78 -16.52
CA SER D 158 -53.37 14.64 -17.00
C SER D 158 -52.57 13.80 -17.98
N ILE D 159 -51.89 14.45 -18.94
CA ILE D 159 -51.13 13.68 -19.92
C ILE D 159 -49.89 13.04 -19.29
N LEU D 160 -49.29 13.70 -18.29
CA LEU D 160 -48.18 13.08 -17.58
C LEU D 160 -48.62 11.84 -16.82
N ALA D 161 -49.77 11.92 -16.15
CA ALA D 161 -50.30 10.75 -15.44
C ALA D 161 -50.65 9.63 -16.41
N SER D 162 -51.25 9.98 -17.56
CA SER D 162 -51.59 8.97 -18.55
C SER D 162 -50.35 8.30 -19.12
N LEU D 163 -49.29 9.08 -19.39
CA LEU D 163 -48.06 8.53 -19.92
C LEU D 163 -47.35 7.66 -18.89
N TYR D 164 -47.38 8.06 -17.62
CA TYR D 164 -46.73 7.25 -16.58
C TYR D 164 -47.48 5.95 -16.33
N ASN D 165 -48.82 6.01 -16.32
CA ASN D 165 -49.60 4.80 -16.05
C ASN D 165 -49.55 3.80 -17.19
N ASN D 166 -49.32 4.25 -18.42
CA ASN D 166 -49.24 3.34 -19.55
C ASN D 166 -47.87 2.67 -19.69
N ALA D 167 -46.88 3.09 -18.90
CA ALA D 167 -45.58 2.45 -18.94
C ALA D 167 -45.65 1.05 -18.32
N ASP D 168 -44.80 0.16 -18.83
CA ASP D 168 -44.80 -1.21 -18.33
C ASP D 168 -44.16 -1.32 -16.96
N ASP D 169 -43.33 -0.34 -16.58
CA ASP D 169 -42.71 -0.29 -15.26
C ASP D 169 -43.42 0.75 -14.41
N SER D 170 -44.00 0.32 -13.30
CA SER D 170 -44.72 1.23 -12.41
C SER D 170 -44.68 0.67 -11.00
N ASP D 171 -44.80 1.57 -10.01
CA ASP D 171 -44.81 1.20 -8.61
C ASP D 171 -46.17 1.46 -7.96
N ALA D 172 -47.24 1.46 -8.75
CA ALA D 172 -48.63 1.65 -8.33
C ALA D 172 -48.86 2.99 -7.63
N THR D 173 -48.00 3.99 -7.87
CA THR D 173 -48.17 5.31 -7.30
C THR D 173 -47.41 6.31 -8.16
N TYR D 174 -47.85 7.57 -8.12
CA TYR D 174 -47.17 8.59 -8.91
C TYR D 174 -46.00 9.19 -8.16
N LYS D 175 -46.19 9.51 -6.87
CA LYS D 175 -45.14 10.06 -6.00
C LYS D 175 -44.58 11.37 -6.58
N ILE D 176 -45.46 12.37 -6.59
CA ILE D 176 -45.13 13.68 -7.18
C ILE D 176 -43.91 14.28 -6.49
N ASN D 177 -43.82 14.15 -5.16
CA ASN D 177 -42.70 14.72 -4.43
C ASN D 177 -41.41 13.96 -4.68
N ALA D 178 -41.50 12.71 -5.15
CA ALA D 178 -40.32 11.88 -5.33
C ALA D 178 -39.87 11.89 -6.79
N TYR D 179 -38.72 11.25 -7.03
CA TYR D 179 -38.16 11.11 -8.37
C TYR D 179 -38.55 9.76 -8.94
N GLN D 180 -38.95 9.75 -10.22
CA GLN D 180 -39.41 8.53 -10.86
C GLN D 180 -38.67 8.31 -12.17
N ALA D 181 -38.52 7.04 -12.54
CA ALA D 181 -37.95 6.67 -13.82
C ALA D 181 -38.69 5.45 -14.34
N ALA D 182 -38.94 5.42 -15.64
CA ALA D 182 -39.68 4.30 -16.24
C ALA D 182 -39.28 4.16 -17.69
N ARG D 183 -39.70 3.04 -18.28
CA ARG D 183 -39.43 2.75 -19.69
C ARG D 183 -40.70 2.27 -20.36
N ILE D 184 -40.85 2.62 -21.64
CA ILE D 184 -41.95 2.15 -22.48
C ILE D 184 -41.35 1.37 -23.63
N VAL D 185 -41.75 0.11 -23.76
CA VAL D 185 -41.17 -0.80 -24.74
C VAL D 185 -42.23 -1.16 -25.78
N ALA D 186 -41.75 -1.73 -26.89
CA ALA D 186 -42.63 -2.15 -27.96
C ALA D 186 -43.43 -3.39 -27.54
N SER D 187 -44.51 -3.64 -28.28
CA SER D 187 -45.45 -4.76 -28.13
C SER D 187 -46.28 -4.69 -26.85
N LYS D 188 -46.05 -3.70 -25.99
CA LYS D 188 -46.88 -3.48 -24.79
C LYS D 188 -47.07 -1.97 -24.66
N SER D 189 -48.10 -1.45 -25.32
CA SER D 189 -48.37 -0.02 -25.34
C SER D 189 -49.82 0.19 -25.76
N ARG D 190 -50.60 0.87 -24.93
CA ARG D 190 -51.98 1.18 -25.25
C ARG D 190 -52.16 2.58 -25.80
N LEU D 191 -51.07 3.31 -26.05
CA LEU D 191 -51.15 4.68 -26.52
C LEU D 191 -50.81 4.84 -28.01
N ALA D 192 -50.87 3.75 -28.78
CA ALA D 192 -50.60 3.75 -30.22
C ALA D 192 -49.20 4.30 -30.53
N LEU D 193 -48.22 3.55 -30.07
CA LEU D 193 -46.83 3.96 -30.24
C LEU D 193 -46.46 3.98 -31.72
N PRO D 194 -45.74 5.01 -32.19
CA PRO D 194 -45.36 5.06 -33.59
C PRO D 194 -44.38 3.95 -33.93
N PRO D 195 -44.37 3.46 -35.17
CA PRO D 195 -43.45 2.39 -35.55
C PRO D 195 -41.99 2.82 -35.62
N VAL D 196 -41.70 4.13 -35.62
CA VAL D 196 -40.33 4.58 -35.80
C VAL D 196 -39.55 4.59 -34.49
N ILE D 197 -40.14 4.08 -33.41
CA ILE D 197 -39.46 3.96 -32.13
C ILE D 197 -39.71 2.58 -31.55
N GLN D 198 -38.67 2.00 -30.96
CA GLN D 198 -38.80 0.70 -30.30
C GLN D 198 -39.13 0.86 -28.83
N ALA D 199 -38.26 1.55 -28.09
CA ALA D 199 -38.47 1.78 -26.66
C ALA D 199 -37.90 3.14 -26.28
N VAL D 200 -38.49 3.76 -25.26
CA VAL D 200 -38.05 5.04 -24.76
C VAL D 200 -37.95 4.96 -23.24
N ARG D 201 -37.17 5.88 -22.67
CA ARG D 201 -37.05 6.02 -21.23
C ARG D 201 -37.50 7.41 -20.83
N LEU D 202 -38.29 7.49 -19.76
CA LEU D 202 -38.87 8.75 -19.30
C LEU D 202 -38.63 8.91 -17.82
N GLN D 203 -38.12 10.08 -17.44
CA GLN D 203 -37.79 10.40 -16.05
C GLN D 203 -38.64 11.57 -15.59
N PHE D 204 -39.26 11.42 -14.43
CA PHE D 204 -40.06 12.45 -13.79
C PHE D 204 -39.29 13.02 -12.61
N ASN D 205 -39.19 14.35 -12.56
CA ASN D 205 -38.43 15.05 -11.52
C ASN D 205 -39.30 16.16 -10.96
N PRO D 206 -39.49 16.23 -9.64
CA PRO D 206 -40.26 17.34 -9.07
C PRO D 206 -39.50 18.65 -9.16
N LEU D 207 -40.26 19.75 -9.24
CA LEU D 207 -39.67 21.08 -9.35
C LEU D 207 -40.57 22.09 -8.65
N GLY D 208 -39.98 22.90 -7.78
CA GLY D 208 -40.75 23.92 -7.08
C GLY D 208 -41.79 23.32 -6.17
N GLN D 209 -42.99 23.87 -6.22
CA GLN D 209 -44.13 23.41 -5.42
C GLN D 209 -45.19 22.88 -6.38
N GLY D 210 -45.35 21.56 -6.41
CA GLY D 210 -46.32 20.93 -7.28
C GLY D 210 -46.03 21.08 -8.76
N GLY D 211 -44.76 21.03 -9.15
CA GLY D 211 -44.37 21.11 -10.55
C GLY D 211 -43.61 19.86 -10.96
N ARG D 212 -43.61 19.59 -12.26
CA ARG D 212 -43.01 18.39 -12.82
C ARG D 212 -41.95 18.74 -13.85
N TYR D 213 -41.03 17.80 -14.05
CA TYR D 213 -39.97 17.97 -15.05
C TYR D 213 -39.77 16.62 -15.73
N LEU D 214 -40.44 16.42 -16.86
CA LEU D 214 -40.35 15.19 -17.61
C LEU D 214 -39.24 15.29 -18.65
N ILE D 215 -38.35 14.29 -18.65
CA ILE D 215 -37.27 14.20 -19.63
C ILE D 215 -37.35 12.85 -20.33
N ALA D 216 -37.37 12.89 -21.66
CA ALA D 216 -37.43 11.67 -22.47
C ALA D 216 -36.26 11.65 -23.45
N ARG D 217 -35.63 10.48 -23.57
CA ARG D 217 -34.43 10.32 -24.39
C ARG D 217 -34.76 9.98 -25.84
N PHE D 218 -35.92 9.36 -26.08
CA PHE D 218 -36.48 9.15 -27.42
C PHE D 218 -35.54 8.35 -28.32
N LEU D 219 -35.32 7.08 -27.97
CA LEU D 219 -34.49 6.22 -28.80
C LEU D 219 -35.19 5.90 -30.12
N TYR D 220 -34.46 6.04 -31.22
CA TYR D 220 -34.97 5.84 -32.56
C TYR D 220 -34.57 4.47 -33.11
N THR D 221 -34.98 4.21 -34.34
CA THR D 221 -34.58 2.98 -35.02
C THR D 221 -33.18 3.14 -35.63
N ASP D 222 -33.02 4.09 -36.55
CA ASP D 222 -31.73 4.30 -37.21
C ASP D 222 -31.05 5.56 -36.67
N ASP D 231 -21.84 7.45 -48.42
CA ASP D 231 -22.60 6.34 -47.84
C ASP D 231 -21.74 5.16 -47.33
N PRO D 232 -20.73 4.69 -48.08
CA PRO D 232 -19.88 3.62 -47.49
C PRO D 232 -18.99 4.13 -46.37
N THR D 233 -18.35 5.29 -46.54
CA THR D 233 -17.46 5.83 -45.53
C THR D 233 -17.33 7.34 -45.74
N ARG D 234 -16.63 7.97 -44.79
CA ARG D 234 -16.31 9.41 -44.83
C ARG D 234 -17.58 10.26 -44.91
N PHE D 235 -18.39 10.14 -43.85
CA PHE D 235 -19.57 10.99 -43.72
C PHE D 235 -19.16 12.44 -43.50
N GLY D 236 -18.27 12.68 -42.53
CA GLY D 236 -17.77 14.01 -42.26
C GLY D 236 -16.30 13.99 -41.88
N PHE D 237 -15.70 12.80 -41.89
CA PHE D 237 -14.31 12.65 -41.48
C PHE D 237 -13.38 13.22 -42.54
N HIS D 238 -12.16 13.55 -42.10
CA HIS D 238 -11.13 13.99 -43.01
C HIS D 238 -10.60 12.80 -43.81
N HIS D 239 -9.92 13.11 -44.93
CA HIS D 239 -9.35 12.04 -45.74
C HIS D 239 -8.22 11.32 -45.00
N SER D 240 -7.49 12.04 -44.14
CA SER D 240 -6.49 11.40 -43.31
C SER D 240 -7.13 10.41 -42.33
N HIS D 241 -8.32 10.74 -41.82
CA HIS D 241 -9.04 9.80 -40.96
C HIS D 241 -9.42 8.54 -41.72
N ALA D 242 -9.87 8.69 -42.97
CA ALA D 242 -10.19 7.52 -43.80
C ALA D 242 -8.96 6.69 -44.11
N GLU D 243 -7.82 7.33 -44.37
CA GLU D 243 -6.58 6.59 -44.58
C GLU D 243 -6.14 5.85 -43.33
N SER D 244 -6.29 6.47 -42.15
CA SER D 244 -5.94 5.80 -40.91
C SER D 244 -6.87 4.63 -40.61
N PHE D 245 -8.16 4.77 -40.93
CA PHE D 245 -9.10 3.69 -40.71
C PHE D 245 -8.79 2.48 -41.58
N SER D 246 -8.28 2.70 -42.80
CA SER D 246 -7.92 1.58 -43.67
C SER D 246 -6.78 0.76 -43.06
N ARG D 247 -5.77 1.43 -42.49
CA ARG D 247 -4.70 0.71 -41.81
C ARG D 247 -5.20 0.07 -40.52
N MET D 248 -6.15 0.71 -39.84
CA MET D 248 -6.65 0.19 -38.58
C MET D 248 -7.48 -1.08 -38.78
N ARG D 249 -8.23 -1.15 -39.87
CA ARG D 249 -9.09 -2.31 -40.12
C ARG D 249 -8.30 -3.55 -40.52
N ASN D 250 -7.06 -3.40 -40.98
CA ASN D 250 -6.27 -4.55 -41.42
C ASN D 250 -5.55 -5.26 -40.27
N LEU D 251 -5.52 -4.67 -39.09
CA LEU D 251 -4.85 -5.32 -37.96
C LEU D 251 -5.74 -6.40 -37.37
N PRO D 252 -5.26 -7.64 -37.25
CA PRO D 252 -6.14 -8.72 -36.78
C PRO D 252 -6.44 -8.65 -35.29
N ILE D 253 -5.59 -8.00 -34.50
CA ILE D 253 -5.76 -7.92 -33.06
C ILE D 253 -5.63 -6.48 -32.61
N GLY D 254 -6.22 -6.18 -31.47
CA GLY D 254 -6.08 -4.87 -30.87
C GLY D 254 -7.38 -4.40 -30.26
N ILE D 255 -7.32 -3.21 -29.67
CA ILE D 255 -8.48 -2.56 -29.06
C ILE D 255 -8.52 -1.12 -29.54
N ASN D 256 -9.71 -0.68 -29.98
CA ASN D 256 -9.95 0.68 -30.42
C ASN D 256 -11.03 1.30 -29.54
N ILE D 257 -10.92 2.61 -29.31
CA ILE D 257 -11.83 3.34 -28.44
C ILE D 257 -12.46 4.47 -29.23
N ILE D 258 -13.79 4.60 -29.12
CA ILE D 258 -14.53 5.72 -29.68
C ILE D 258 -15.02 6.57 -28.51
N SER D 259 -14.64 7.85 -28.51
CA SER D 259 -14.93 8.73 -27.38
C SER D 259 -15.69 9.95 -27.83
N GLY D 260 -16.54 10.46 -26.94
CA GLY D 260 -17.31 11.65 -27.20
C GLY D 260 -18.43 11.83 -26.19
N PRO D 261 -19.16 12.95 -26.29
CA PRO D 261 -20.32 13.16 -25.42
C PRO D 261 -21.49 12.25 -25.79
N THR D 262 -22.63 12.45 -25.11
CA THR D 262 -23.80 11.61 -25.34
C THR D 262 -24.33 11.74 -26.76
N GLY D 263 -24.36 12.95 -27.30
CA GLY D 263 -24.86 13.15 -28.65
C GLY D 263 -23.77 13.23 -29.68
N SER D 264 -22.75 12.36 -29.57
CA SER D 264 -21.61 12.38 -30.47
C SER D 264 -21.74 11.42 -31.65
N GLY D 265 -22.82 10.65 -31.72
CA GLY D 265 -23.01 9.72 -32.83
C GLY D 265 -22.01 8.59 -32.88
N LYS D 266 -21.74 7.98 -31.72
CA LYS D 266 -20.78 6.88 -31.67
C LYS D 266 -21.34 5.61 -32.31
N SER D 267 -22.63 5.33 -32.08
CA SER D 267 -23.23 4.12 -32.62
C SER D 267 -23.29 4.14 -34.14
N THR D 268 -23.53 5.30 -34.74
CA THR D 268 -23.54 5.40 -36.20
C THR D 268 -22.15 5.10 -36.77
N THR D 269 -21.11 5.64 -36.14
CA THR D 269 -19.74 5.37 -36.60
C THR D 269 -19.39 3.90 -36.44
N LEU D 270 -19.79 3.28 -35.32
CA LEU D 270 -19.53 1.86 -35.13
C LEU D 270 -20.24 1.01 -36.16
N LYS D 271 -21.51 1.34 -36.45
CA LYS D 271 -22.26 0.60 -37.46
C LYS D 271 -21.68 0.80 -38.85
N ASN D 272 -21.15 1.99 -39.15
CA ASN D 272 -20.52 2.22 -40.43
C ASN D 272 -19.22 1.43 -40.56
N LEU D 273 -18.44 1.36 -39.48
CA LEU D 273 -17.19 0.60 -39.53
C LEU D 273 -17.45 -0.90 -39.58
N LEU D 274 -18.54 -1.37 -38.97
CA LEU D 274 -18.86 -2.79 -38.99
C LEU D 274 -19.15 -3.27 -40.40
N GLU D 275 -19.85 -2.47 -41.20
CA GLU D 275 -20.11 -2.85 -42.59
C GLU D 275 -18.83 -2.94 -43.40
N LEU D 276 -17.91 -1.99 -43.22
CA LEU D 276 -16.62 -2.06 -43.91
C LEU D 276 -15.82 -3.27 -43.49
N LEU D 277 -15.80 -3.60 -42.19
CA LEU D 277 -15.11 -4.81 -41.73
C LEU D 277 -15.75 -6.07 -42.30
N TYR D 278 -17.08 -6.11 -42.38
CA TYR D 278 -17.77 -7.27 -42.94
C TYR D 278 -17.46 -7.43 -44.42
N ILE D 279 -17.45 -6.33 -45.18
CA ILE D 279 -17.21 -6.42 -46.62
C ILE D 279 -15.76 -6.75 -46.92
N GLU D 280 -14.81 -6.10 -46.23
CA GLU D 280 -13.41 -6.24 -46.60
C GLU D 280 -12.84 -7.62 -46.25
N LYS D 281 -13.32 -8.23 -45.16
CA LYS D 281 -12.77 -9.51 -44.75
C LYS D 281 -13.21 -10.68 -45.62
N LYS D 282 -14.22 -10.47 -46.48
CA LYS D 282 -14.71 -11.49 -47.41
C LYS D 282 -15.15 -12.77 -46.69
N LYS D 283 -15.84 -12.58 -45.56
CA LYS D 283 -16.40 -13.66 -44.75
C LYS D 283 -15.35 -14.64 -44.24
N LYS D 284 -14.10 -14.18 -44.06
CA LYS D 284 -13.05 -15.02 -43.51
C LYS D 284 -12.97 -14.96 -42.00
N VAL D 285 -13.73 -14.08 -41.36
CA VAL D 285 -13.77 -13.97 -39.91
C VAL D 285 -15.22 -13.99 -39.47
N ASN D 286 -15.43 -14.28 -38.18
CA ASN D 286 -16.75 -14.29 -37.58
C ASN D 286 -17.05 -12.94 -36.96
N ILE D 287 -18.18 -12.36 -37.33
CA ILE D 287 -18.57 -11.04 -36.85
C ILE D 287 -19.73 -11.25 -35.89
N ILE D 288 -19.49 -11.01 -34.61
CA ILE D 288 -20.51 -11.07 -33.57
C ILE D 288 -20.57 -9.70 -32.90
N SER D 289 -21.79 -9.20 -32.70
CA SER D 289 -22.00 -7.91 -32.06
C SER D 289 -23.05 -8.06 -30.97
N ILE D 290 -22.85 -7.37 -29.85
CA ILE D 290 -23.76 -7.43 -28.71
C ILE D 290 -24.27 -6.02 -28.44
N GLU D 291 -25.60 -5.87 -28.44
CA GLU D 291 -26.23 -4.58 -28.17
C GLU D 291 -27.66 -4.84 -27.73
N ASP D 292 -27.97 -4.52 -26.48
CA ASP D 292 -29.32 -4.76 -25.96
C ASP D 292 -30.41 -3.98 -26.70
N PRO D 293 -30.29 -2.68 -26.97
CA PRO D 293 -31.31 -2.02 -27.80
C PRO D 293 -30.98 -2.17 -29.28
N PRO D 294 -31.88 -2.77 -30.06
CA PRO D 294 -31.65 -2.89 -31.50
C PRO D 294 -31.62 -1.52 -32.16
N GLU D 295 -30.82 -1.40 -33.23
CA GLU D 295 -30.65 -0.14 -33.95
C GLU D 295 -30.83 -0.42 -35.44
N TYR D 296 -32.08 -0.34 -35.90
CA TYR D 296 -32.47 -0.50 -37.31
C TYR D 296 -31.97 -1.86 -37.81
N GLU D 297 -31.45 -1.94 -39.03
CA GLU D 297 -30.87 -3.16 -39.57
C GLU D 297 -29.36 -3.07 -39.56
N ILE D 298 -28.70 -4.18 -39.27
CA ILE D 298 -27.25 -4.22 -39.22
C ILE D 298 -26.72 -5.36 -40.07
N THR D 301 -23.51 -10.27 -40.53
CA THR D 301 -23.12 -9.99 -39.16
C THR D 301 -24.16 -10.49 -38.17
N ALA D 302 -23.74 -10.73 -36.94
CA ALA D 302 -24.64 -11.24 -35.90
C ALA D 302 -24.84 -10.16 -34.83
N GLN D 303 -26.10 -9.94 -34.45
CA GLN D 303 -26.46 -8.97 -33.43
C GLN D 303 -27.04 -9.70 -32.23
N LEU D 304 -26.55 -9.35 -31.04
CA LEU D 304 -27.00 -9.98 -29.80
C LEU D 304 -27.64 -8.95 -28.88
N PRO D 305 -28.78 -9.28 -28.24
CA PRO D 305 -29.46 -8.37 -27.32
C PRO D 305 -28.76 -8.29 -25.97
N THR D 311 -35.11 -4.06 -13.87
CA THR D 311 -34.40 -3.00 -13.17
C THR D 311 -32.99 -2.82 -13.74
N GLU D 312 -32.24 -1.86 -13.18
CA GLU D 312 -30.88 -1.62 -13.62
C GLU D 312 -29.97 -2.80 -13.28
N ALA D 313 -30.16 -3.41 -12.11
CA ALA D 313 -29.36 -4.56 -11.72
C ALA D 313 -29.62 -5.75 -12.63
N GLN D 314 -30.87 -5.98 -13.01
CA GLN D 314 -31.19 -7.07 -13.93
C GLN D 314 -30.56 -6.84 -15.30
N ARG D 315 -30.61 -5.60 -15.79
CA ARG D 315 -29.98 -5.29 -17.07
C ARG D 315 -28.47 -5.46 -17.01
N GLY D 316 -27.85 -5.03 -15.91
CA GLY D 316 -26.42 -5.25 -15.74
C GLY D 316 -26.04 -6.72 -15.67
N GLU D 317 -26.84 -7.52 -14.96
CA GLU D 317 -26.59 -8.96 -14.91
C GLU D 317 -26.75 -9.62 -16.27
N GLU D 318 -27.77 -9.19 -17.05
CA GLU D 318 -27.95 -9.74 -18.38
C GLU D 318 -26.78 -9.35 -19.30
N TYR D 319 -26.30 -8.11 -19.18
CA TYR D 319 -25.12 -7.69 -19.95
C TYR D 319 -23.88 -8.48 -19.56
N ARG D 320 -23.72 -8.74 -18.26
CA ARG D 320 -22.60 -9.55 -17.78
C ARG D 320 -22.67 -10.97 -18.35
N LYS D 321 -23.87 -11.57 -18.32
CA LYS D 321 -24.04 -12.91 -18.87
C LYS D 321 -23.77 -12.94 -20.36
N ALA D 322 -24.24 -11.92 -21.10
CA ALA D 322 -23.99 -11.86 -22.54
C ALA D 322 -22.51 -11.72 -22.84
N ILE D 323 -21.80 -10.86 -22.10
CA ILE D 323 -20.39 -10.63 -22.41
C ILE D 323 -19.53 -11.81 -21.95
N THR D 324 -19.98 -12.57 -20.93
CA THR D 324 -19.22 -13.75 -20.54
C THR D 324 -19.60 -14.98 -21.35
N ALA D 325 -20.72 -14.94 -22.08
CA ALA D 325 -21.06 -16.03 -22.99
C ALA D 325 -20.58 -15.77 -24.41
N ALA D 326 -20.30 -14.52 -24.76
CA ALA D 326 -19.77 -14.21 -26.08
C ALA D 326 -18.37 -14.77 -26.28
N LEU D 327 -17.54 -14.75 -25.22
CA LEU D 327 -16.19 -15.28 -25.32
C LEU D 327 -16.16 -16.80 -25.38
N ARG D 328 -17.26 -17.47 -25.04
CA ARG D 328 -17.32 -18.92 -25.18
C ARG D 328 -17.21 -19.34 -26.64
N SER D 329 -17.89 -18.62 -27.53
CA SER D 329 -17.71 -18.83 -28.96
C SER D 329 -16.44 -18.15 -29.45
N ASP D 330 -16.02 -18.51 -30.65
CA ASP D 330 -14.87 -17.87 -31.28
C ASP D 330 -15.23 -16.45 -31.68
N PRO D 331 -14.68 -15.42 -31.02
CA PRO D 331 -15.19 -14.07 -31.22
C PRO D 331 -14.67 -13.38 -32.48
N ASP D 332 -13.40 -13.61 -32.83
CA ASP D 332 -12.71 -12.89 -33.90
C ASP D 332 -12.84 -11.39 -33.72
N ILE D 333 -14.00 -10.83 -34.07
CA ILE D 333 -14.34 -9.45 -33.78
C ILE D 333 -15.52 -9.47 -32.82
N ILE D 334 -15.32 -8.90 -31.63
CA ILE D 334 -16.30 -9.06 -30.55
C ILE D 334 -17.38 -7.99 -30.55
N MET D 335 -17.08 -6.77 -31.03
CA MET D 335 -18.00 -5.64 -31.19
C MET D 335 -18.90 -5.40 -29.98
N PRO D 336 -18.38 -4.95 -28.84
CA PRO D 336 -19.25 -4.62 -27.71
C PRO D 336 -19.80 -3.20 -27.82
N GLY D 337 -20.52 -2.80 -26.78
CA GLY D 337 -21.07 -1.46 -26.73
C GLY D 337 -21.30 -0.95 -25.33
N GLU D 338 -20.99 0.33 -25.10
CA GLU D 338 -21.24 1.05 -23.85
C GLU D 338 -20.57 0.34 -22.66
N ALA D 339 -19.24 0.36 -22.71
CA ALA D 339 -18.42 -0.21 -21.64
C ALA D 339 -18.52 0.71 -20.43
N ARG D 340 -19.43 0.38 -19.52
CA ARG D 340 -19.75 1.25 -18.41
C ARG D 340 -19.22 0.76 -17.06
N ASP D 341 -18.99 -0.54 -16.91
CA ASP D 341 -18.58 -1.10 -15.63
C ASP D 341 -17.08 -1.39 -15.62
N ALA D 342 -16.47 -1.23 -14.45
CA ALA D 342 -15.04 -1.50 -14.31
C ALA D 342 -14.72 -2.98 -14.50
N GLU D 343 -15.55 -3.88 -13.96
CA GLU D 343 -15.30 -5.31 -14.15
C GLU D 343 -15.53 -5.73 -15.58
N VAL D 344 -16.51 -5.13 -16.26
CA VAL D 344 -16.77 -5.46 -17.67
C VAL D 344 -15.57 -5.08 -18.53
N ILE D 345 -15.04 -3.88 -18.35
CA ILE D 345 -13.90 -3.46 -19.15
C ILE D 345 -12.63 -4.19 -18.73
N ASN D 346 -12.53 -4.60 -17.46
CA ASN D 346 -11.40 -5.41 -17.02
C ASN D 346 -11.41 -6.78 -17.70
N LEU D 347 -12.58 -7.40 -17.80
CA LEU D 347 -12.72 -8.64 -18.55
C LEU D 347 -12.48 -8.43 -20.03
N LEU D 348 -12.91 -7.29 -20.58
CA LEU D 348 -12.72 -6.99 -22.00
C LEU D 348 -11.24 -6.85 -22.34
N PHE D 349 -10.46 -6.23 -21.46
CA PHE D 349 -9.03 -6.06 -21.70
C PHE D 349 -8.29 -7.39 -21.74
N THR D 350 -8.76 -8.40 -21.01
CA THR D 350 -8.15 -9.72 -21.10
C THR D 350 -8.35 -10.33 -22.48
N ALA D 351 -9.59 -10.26 -23.00
CA ALA D 351 -9.85 -10.75 -24.34
C ALA D 351 -9.16 -9.91 -25.41
N ALA D 352 -8.89 -8.64 -25.12
CA ALA D 352 -8.16 -7.80 -26.06
C ALA D 352 -6.74 -8.30 -26.30
N MET D 353 -6.07 -8.71 -25.23
CA MET D 353 -4.70 -9.23 -25.34
C MET D 353 -4.65 -10.75 -25.51
N THR D 354 -5.80 -11.43 -25.44
CA THR D 354 -5.82 -12.87 -25.69
C THR D 354 -5.56 -13.18 -27.16
N GLY D 355 -5.87 -12.23 -28.05
CA GLY D 355 -5.70 -12.47 -29.47
C GLY D 355 -6.93 -12.14 -30.29
N HIS D 356 -7.82 -11.32 -29.72
CA HIS D 356 -9.03 -10.88 -30.39
C HIS D 356 -8.90 -9.41 -30.77
N GLN D 357 -9.94 -8.88 -31.41
CA GLN D 357 -10.02 -7.48 -31.76
C GLN D 357 -11.33 -6.91 -31.22
N VAL D 358 -11.24 -5.76 -30.54
CA VAL D 358 -12.36 -5.18 -29.81
C VAL D 358 -12.61 -3.78 -30.36
N TRP D 359 -13.88 -3.48 -30.63
CA TRP D 359 -14.32 -2.15 -31.05
C TRP D 359 -15.40 -1.68 -30.07
N THR D 360 -14.99 -0.89 -29.08
CA THR D 360 -15.90 -0.40 -28.05
C THR D 360 -15.89 1.12 -28.02
N SER D 361 -16.92 1.67 -27.39
CA SER D 361 -17.09 3.11 -27.27
C SER D 361 -17.42 3.48 -25.84
N LEU D 362 -16.91 4.64 -25.40
CA LEU D 362 -17.17 5.16 -24.06
C LEU D 362 -17.26 6.68 -24.13
N HIS D 363 -17.50 7.30 -22.99
CA HIS D 363 -17.66 8.75 -22.90
C HIS D 363 -16.35 9.37 -22.42
N ALA D 364 -15.76 10.23 -23.24
CA ALA D 364 -14.52 10.91 -22.91
C ALA D 364 -14.41 12.14 -23.81
N ASN D 365 -13.24 12.79 -23.78
CA ASN D 365 -13.01 13.98 -24.59
C ASN D 365 -11.52 14.16 -24.79
N ASN D 366 -11.17 14.96 -25.80
CA ASN D 366 -9.82 15.42 -26.15
C ASN D 366 -8.91 14.29 -26.63
N ALA D 367 -9.40 13.05 -26.73
CA ALA D 367 -8.69 11.87 -27.24
C ALA D 367 -7.47 11.50 -26.40
N LEU D 368 -7.23 12.17 -25.27
CA LEU D 368 -6.14 11.83 -24.37
C LEU D 368 -6.60 11.59 -22.94
N ALA D 369 -7.77 12.10 -22.55
CA ALA D 369 -8.34 11.82 -21.24
C ALA D 369 -8.97 10.44 -21.16
N ILE D 370 -8.98 9.69 -22.27
CA ILE D 370 -9.48 8.32 -22.26
C ILE D 370 -8.67 7.45 -21.33
N PHE D 371 -7.34 7.63 -21.35
CA PHE D 371 -6.47 6.86 -20.46
C PHE D 371 -6.74 7.20 -18.99
N ASP D 372 -7.11 8.46 -18.72
CA ASP D 372 -7.51 8.82 -17.36
C ASP D 372 -8.78 8.08 -16.95
N ARG D 373 -9.73 7.94 -17.88
CA ARG D 373 -10.93 7.16 -17.60
C ARG D 373 -10.59 5.70 -17.35
N LEU D 374 -9.66 5.15 -18.13
CA LEU D 374 -9.24 3.76 -17.94
C LEU D 374 -8.58 3.56 -16.58
N LYS D 375 -7.71 4.50 -16.17
CA LYS D 375 -7.10 4.44 -14.86
C LYS D 375 -8.11 4.62 -13.73
N ASP D 376 -9.15 5.44 -13.95
CA ASP D 376 -10.22 5.55 -12.98
C ASP D 376 -10.99 4.23 -12.85
N GLN D 377 -11.18 3.53 -13.97
CA GLN D 377 -11.84 2.24 -13.91
C GLN D 377 -10.96 1.17 -13.27
N GLY D 378 -9.65 1.39 -13.22
CA GLY D 378 -8.75 0.47 -12.57
C GLY D 378 -8.18 -0.59 -13.48
N VAL D 379 -7.56 -0.17 -14.59
CA VAL D 379 -6.97 -1.11 -15.53
C VAL D 379 -5.47 -1.26 -15.36
N ASP D 380 -4.88 -0.60 -14.35
CA ASP D 380 -3.46 -0.65 -14.01
C ASP D 380 -2.57 -0.06 -15.10
N GLU D 381 -1.34 0.28 -14.72
CA GLU D 381 -0.42 0.95 -15.63
C GLU D 381 0.19 0.03 -16.68
N PHE D 382 0.44 -1.25 -16.34
CA PHE D 382 1.16 -2.13 -17.25
C PHE D 382 0.33 -2.54 -18.45
N LYS D 383 -1.00 -2.64 -18.30
CA LYS D 383 -1.85 -3.04 -19.42
C LYS D 383 -1.92 -1.98 -20.52
N LEU D 384 -1.77 -0.71 -20.18
CA LEU D 384 -1.86 0.37 -21.15
C LEU D 384 -0.51 0.78 -21.73
N THR D 385 0.57 0.10 -21.34
CA THR D 385 1.88 0.46 -21.85
C THR D 385 2.20 -0.25 -23.17
N ASP D 386 1.36 -1.19 -23.58
CA ASP D 386 1.62 -1.95 -24.79
C ASP D 386 1.22 -1.15 -26.03
N PRO D 387 2.15 -0.88 -26.95
CA PRO D 387 1.75 -0.25 -28.21
C PRO D 387 1.00 -1.19 -29.13
N GLU D 388 1.22 -2.49 -28.99
CA GLU D 388 0.55 -3.46 -29.86
C GLU D 388 -0.90 -3.65 -29.44
N LEU D 389 -1.20 -3.50 -28.15
CA LEU D 389 -2.56 -3.72 -27.67
C LEU D 389 -3.49 -2.63 -28.18
N ILE D 390 -3.24 -1.39 -27.78
CA ILE D 390 -4.02 -0.26 -28.28
C ILE D 390 -3.74 -0.09 -29.77
N THR D 391 -4.80 0.09 -30.56
CA THR D 391 -4.64 0.25 -32.00
C THR D 391 -5.07 1.61 -32.53
N GLY D 392 -5.84 2.37 -31.76
CA GLY D 392 -6.24 3.70 -32.19
C GLY D 392 -7.26 4.36 -31.29
N LEU D 393 -7.20 5.67 -31.17
CA LEU D 393 -8.16 6.44 -30.39
C LEU D 393 -8.87 7.40 -31.33
N VAL D 394 -10.20 7.48 -31.21
CA VAL D 394 -11.02 8.35 -32.04
C VAL D 394 -11.92 9.18 -31.15
N ALA D 395 -11.84 10.50 -31.29
CA ALA D 395 -12.71 11.41 -30.56
C ALA D 395 -13.49 12.26 -31.56
N GLN D 396 -14.82 12.22 -31.47
CA GLN D 396 -15.68 12.89 -32.44
C GLN D 396 -16.75 13.70 -31.73
N ARG D 397 -17.10 14.83 -32.35
CA ARG D 397 -18.19 15.69 -31.91
C ARG D 397 -19.09 15.95 -33.10
N LEU D 398 -20.34 16.35 -32.82
CA LEU D 398 -21.32 16.64 -33.86
C LEU D 398 -21.67 18.12 -33.84
N VAL D 399 -21.54 18.77 -34.99
CA VAL D 399 -21.84 20.19 -35.11
C VAL D 399 -22.77 20.41 -36.30
N ARG D 400 -23.61 21.43 -36.18
CA ARG D 400 -24.58 21.73 -37.23
C ARG D 400 -23.87 22.20 -38.49
N LYS D 401 -24.36 21.74 -39.64
CA LYS D 401 -23.76 22.03 -40.94
C LYS D 401 -24.62 23.03 -41.69
N LEU D 402 -23.99 24.09 -42.21
CA LEU D 402 -24.71 25.12 -42.92
C LEU D 402 -25.21 24.62 -44.28
N CYS D 403 -26.33 25.16 -44.71
CA CYS D 403 -26.87 24.83 -46.02
C CYS D 403 -26.01 25.44 -47.12
N ALA D 404 -25.68 24.63 -48.13
CA ALA D 404 -24.87 25.12 -49.24
C ALA D 404 -25.66 26.09 -50.11
N GLN D 405 -26.94 25.82 -50.33
CA GLN D 405 -27.77 26.71 -51.14
C GLN D 405 -28.09 28.01 -50.40
N CYS D 406 -28.42 27.93 -49.11
CA CYS D 406 -28.79 29.09 -48.31
C CYS D 406 -27.58 29.49 -47.48
N SER D 407 -26.68 30.26 -48.09
CA SER D 407 -25.48 30.74 -47.41
C SER D 407 -25.24 32.20 -47.78
N ILE D 408 -24.66 32.94 -46.84
CA ILE D 408 -24.32 34.35 -47.03
C ILE D 408 -22.88 34.57 -46.61
N THR D 409 -22.28 35.62 -47.16
CA THR D 409 -20.89 35.94 -46.84
C THR D 409 -20.83 36.81 -45.58
N LEU D 410 -19.62 37.25 -45.25
CA LEU D 410 -19.44 38.11 -44.07
C LEU D 410 -20.10 39.47 -44.26
N THR D 411 -19.94 40.07 -45.44
CA THR D 411 -20.52 41.38 -45.69
C THR D 411 -22.04 41.32 -45.67
N GLU D 412 -22.62 40.28 -46.28
CA GLU D 412 -24.07 40.12 -46.26
C GLU D 412 -24.60 39.84 -44.86
N TYR D 413 -23.80 39.17 -44.03
CA TYR D 413 -24.23 38.91 -42.66
C TYR D 413 -24.17 40.17 -41.81
N ILE D 414 -23.10 40.96 -41.93
CA ILE D 414 -23.00 42.18 -41.13
C ILE D 414 -23.89 43.29 -41.69
N ALA D 415 -24.38 43.15 -42.92
CA ALA D 415 -25.27 44.17 -43.47
C ALA D 415 -26.64 44.12 -42.82
N SER D 416 -27.02 42.98 -42.24
CA SER D 416 -28.33 42.82 -41.61
C SER D 416 -28.14 42.23 -40.21
N GLY D 417 -27.91 43.10 -39.23
CA GLY D 417 -27.80 42.68 -37.84
C GLY D 417 -26.67 41.72 -37.54
N GLY D 418 -25.48 41.97 -38.10
CA GLY D 418 -24.37 41.06 -37.91
C GLY D 418 -23.63 41.36 -36.61
N GLY D 419 -23.58 40.39 -35.71
CA GLY D 419 -22.84 40.54 -34.48
C GLY D 419 -21.77 39.48 -34.32
N ILE D 420 -20.51 39.90 -34.36
CA ILE D 420 -19.36 38.99 -34.26
C ILE D 420 -18.46 39.48 -33.14
N SER D 421 -18.07 38.57 -32.25
CA SER D 421 -17.23 38.91 -31.12
C SER D 421 -15.81 39.23 -31.59
N ASP D 422 -15.05 39.89 -30.72
CA ASP D 422 -13.68 40.27 -31.00
C ASP D 422 -12.76 39.06 -31.15
N THR D 423 -12.94 38.04 -30.30
CA THR D 423 -12.11 36.85 -30.38
C THR D 423 -12.36 36.04 -31.65
N ASP D 424 -13.56 36.12 -32.21
CA ASP D 424 -13.87 35.41 -33.45
C ASP D 424 -13.14 35.97 -34.65
N ARG D 425 -12.87 37.29 -34.67
CA ARG D 425 -12.19 37.90 -35.80
C ARG D 425 -10.78 37.38 -36.00
N LYS D 426 -10.15 36.87 -34.94
CA LYS D 426 -8.84 36.22 -35.10
C LYS D 426 -8.98 34.93 -35.91
N ILE D 427 -10.08 34.20 -35.71
CA ILE D 427 -10.28 32.95 -36.44
C ILE D 427 -10.52 33.22 -37.92
N ILE D 428 -11.35 34.21 -38.23
CA ILE D 428 -11.71 34.47 -39.62
C ILE D 428 -10.71 35.43 -40.28
N SER D 429 -9.61 35.74 -39.61
CA SER D 429 -8.63 36.65 -40.17
C SER D 429 -7.92 36.02 -41.36
N GLY D 430 -7.95 36.72 -42.48
CA GLY D 430 -7.30 36.27 -43.71
C GLY D 430 -8.18 35.47 -44.64
N HIS D 431 -9.32 34.99 -44.15
CA HIS D 431 -10.25 34.17 -44.92
C HIS D 431 -11.67 34.67 -44.73
N GLU D 432 -11.86 35.99 -44.85
CA GLU D 432 -13.18 36.57 -44.62
C GLU D 432 -14.16 36.18 -45.73
N THR D 433 -13.69 36.11 -46.97
CA THR D 433 -14.59 35.79 -48.08
C THR D 433 -14.98 34.32 -48.11
N SER D 434 -14.07 33.44 -47.68
CA SER D 434 -14.33 32.01 -47.76
C SER D 434 -15.33 31.55 -46.71
N VAL D 435 -15.48 32.28 -45.61
CA VAL D 435 -16.37 31.87 -44.54
C VAL D 435 -17.83 32.09 -44.98
N ARG D 436 -18.74 31.38 -44.31
CA ARG D 436 -20.16 31.47 -44.59
C ARG D 436 -20.95 31.58 -43.29
N PHE D 437 -22.15 32.13 -43.40
CA PHE D 437 -23.03 32.35 -42.26
C PHE D 437 -24.42 31.81 -42.58
N PRO D 438 -25.20 31.46 -41.54
CA PRO D 438 -26.57 30.99 -41.79
C PRO D 438 -27.43 32.05 -42.46
N ASN D 439 -28.31 31.59 -43.35
CA ASN D 439 -29.15 32.50 -44.12
C ASN D 439 -30.48 32.68 -43.41
N PRO D 440 -30.84 33.90 -43.01
CA PRO D 440 -32.13 34.12 -42.34
C PRO D 440 -33.30 34.14 -43.30
N ARG D 441 -34.48 34.49 -42.78
CA ARG D 441 -35.76 34.71 -43.47
C ARG D 441 -36.44 33.42 -43.90
N ALA D 442 -35.82 32.26 -43.70
CA ALA D 442 -36.44 30.94 -43.90
C ALA D 442 -36.96 30.77 -45.33
N LYS D 443 -36.00 30.71 -46.25
CA LYS D 443 -36.33 30.58 -47.67
C LYS D 443 -36.93 29.21 -47.97
N LYS D 444 -37.27 29.01 -49.25
CA LYS D 444 -37.95 27.78 -49.67
C LYS D 444 -37.06 26.56 -49.48
N CYS D 445 -35.77 26.69 -49.76
CA CYS D 445 -34.85 25.59 -49.56
C CYS D 445 -34.70 25.28 -48.07
N CYS D 446 -34.39 24.00 -47.78
CA CYS D 446 -34.16 23.43 -46.45
C CYS D 446 -35.19 23.87 -45.42
N ARG D 447 -34.80 23.96 -44.15
CA ARG D 447 -35.71 24.34 -43.08
C ARG D 447 -35.32 25.67 -42.44
N ASP D 448 -34.10 25.77 -41.91
CA ASP D 448 -33.65 26.97 -41.21
C ASP D 448 -32.21 27.32 -41.56
N GLY D 449 -31.72 26.88 -42.72
CA GLY D 449 -30.34 27.08 -43.09
C GLY D 449 -29.39 26.00 -42.61
N TYR D 450 -29.89 25.03 -41.84
CA TYR D 450 -29.08 23.91 -41.35
C TYR D 450 -29.65 22.63 -41.94
N ASN D 451 -28.80 21.85 -42.60
CA ASN D 451 -29.17 20.57 -43.19
C ASN D 451 -28.29 19.49 -42.58
N GLY D 452 -28.86 18.68 -41.69
CA GLY D 452 -28.12 17.61 -41.07
C GLY D 452 -27.14 18.12 -40.02
N ARG D 453 -26.28 17.20 -39.59
CA ARG D 453 -25.27 17.51 -38.57
C ARG D 453 -24.00 16.74 -38.92
N THR D 454 -22.91 17.46 -39.12
CA THR D 454 -21.66 16.84 -39.54
C THR D 454 -20.77 16.52 -38.34
N ILE D 455 -19.67 15.83 -38.62
CA ILE D 455 -18.80 15.26 -37.59
C ILE D 455 -17.45 15.94 -37.65
N LEU D 456 -16.97 16.39 -36.50
CA LEU D 456 -15.61 16.90 -36.33
C LEU D 456 -14.85 15.89 -35.47
N ALA D 457 -13.87 15.22 -36.05
CA ALA D 457 -13.25 14.08 -35.38
C ALA D 457 -11.74 14.15 -35.51
N GLU D 458 -11.07 13.53 -34.55
CA GLU D 458 -9.63 13.36 -34.55
C GLU D 458 -9.29 11.92 -34.21
N VAL D 459 -8.22 11.43 -34.82
CA VAL D 459 -7.76 10.06 -34.62
C VAL D 459 -6.28 10.08 -34.26
N ILE D 460 -5.93 9.34 -33.22
CA ILE D 460 -4.55 9.23 -32.74
C ILE D 460 -4.12 7.78 -32.87
N GLU D 461 -3.02 7.57 -33.59
CA GLU D 461 -2.41 6.25 -33.71
C GLU D 461 -1.43 6.07 -32.56
N PRO D 462 -1.58 5.04 -31.74
CA PRO D 462 -0.68 4.88 -30.59
C PRO D 462 0.73 4.53 -31.02
N ASP D 463 1.68 4.95 -30.18
CA ASP D 463 3.09 4.69 -30.40
C ASP D 463 3.74 4.35 -29.06
N SER D 464 4.93 3.77 -29.12
CA SER D 464 5.64 3.39 -27.90
C SER D 464 6.03 4.60 -27.07
N LYS D 465 6.68 5.59 -27.71
CA LYS D 465 7.08 6.79 -26.98
C LYS D 465 5.88 7.60 -26.53
N LEU D 466 4.84 7.70 -27.37
CA LEU D 466 3.64 8.44 -27.00
C LEU D 466 2.94 7.82 -25.79
N LEU D 467 2.84 6.49 -25.76
CA LEU D 467 2.23 5.84 -24.61
C LEU D 467 3.12 5.91 -23.38
N ARG D 468 4.44 5.86 -23.57
CA ARG D 468 5.36 5.99 -22.45
C ARG D 468 5.29 7.36 -21.80
N LEU D 469 5.12 8.41 -22.61
CA LEU D 469 4.98 9.76 -22.06
C LEU D 469 3.71 9.90 -21.23
N VAL D 470 2.59 9.33 -21.69
CA VAL D 470 1.35 9.40 -20.94
C VAL D 470 1.43 8.55 -19.67
N ALA D 471 2.11 7.40 -19.76
CA ALA D 471 2.24 6.51 -18.61
C ALA D 471 3.01 7.15 -17.47
N GLU D 472 3.91 8.09 -17.79
CA GLU D 472 4.62 8.84 -16.76
C GLU D 472 3.77 9.96 -16.16
N GLY D 473 2.57 10.19 -16.68
CA GLY D 473 1.74 11.25 -16.18
C GLY D 473 2.26 12.65 -16.44
N LYS D 474 2.90 12.85 -17.60
CA LYS D 474 3.44 14.18 -17.92
C LYS D 474 2.32 15.16 -18.23
N ARG D 475 1.36 14.73 -19.06
CA ARG D 475 0.25 15.55 -19.57
C ARG D 475 0.71 16.81 -20.29
N GLU D 476 1.97 16.84 -20.73
CA GLU D 476 2.53 17.98 -21.42
C GLU D 476 3.71 17.49 -22.24
N ASP D 477 3.84 18.01 -23.46
CA ASP D 477 4.81 17.66 -24.50
C ASP D 477 4.55 16.29 -25.11
N ALA D 478 3.61 15.52 -24.57
CA ALA D 478 3.12 14.34 -25.27
C ALA D 478 2.17 14.73 -26.39
N GLN D 479 1.32 15.73 -26.13
CA GLN D 479 0.49 16.30 -27.18
C GLN D 479 1.33 16.95 -28.26
N HIS D 480 2.40 17.67 -27.87
CA HIS D 480 3.31 18.25 -28.86
C HIS D 480 4.02 17.18 -29.66
N TYR D 481 4.46 16.10 -29.02
CA TYR D 481 5.10 14.99 -29.74
C TYR D 481 4.14 14.33 -30.72
N TRP D 482 2.87 14.14 -30.31
CA TRP D 482 1.88 13.55 -31.21
C TRP D 482 1.57 14.49 -32.37
N LEU D 483 1.51 15.79 -32.10
CA LEU D 483 1.15 16.74 -33.15
C LEU D 483 2.28 16.99 -34.14
N THR D 484 3.53 16.87 -33.69
CA THR D 484 4.67 17.18 -34.55
C THR D 484 5.27 15.93 -35.19
N SER D 485 5.67 14.96 -34.36
CA SER D 485 6.36 13.79 -34.87
C SER D 485 5.42 12.85 -35.60
N LEU D 486 4.22 12.61 -35.05
CA LEU D 486 3.28 11.69 -35.65
C LEU D 486 2.43 12.34 -36.74
N HIS D 487 2.60 13.64 -36.98
CA HIS D 487 1.86 14.38 -38.00
C HIS D 487 0.35 14.28 -37.79
N GLY D 488 -0.07 14.30 -36.52
CA GLY D 488 -1.48 14.23 -36.19
C GLY D 488 -2.18 15.58 -36.36
N MET D 489 -3.50 15.53 -36.26
CA MET D 489 -4.34 16.72 -36.38
C MET D 489 -5.26 16.80 -35.17
N ALA D 490 -5.25 17.96 -34.51
CA ALA D 490 -6.07 18.16 -33.33
C ALA D 490 -7.53 18.40 -33.72
N LEU D 491 -8.41 18.24 -32.74
CA LEU D 491 -9.83 18.51 -32.95
C LEU D 491 -10.08 19.97 -33.28
N LYS D 492 -9.39 20.88 -32.59
CA LYS D 492 -9.50 22.30 -32.88
C LYS D 492 -8.99 22.61 -34.28
N GLU D 493 -7.90 21.95 -34.69
CA GLU D 493 -7.39 22.12 -36.04
C GLU D 493 -8.38 21.64 -37.10
N HIS D 494 -9.02 20.50 -36.86
CA HIS D 494 -10.04 20.01 -37.79
C HIS D 494 -11.24 20.94 -37.85
N ALA D 495 -11.64 21.50 -36.70
CA ALA D 495 -12.72 22.49 -36.70
C ALA D 495 -12.34 23.73 -37.49
N TRP D 496 -11.11 24.22 -37.31
CA TRP D 496 -10.67 25.41 -38.04
C TRP D 496 -10.57 25.16 -39.53
N LEU D 497 -10.19 23.95 -39.94
CA LEU D 497 -10.13 23.62 -41.36
C LEU D 497 -11.50 23.69 -42.01
N LYS D 498 -12.54 23.19 -41.33
CA LYS D 498 -13.89 23.30 -41.88
C LYS D 498 -14.42 24.72 -41.77
N ILE D 499 -13.96 25.49 -40.79
CA ILE D 499 -14.34 26.90 -40.70
C ILE D 499 -13.81 27.67 -41.90
N ILE D 500 -12.56 27.41 -42.28
CA ILE D 500 -11.98 28.07 -43.45
C ILE D 500 -12.74 27.70 -44.72
N SER D 501 -13.09 26.41 -44.86
CA SER D 501 -13.83 25.96 -46.03
C SER D 501 -15.27 26.45 -46.05
N GLY D 502 -15.79 26.95 -44.94
CA GLY D 502 -17.14 27.46 -44.89
C GLY D 502 -18.22 26.42 -44.75
N GLU D 503 -17.87 25.19 -44.34
CA GLU D 503 -18.87 24.14 -44.21
C GLU D 503 -19.76 24.37 -43.00
N ILE D 504 -19.19 24.92 -41.92
CA ILE D 504 -19.93 25.15 -40.68
C ILE D 504 -19.73 26.58 -40.23
N CYS D 505 -20.66 27.05 -39.40
CA CYS D 505 -20.61 28.41 -38.88
C CYS D 505 -19.64 28.51 -37.70
N VAL D 506 -19.00 29.67 -37.59
CA VAL D 506 -18.05 29.90 -36.51
C VAL D 506 -18.75 29.99 -35.15
N MET D 507 -19.99 30.50 -35.13
CA MET D 507 -20.71 30.67 -33.87
C MET D 507 -21.01 29.33 -33.20
N ASP D 508 -21.39 28.33 -33.99
CA ASP D 508 -21.62 27.01 -33.42
C ASP D 508 -20.30 26.30 -33.11
N ALA D 509 -19.27 26.54 -33.92
CA ALA D 509 -17.97 25.90 -33.68
C ALA D 509 -17.35 26.36 -32.37
N VAL D 510 -17.45 27.66 -32.06
CA VAL D 510 -16.92 28.16 -30.80
C VAL D 510 -17.71 27.61 -29.63
N ASN D 511 -19.04 27.56 -29.76
CA ASN D 511 -19.88 27.09 -28.66
C ASN D 511 -19.77 25.58 -28.46
N LYS D 512 -19.29 24.84 -29.47
CA LYS D 512 -19.13 23.40 -29.31
C LYS D 512 -17.69 22.99 -29.09
N ILE D 513 -16.73 23.70 -29.67
CA ILE D 513 -15.32 23.38 -29.55
C ILE D 513 -14.60 24.57 -28.94
N SER D 514 -13.84 24.33 -27.88
CA SER D 514 -13.12 25.38 -27.16
C SER D 514 -11.67 25.43 -27.61
N GLY D 515 -11.05 26.60 -27.40
CA GLY D 515 -9.64 26.76 -27.71
C GLY D 515 -9.33 26.92 -29.18
N ILE D 516 -10.32 27.23 -30.01
CA ILE D 516 -10.07 27.40 -31.45
C ILE D 516 -9.21 28.62 -31.71
N ASP D 517 -9.43 29.69 -30.95
CA ASP D 517 -8.68 30.93 -31.14
C ASP D 517 -7.24 30.85 -30.66
N ASN D 518 -6.86 29.77 -29.96
CA ASN D 518 -5.51 29.63 -29.42
C ASN D 518 -4.54 29.03 -30.43
N ILE D 519 -4.98 28.72 -31.64
CA ILE D 519 -4.10 28.13 -32.64
C ILE D 519 -3.15 29.21 -33.18
N THR D 520 -1.85 28.90 -33.19
CA THR D 520 -0.86 29.85 -33.68
C THR D 520 -0.95 30.00 -35.20
N GLU D 521 -0.43 31.12 -35.69
CA GLU D 521 -0.46 31.40 -37.12
C GLU D 521 0.40 30.43 -37.90
N GLU D 522 1.55 30.04 -37.35
CA GLU D 522 2.41 29.06 -38.02
C GLU D 522 1.71 27.72 -38.16
N ARG D 523 0.96 27.30 -37.14
CA ARG D 523 0.18 26.08 -37.25
C ARG D 523 -0.92 26.22 -38.30
N LYS D 524 -1.58 27.39 -38.36
CA LYS D 524 -2.63 27.61 -39.34
C LYS D 524 -2.09 27.54 -40.77
N LYS D 525 -0.91 28.13 -41.00
CA LYS D 525 -0.32 28.07 -42.33
C LYS D 525 0.02 26.64 -42.74
N TYR D 526 0.58 25.86 -41.81
CA TYR D 526 0.89 24.46 -42.10
C TYR D 526 -0.36 23.64 -42.37
N LEU D 527 -1.43 23.90 -41.60
CA LEU D 527 -2.68 23.20 -41.84
C LEU D 527 -3.29 23.56 -43.19
N PHE D 528 -3.22 24.84 -43.57
CA PHE D 528 -3.79 25.26 -44.84
C PHE D 528 -2.96 24.77 -46.03
N SER D 529 -1.65 24.68 -45.89
CA SER D 529 -0.80 24.24 -47.01
C SER D 529 -1.10 22.79 -47.40
N ARG D 530 -1.28 21.91 -46.42
CA ARG D 530 -1.56 20.51 -46.72
C ARG D 530 -2.92 20.34 -47.39
N ASP D 531 -3.92 21.13 -46.97
CA ASP D 531 -5.23 21.06 -47.60
C ASP D 531 -5.21 21.67 -49.00
N ASN D 532 -4.41 22.71 -49.21
CA ASN D 532 -4.35 23.34 -50.53
C ASN D 532 -3.59 22.48 -51.53
N GLU D 533 -2.53 21.80 -51.08
CA GLU D 533 -1.73 20.99 -51.99
C GLU D 533 -2.43 19.69 -52.39
N ILE D 534 -3.46 19.28 -51.65
CA ILE D 534 -4.19 18.06 -51.98
C ILE D 534 -5.48 18.43 -52.71
N VAL E 107 -35.61 -33.76 -37.04
CA VAL E 107 -35.47 -35.14 -36.62
C VAL E 107 -34.04 -35.40 -36.20
N GLU E 108 -33.87 -36.27 -35.20
CA GLU E 108 -32.54 -36.54 -34.65
C GLU E 108 -31.62 -37.25 -35.65
N LYS E 109 -32.19 -38.00 -36.59
CA LYS E 109 -31.37 -38.68 -37.58
C LYS E 109 -30.70 -37.69 -38.54
N ARG E 110 -31.38 -36.61 -38.91
CA ARG E 110 -30.77 -35.58 -39.75
C ARG E 110 -29.61 -34.91 -39.03
N ALA E 111 -29.79 -34.61 -37.73
CA ALA E 111 -28.71 -34.03 -36.94
C ALA E 111 -27.54 -35.00 -36.81
N SER E 112 -27.82 -36.28 -36.60
CA SER E 112 -26.76 -37.28 -36.49
C SER E 112 -25.98 -37.39 -37.80
N MET E 113 -26.69 -37.40 -38.93
CA MET E 113 -26.03 -37.44 -40.23
C MET E 113 -25.20 -36.19 -40.50
N LEU E 114 -25.72 -35.01 -40.15
CA LEU E 114 -24.95 -33.78 -40.32
C LEU E 114 -23.70 -33.79 -39.46
N LEU E 115 -23.81 -34.25 -38.21
CA LEU E 115 -22.65 -34.33 -37.33
C LEU E 115 -21.63 -35.32 -37.88
N PHE E 116 -22.10 -36.46 -38.40
CA PHE E 116 -21.18 -37.48 -38.91
C PHE E 116 -20.45 -36.98 -40.15
N GLU E 117 -21.16 -36.29 -41.05
CA GLU E 117 -20.50 -35.79 -42.26
C GLU E 117 -19.62 -34.58 -41.95
N CYS E 118 -19.93 -33.84 -40.88
CA CYS E 118 -19.08 -32.73 -40.49
C CYS E 118 -17.81 -33.19 -39.79
N ALA E 119 -17.89 -34.29 -39.03
CA ALA E 119 -16.73 -34.79 -38.30
C ALA E 119 -15.66 -35.30 -39.26
N GLU E 120 -16.07 -36.02 -40.30
CA GLU E 120 -15.14 -36.60 -41.27
C GLU E 120 -14.56 -35.56 -42.22
N MET E 121 -15.08 -34.33 -42.21
CA MET E 121 -14.61 -33.29 -43.11
C MET E 121 -13.40 -32.55 -42.56
N ARG E 122 -12.93 -32.89 -41.35
CA ARG E 122 -11.79 -32.26 -40.68
C ARG E 122 -12.00 -30.75 -40.52
N VAL E 123 -13.02 -30.43 -39.73
CA VAL E 123 -13.41 -29.05 -39.47
C VAL E 123 -12.87 -28.62 -38.12
N SER E 124 -12.89 -27.31 -37.89
CA SER E 124 -12.42 -26.76 -36.61
C SER E 124 -13.59 -26.42 -35.70
N ASP E 125 -14.50 -25.55 -36.16
CA ASP E 125 -15.64 -25.12 -35.37
C ASP E 125 -16.90 -25.15 -36.23
N LEU E 126 -18.04 -25.31 -35.57
CA LEU E 126 -19.33 -25.37 -36.25
C LEU E 126 -20.21 -24.21 -35.77
N HIS E 127 -20.77 -23.48 -36.73
CA HIS E 127 -21.66 -22.36 -36.45
C HIS E 127 -23.01 -22.62 -37.12
N ILE E 128 -24.09 -22.46 -36.37
CA ILE E 128 -25.44 -22.52 -36.91
C ILE E 128 -26.15 -21.23 -36.52
N LYS E 129 -26.59 -20.47 -37.51
CA LYS E 129 -27.28 -19.21 -37.29
C LYS E 129 -28.71 -19.31 -37.78
N VAL E 130 -29.65 -18.81 -36.98
CA VAL E 130 -31.08 -18.85 -37.30
C VAL E 130 -31.58 -17.42 -37.41
N TYR E 131 -32.18 -17.08 -38.54
CA TYR E 131 -32.73 -15.75 -38.78
C TYR E 131 -34.26 -15.75 -38.89
N ASP E 132 -34.92 -16.79 -38.38
CA ASP E 132 -36.36 -17.03 -38.29
C ASP E 132 -36.97 -17.38 -39.65
N ALA E 133 -36.23 -17.25 -40.75
CA ALA E 133 -36.71 -17.65 -42.07
C ALA E 133 -35.83 -18.73 -42.69
N GLU E 134 -34.52 -18.69 -42.43
CA GLU E 134 -33.60 -19.72 -42.87
C GLU E 134 -32.45 -19.79 -41.87
N ALA E 135 -31.76 -20.92 -41.86
CA ALA E 135 -30.63 -21.15 -40.97
C ALA E 135 -29.39 -21.43 -41.80
N ASP E 136 -28.32 -20.70 -41.53
CA ASP E 136 -27.05 -20.82 -42.23
C ASP E 136 -26.09 -21.68 -41.42
N ILE E 137 -25.38 -22.55 -42.14
CA ILE E 137 -24.40 -23.45 -41.53
C ILE E 137 -23.01 -23.01 -41.98
N TYR E 138 -22.10 -22.85 -41.02
CA TYR E 138 -20.73 -22.45 -41.29
C TYR E 138 -19.79 -23.47 -40.64
N ILE E 139 -18.73 -23.83 -41.36
CA ILE E 139 -17.71 -24.72 -40.86
C ILE E 139 -16.36 -24.07 -41.10
N ARG E 140 -15.52 -24.07 -40.06
CA ARG E 140 -14.19 -23.46 -40.11
C ARG E 140 -13.24 -24.47 -40.75
N LYS E 141 -13.34 -24.59 -42.08
CA LYS E 141 -12.39 -25.40 -42.83
C LYS E 141 -11.04 -24.72 -42.80
N ASP E 142 -10.00 -25.47 -42.44
CA ASP E 142 -8.62 -24.97 -42.25
C ASP E 142 -8.68 -23.87 -41.21
N GLY E 143 -8.51 -22.59 -41.57
CA GLY E 143 -8.54 -21.51 -40.60
C GLY E 143 -9.67 -20.52 -40.72
N ASP E 144 -10.53 -20.64 -41.73
CA ASP E 144 -11.62 -19.69 -41.95
C ASP E 144 -12.92 -20.44 -42.15
N MET E 145 -14.02 -19.77 -41.82
CA MET E 145 -15.36 -20.34 -41.95
C MET E 145 -15.89 -20.15 -43.37
N GLU E 146 -16.75 -21.07 -43.80
CA GLU E 146 -17.33 -21.04 -45.12
C GLU E 146 -18.81 -21.40 -45.02
N LEU E 147 -19.63 -20.75 -45.84
CA LEU E 147 -21.07 -20.98 -45.83
C LEU E 147 -21.36 -22.35 -46.43
N LEU E 148 -21.82 -23.26 -45.59
CA LEU E 148 -22.07 -24.63 -46.05
C LEU E 148 -23.42 -24.73 -46.76
N ARG E 149 -24.51 -24.44 -46.04
CA ARG E 149 -25.84 -24.58 -46.60
C ARG E 149 -26.83 -23.72 -45.83
N GLN E 150 -28.05 -23.64 -46.35
CA GLN E 150 -29.14 -22.86 -45.78
C GLN E 150 -30.36 -23.77 -45.63
N ILE E 151 -30.55 -24.30 -44.44
CA ILE E 151 -31.67 -25.17 -44.13
C ILE E 151 -32.85 -24.31 -43.70
N GLU E 152 -34.05 -24.92 -43.67
CA GLU E 152 -35.23 -24.19 -43.24
C GLU E 152 -35.29 -24.12 -41.71
N SER E 153 -36.18 -23.25 -41.21
CA SER E 153 -36.15 -22.90 -39.80
C SER E 153 -36.67 -24.03 -38.91
N ASN E 154 -37.76 -24.68 -39.31
CA ASN E 154 -38.38 -25.69 -38.45
C ASN E 154 -37.47 -26.90 -38.25
N THR E 155 -36.83 -27.36 -39.33
CA THR E 155 -35.89 -28.45 -39.21
C THR E 155 -34.68 -28.06 -38.36
N ALA E 156 -34.22 -26.81 -38.49
CA ALA E 156 -33.10 -26.34 -37.68
C ALA E 156 -33.46 -26.34 -36.20
N HIS E 157 -34.66 -25.86 -35.86
CA HIS E 157 -35.10 -25.88 -34.47
C HIS E 157 -35.25 -27.30 -33.95
N SER E 158 -35.78 -28.19 -34.79
CA SER E 158 -35.94 -29.59 -34.37
C SER E 158 -34.60 -30.25 -34.10
N ILE E 159 -33.62 -30.05 -34.98
CA ILE E 159 -32.32 -30.69 -34.78
C ILE E 159 -31.57 -30.04 -33.62
N LEU E 160 -31.76 -28.73 -33.40
CA LEU E 160 -31.16 -28.10 -32.23
C LEU E 160 -31.74 -28.65 -30.94
N ALA E 161 -33.06 -28.83 -30.89
CA ALA E 161 -33.69 -29.41 -29.70
C ALA E 161 -33.23 -30.85 -29.48
N SER E 162 -33.13 -31.62 -30.56
CA SER E 162 -32.67 -33.01 -30.44
C SER E 162 -31.23 -33.07 -29.96
N LEU E 163 -30.36 -32.19 -30.46
CA LEU E 163 -28.97 -32.18 -30.03
C LEU E 163 -28.84 -31.72 -28.59
N TYR E 164 -29.65 -30.75 -28.15
CA TYR E 164 -29.57 -30.29 -26.78
C TYR E 164 -30.10 -31.33 -25.81
N ASN E 165 -31.19 -32.02 -26.16
CA ASN E 165 -31.77 -33.01 -25.27
C ASN E 165 -30.92 -34.27 -25.16
N ASN E 166 -30.11 -34.58 -26.17
CA ASN E 166 -29.25 -35.75 -26.09
C ASN E 166 -27.96 -35.50 -25.32
N ALA E 167 -27.68 -34.26 -24.94
CA ALA E 167 -26.50 -33.98 -24.15
C ALA E 167 -26.67 -34.50 -22.73
N ASP E 168 -25.54 -34.89 -22.11
CA ASP E 168 -25.60 -35.44 -20.77
C ASP E 168 -25.83 -34.34 -19.72
N ASP E 169 -25.55 -33.09 -20.06
CA ASP E 169 -25.80 -31.96 -19.17
C ASP E 169 -27.02 -31.21 -19.67
N SER E 170 -28.05 -31.13 -18.82
CA SER E 170 -29.29 -30.45 -19.18
C SER E 170 -29.96 -29.94 -17.92
N ASP E 171 -30.76 -28.88 -18.07
CA ASP E 171 -31.51 -28.29 -16.97
C ASP E 171 -33.02 -28.48 -17.12
N ALA E 172 -33.43 -29.52 -17.86
CA ALA E 172 -34.81 -29.90 -18.10
C ALA E 172 -35.63 -28.81 -18.79
N THR E 173 -34.96 -27.88 -19.47
CA THR E 173 -35.65 -26.83 -20.21
C THR E 173 -34.72 -26.30 -21.30
N TYR E 174 -35.31 -25.76 -22.36
CA TYR E 174 -34.50 -25.24 -23.45
C TYR E 174 -34.07 -23.80 -23.18
N LYS E 175 -35.00 -22.96 -22.73
CA LYS E 175 -34.75 -21.55 -22.40
C LYS E 175 -34.19 -20.79 -23.60
N ILE E 176 -35.06 -20.66 -24.61
CA ILE E 176 -34.68 -20.03 -25.88
C ILE E 176 -34.19 -18.60 -25.64
N ASN E 177 -34.85 -17.86 -24.75
CA ASN E 177 -34.46 -16.49 -24.49
C ASN E 177 -33.14 -16.40 -23.73
N ALA E 178 -32.73 -17.48 -23.06
CA ALA E 178 -31.54 -17.46 -22.23
C ALA E 178 -30.34 -18.07 -22.97
N TYR E 179 -29.18 -17.98 -22.34
CA TYR E 179 -27.95 -18.55 -22.87
C TYR E 179 -27.70 -19.91 -22.26
N GLN E 180 -27.31 -20.87 -23.10
CA GLN E 180 -27.11 -22.24 -22.64
C GLN E 180 -25.74 -22.75 -23.04
N ALA E 181 -25.20 -23.66 -22.25
CA ALA E 181 -23.94 -24.32 -22.56
C ALA E 181 -24.04 -25.77 -22.10
N ALA E 182 -23.50 -26.68 -22.90
CA ALA E 182 -23.57 -28.10 -22.56
C ALA E 182 -22.41 -28.83 -23.19
N ARG E 183 -22.21 -30.07 -22.78
CA ARG E 183 -21.15 -30.93 -23.30
C ARG E 183 -21.72 -32.30 -23.64
N ILE E 184 -21.17 -32.91 -24.69
CA ILE E 184 -21.52 -34.28 -25.09
C ILE E 184 -20.25 -35.11 -25.01
N VAL E 185 -20.29 -36.17 -24.20
CA VAL E 185 -19.11 -36.97 -23.92
C VAL E 185 -19.31 -38.37 -24.51
N ALA E 186 -18.21 -39.11 -24.61
CA ALA E 186 -18.24 -40.47 -25.12
C ALA E 186 -18.90 -41.40 -24.11
N SER E 187 -19.32 -42.57 -24.61
CA SER E 187 -19.97 -43.67 -23.89
C SER E 187 -21.38 -43.32 -23.40
N LYS E 188 -21.86 -42.10 -23.61
CA LYS E 188 -23.23 -41.70 -23.29
C LYS E 188 -23.71 -40.82 -24.43
N SER E 189 -24.27 -41.44 -25.46
CA SER E 189 -24.72 -40.71 -26.64
C SER E 189 -25.68 -41.61 -27.41
N ARG E 190 -26.90 -41.12 -27.64
CA ARG E 190 -27.89 -41.87 -28.41
C ARG E 190 -27.96 -41.43 -29.87
N LEU E 191 -27.05 -40.56 -30.32
CA LEU E 191 -27.08 -40.03 -31.67
C LEU E 191 -26.01 -40.62 -32.57
N ALA E 192 -25.42 -41.76 -32.19
CA ALA E 192 -24.39 -42.47 -32.97
C ALA E 192 -23.19 -41.56 -33.24
N LEU E 193 -22.51 -41.21 -32.13
CA LEU E 193 -21.37 -40.32 -32.20
C LEU E 193 -20.24 -40.98 -33.00
N PRO E 194 -19.57 -40.23 -33.89
CA PRO E 194 -18.48 -40.82 -34.65
C PRO E 194 -17.31 -41.16 -33.75
N PRO E 195 -16.53 -42.19 -34.10
CA PRO E 195 -15.37 -42.56 -33.26
C PRO E 195 -14.23 -41.56 -33.28
N VAL E 196 -14.22 -40.61 -34.22
CA VAL E 196 -13.09 -39.70 -34.34
C VAL E 196 -13.19 -38.52 -33.38
N ILE E 197 -14.19 -38.51 -32.50
CA ILE E 197 -14.35 -37.47 -31.50
C ILE E 197 -14.66 -38.11 -30.15
N GLN E 198 -14.05 -37.57 -29.11
CA GLN E 198 -14.30 -38.04 -27.75
C GLN E 198 -15.44 -37.25 -27.10
N ALA E 199 -15.28 -35.93 -26.99
CA ALA E 199 -16.28 -35.08 -26.38
C ALA E 199 -16.26 -33.73 -27.08
N VAL E 200 -17.42 -33.07 -27.11
CA VAL E 200 -17.58 -31.75 -27.70
C VAL E 200 -18.33 -30.86 -26.72
N ARG E 201 -18.17 -29.55 -26.91
CA ARG E 201 -18.92 -28.56 -26.15
C ARG E 201 -19.75 -27.72 -27.11
N LEU E 202 -21.00 -27.47 -26.73
CA LEU E 202 -21.93 -26.75 -27.59
C LEU E 202 -22.61 -25.65 -26.78
N GLN E 203 -22.62 -24.44 -27.35
CA GLN E 203 -23.19 -23.27 -26.70
C GLN E 203 -24.33 -22.73 -27.55
N PHE E 204 -25.47 -22.48 -26.91
CA PHE E 204 -26.65 -21.91 -27.54
C PHE E 204 -26.80 -20.46 -27.10
N ASN E 205 -26.96 -19.57 -28.07
CA ASN E 205 -27.05 -18.13 -27.82
C ASN E 205 -28.26 -17.59 -28.57
N PRO E 206 -29.18 -16.89 -27.91
CA PRO E 206 -30.31 -16.28 -28.61
C PRO E 206 -29.86 -15.13 -29.50
N LEU E 207 -30.61 -14.91 -30.58
CA LEU E 207 -30.31 -13.86 -31.53
C LEU E 207 -31.59 -13.32 -32.13
N GLY E 208 -31.74 -12.00 -32.11
CA GLY E 208 -32.94 -11.37 -32.67
C GLY E 208 -34.19 -11.77 -31.92
N GLN E 209 -35.23 -12.11 -32.69
CA GLN E 209 -36.52 -12.53 -32.14
C GLN E 209 -36.74 -13.98 -32.56
N GLY E 210 -36.62 -14.89 -31.59
CA GLY E 210 -36.82 -16.30 -31.86
C GLY E 210 -35.77 -16.92 -32.75
N GLY E 211 -34.51 -16.50 -32.63
CA GLY E 211 -33.42 -17.05 -33.41
C GLY E 211 -32.37 -17.65 -32.50
N ARG E 212 -31.58 -18.57 -33.04
CA ARG E 212 -30.58 -19.32 -32.29
C ARG E 212 -29.20 -19.14 -32.90
N TYR E 213 -28.18 -19.33 -32.08
CA TYR E 213 -26.79 -19.23 -32.51
C TYR E 213 -26.02 -20.35 -31.82
N LEU E 214 -25.88 -21.49 -32.50
CA LEU E 214 -25.18 -22.64 -31.96
C LEU E 214 -23.72 -22.58 -32.36
N ILE E 215 -22.83 -22.71 -31.37
CA ILE E 215 -21.39 -22.75 -31.61
C ILE E 215 -20.84 -24.04 -31.00
N ALA E 216 -20.10 -24.80 -31.80
CA ALA E 216 -19.48 -26.04 -31.35
C ALA E 216 -17.98 -26.00 -31.62
N ARG E 217 -17.21 -26.45 -30.62
CA ARG E 217 -15.75 -26.38 -30.69
C ARG E 217 -15.14 -27.61 -31.34
N PHE E 218 -15.83 -28.75 -31.29
CA PHE E 218 -15.49 -29.96 -32.05
C PHE E 218 -14.09 -30.48 -31.71
N LEU E 219 -13.89 -30.93 -30.48
CA LEU E 219 -12.61 -31.49 -30.08
C LEU E 219 -12.37 -32.83 -30.78
N TYR E 220 -11.18 -32.99 -31.35
CA TYR E 220 -10.81 -34.18 -32.11
C TYR E 220 -9.94 -35.11 -31.26
N THR E 221 -9.53 -36.21 -31.89
CA THR E 221 -8.61 -37.14 -31.23
C THR E 221 -7.17 -36.65 -31.36
N ASP E 222 -6.68 -36.52 -32.60
CA ASP E 222 -5.31 -36.08 -32.83
C ASP E 222 -5.27 -34.63 -33.32
N ASP E 231 8.49 -35.40 -39.37
CA ASP E 231 7.74 -36.15 -38.36
C ASP E 231 8.34 -36.12 -36.94
N PRO E 232 9.66 -36.29 -36.76
CA PRO E 232 10.19 -36.14 -35.39
C PRO E 232 10.20 -34.70 -34.90
N THR E 233 10.60 -33.75 -35.75
CA THR E 233 10.67 -32.35 -35.36
C THR E 233 10.64 -31.48 -36.61
N ARG E 234 10.55 -30.18 -36.39
CA ARG E 234 10.59 -29.15 -37.42
C ARG E 234 9.46 -29.36 -38.45
N PHE E 235 8.23 -29.25 -37.94
CA PHE E 235 7.07 -29.28 -38.82
C PHE E 235 7.03 -28.05 -39.71
N GLY E 236 7.15 -26.87 -39.12
CA GLY E 236 7.20 -25.62 -39.86
C GLY E 236 8.16 -24.63 -39.26
N PHE E 237 8.84 -25.03 -38.19
CA PHE E 237 9.77 -24.15 -37.50
C PHE E 237 11.03 -23.91 -38.34
N HIS E 238 11.69 -22.80 -38.04
CA HIS E 238 12.98 -22.51 -38.66
C HIS E 238 14.06 -23.42 -38.07
N HIS E 239 15.18 -23.52 -38.79
CA HIS E 239 16.28 -24.34 -38.30
C HIS E 239 16.90 -23.74 -37.03
N SER E 240 16.88 -22.41 -36.91
CA SER E 240 17.32 -21.78 -35.67
C SER E 240 16.43 -22.15 -34.50
N HIS E 241 15.12 -22.29 -34.75
CA HIS E 241 14.20 -22.75 -33.70
C HIS E 241 14.55 -24.17 -33.26
N ALA E 242 14.86 -25.04 -34.21
CA ALA E 242 15.27 -26.40 -33.87
C ALA E 242 16.58 -26.43 -33.10
N GLU E 243 17.54 -25.58 -33.47
CA GLU E 243 18.79 -25.50 -32.72
C GLU E 243 18.56 -24.98 -31.31
N SER E 244 17.67 -23.99 -31.14
CA SER E 244 17.36 -23.49 -29.81
C SER E 244 16.64 -24.53 -28.97
N PHE E 245 15.75 -25.33 -29.57
CA PHE E 245 15.05 -26.37 -28.84
C PHE E 245 16.00 -27.45 -28.33
N SER E 246 17.06 -27.75 -29.09
CA SER E 246 18.04 -28.73 -28.64
C SER E 246 18.75 -28.27 -27.37
N ARG E 247 19.13 -26.99 -27.31
CA ARG E 247 19.73 -26.46 -26.10
C ARG E 247 18.70 -26.36 -24.96
N MET E 248 17.44 -26.09 -25.30
CA MET E 248 16.41 -25.93 -24.28
C MET E 248 16.08 -27.27 -23.62
N ARG E 249 16.10 -28.36 -24.38
CA ARG E 249 15.75 -29.66 -23.84
C ARG E 249 16.82 -30.24 -22.92
N ASN E 250 18.06 -29.74 -23.00
CA ASN E 250 19.13 -30.27 -22.17
C ASN E 250 19.19 -29.66 -20.78
N LEU E 251 18.45 -28.58 -20.53
CA LEU E 251 18.45 -27.96 -19.22
C LEU E 251 17.59 -28.76 -18.25
N PRO E 252 18.12 -29.19 -17.11
CA PRO E 252 17.32 -30.04 -16.20
C PRO E 252 16.23 -29.29 -15.46
N ILE E 253 16.35 -27.97 -15.30
CA ILE E 253 15.39 -27.19 -14.56
C ILE E 253 15.00 -25.97 -15.40
N GLY E 254 13.83 -25.43 -15.09
CA GLY E 254 13.38 -24.21 -15.73
C GLY E 254 11.90 -24.27 -16.05
N ILE E 255 11.42 -23.17 -16.63
CA ILE E 255 10.03 -23.02 -17.05
C ILE E 255 10.03 -22.46 -18.46
N ASN E 256 9.24 -23.08 -19.34
CA ASN E 256 9.05 -22.64 -20.71
C ASN E 256 7.59 -22.33 -20.95
N ILE E 257 7.33 -21.34 -21.80
CA ILE E 257 5.97 -20.87 -22.08
C ILE E 257 5.72 -20.99 -23.57
N ILE E 258 4.56 -21.55 -23.94
CA ILE E 258 4.09 -21.59 -25.31
C ILE E 258 2.89 -20.66 -25.41
N SER E 259 2.98 -19.68 -26.31
CA SER E 259 1.97 -18.63 -26.40
C SER E 259 1.40 -18.56 -27.81
N GLY E 260 0.12 -18.18 -27.88
CA GLY E 260 -0.56 -18.02 -29.15
C GLY E 260 -2.06 -17.94 -28.97
N PRO E 261 -2.78 -17.69 -30.07
CA PRO E 261 -4.25 -17.69 -30.01
C PRO E 261 -4.84 -19.08 -29.81
N THR E 262 -6.18 -19.16 -29.85
CA THR E 262 -6.85 -20.44 -29.62
C THR E 262 -6.50 -21.48 -30.68
N GLY E 263 -6.42 -21.08 -31.94
CA GLY E 263 -6.09 -22.01 -33.00
C GLY E 263 -4.63 -21.97 -33.40
N SER E 264 -3.74 -21.90 -32.41
CA SER E 264 -2.31 -21.80 -32.68
C SER E 264 -1.59 -23.14 -32.65
N GLY E 265 -2.28 -24.24 -32.36
CA GLY E 265 -1.66 -25.54 -32.33
C GLY E 265 -0.63 -25.73 -31.24
N LYS E 266 -0.96 -25.28 -30.03
CA LYS E 266 -0.03 -25.40 -28.91
C LYS E 266 0.11 -26.85 -28.44
N SER E 267 -1.02 -27.58 -28.40
CA SER E 267 -1.00 -28.95 -27.92
C SER E 267 -0.18 -29.86 -28.83
N THR E 268 -0.25 -29.64 -30.15
CA THR E 268 0.56 -30.43 -31.07
C THR E 268 2.05 -30.20 -30.84
N THR E 269 2.45 -28.94 -30.63
CA THR E 269 3.85 -28.63 -30.36
C THR E 269 4.30 -29.25 -29.04
N LEU E 270 3.45 -29.20 -28.01
CA LEU E 270 3.80 -29.81 -26.72
C LEU E 270 3.93 -31.32 -26.84
N LYS E 271 3.03 -31.96 -27.59
CA LYS E 271 3.11 -33.41 -27.78
C LYS E 271 4.34 -33.80 -28.60
N ASN E 272 4.72 -32.96 -29.57
CA ASN E 272 5.93 -33.23 -30.34
C ASN E 272 7.18 -33.08 -29.49
N LEU E 273 7.22 -32.08 -28.61
CA LEU E 273 8.37 -31.90 -27.74
C LEU E 273 8.45 -32.98 -26.68
N LEU E 274 7.30 -33.49 -26.23
CA LEU E 274 7.29 -34.54 -25.21
C LEU E 274 7.94 -35.82 -25.72
N GLU E 275 7.69 -36.17 -26.99
CA GLU E 275 8.33 -37.35 -27.57
C GLU E 275 9.84 -37.20 -27.66
N LEU E 276 10.32 -36.02 -28.06
CA LEU E 276 11.75 -35.77 -28.10
C LEU E 276 12.38 -35.83 -26.71
N LEU E 277 11.71 -35.27 -25.70
CA LEU E 277 12.21 -35.36 -24.33
C LEU E 277 12.23 -36.81 -23.84
N TYR E 278 11.21 -37.59 -24.18
CA TYR E 278 11.18 -39.00 -23.78
C TYR E 278 12.29 -39.79 -24.44
N ILE E 279 12.53 -39.56 -25.73
CA ILE E 279 13.56 -40.32 -26.44
C ILE E 279 14.96 -39.93 -26.00
N GLU E 280 15.22 -38.62 -25.87
CA GLU E 280 16.59 -38.16 -25.63
C GLU E 280 17.08 -38.49 -24.23
N LYS E 281 16.18 -38.49 -23.23
CA LYS E 281 16.60 -38.73 -21.86
C LYS E 281 16.93 -40.19 -21.58
N LYS E 282 16.58 -41.11 -22.49
CA LYS E 282 16.88 -42.53 -22.36
C LYS E 282 16.33 -43.12 -21.06
N LYS E 283 15.11 -42.72 -20.71
CA LYS E 283 14.38 -43.21 -19.54
C LYS E 283 15.10 -42.94 -18.23
N LYS E 284 15.93 -41.89 -18.18
CA LYS E 284 16.61 -41.53 -16.94
C LYS E 284 15.82 -40.56 -16.09
N VAL E 285 14.68 -40.05 -16.58
CA VAL E 285 13.82 -39.16 -15.84
C VAL E 285 12.39 -39.69 -15.92
N ASN E 286 11.56 -39.23 -15.00
CA ASN E 286 10.15 -39.60 -14.96
C ASN E 286 9.33 -38.57 -15.71
N ILE E 287 8.53 -39.03 -16.67
CA ILE E 287 7.71 -38.17 -17.51
C ILE E 287 6.26 -38.36 -17.07
N ILE E 288 5.69 -37.33 -16.44
CA ILE E 288 4.29 -37.32 -16.05
C ILE E 288 3.64 -36.12 -16.73
N SER E 289 2.46 -36.35 -17.30
CA SER E 289 1.70 -35.29 -17.98
C SER E 289 0.27 -35.32 -17.48
N ILE E 290 -0.32 -34.14 -17.32
CA ILE E 290 -1.68 -33.99 -16.83
C ILE E 290 -2.49 -33.25 -17.90
N GLU E 291 -3.58 -33.87 -18.33
CA GLU E 291 -4.47 -33.27 -19.33
C GLU E 291 -5.83 -33.94 -19.22
N ASP E 292 -6.84 -33.18 -18.82
CA ASP E 292 -8.18 -33.74 -18.66
C ASP E 292 -8.77 -34.28 -19.96
N PRO E 293 -8.75 -33.59 -21.10
CA PRO E 293 -9.21 -34.22 -22.34
C PRO E 293 -8.09 -35.00 -23.00
N PRO E 294 -8.28 -36.30 -23.21
CA PRO E 294 -7.24 -37.09 -23.91
C PRO E 294 -7.08 -36.64 -25.35
N GLU E 295 -5.85 -36.75 -25.86
CA GLU E 295 -5.52 -36.31 -27.22
C GLU E 295 -4.77 -37.44 -27.92
N TYR E 296 -5.53 -38.33 -28.56
CA TYR E 296 -5.02 -39.47 -29.36
C TYR E 296 -4.11 -40.31 -28.46
N GLU E 297 -2.99 -40.79 -28.99
CA GLU E 297 -2.01 -41.55 -28.21
C GLU E 297 -0.81 -40.68 -27.91
N ILE E 298 -0.26 -40.83 -26.71
CA ILE E 298 0.89 -40.05 -26.29
C ILE E 298 2.00 -40.95 -25.78
N THR E 301 5.68 -42.50 -21.46
CA THR E 301 5.18 -41.31 -20.78
C THR E 301 3.85 -41.60 -20.07
N ALA E 302 3.54 -40.79 -19.06
CA ALA E 302 2.32 -40.98 -18.29
C ALA E 302 1.36 -39.82 -18.55
N GLN E 303 0.10 -40.13 -18.80
CA GLN E 303 -0.93 -39.14 -19.05
C GLN E 303 -1.96 -39.19 -17.92
N LEU E 304 -2.30 -38.02 -17.38
CA LEU E 304 -3.25 -37.93 -16.28
C LEU E 304 -4.46 -37.10 -16.70
N PRO E 305 -5.68 -37.55 -16.36
CA PRO E 305 -6.90 -36.82 -16.69
C PRO E 305 -7.13 -35.60 -15.80
N THR E 311 -19.80 -29.37 -13.57
CA THR E 311 -19.80 -27.93 -13.82
C THR E 311 -18.38 -27.40 -13.94
N GLU E 312 -18.26 -26.08 -14.17
CA GLU E 312 -16.95 -25.47 -14.28
C GLU E 312 -16.20 -25.50 -12.95
N ALA E 313 -16.92 -25.29 -11.84
CA ALA E 313 -16.29 -25.34 -10.52
C ALA E 313 -15.79 -26.73 -10.20
N GLN E 314 -16.55 -27.77 -10.55
CA GLN E 314 -16.09 -29.14 -10.32
C GLN E 314 -14.86 -29.46 -11.14
N ARG E 315 -14.83 -29.01 -12.40
CA ARG E 315 -13.65 -29.24 -13.24
C ARG E 315 -12.43 -28.50 -12.70
N GLY E 316 -12.63 -27.25 -12.23
CA GLY E 316 -11.54 -26.53 -11.61
C GLY E 316 -11.02 -27.17 -10.35
N GLU E 317 -11.93 -27.68 -9.51
CA GLU E 317 -11.51 -28.38 -8.30
C GLU E 317 -10.76 -29.68 -8.63
N GLU E 318 -11.21 -30.42 -9.64
CA GLU E 318 -10.51 -31.62 -10.05
C GLU E 318 -9.12 -31.29 -10.59
N TYR E 319 -9.00 -30.21 -11.37
CA TYR E 319 -7.70 -29.78 -11.86
C TYR E 319 -6.79 -29.37 -10.72
N ARG E 320 -7.34 -28.67 -9.72
CA ARG E 320 -6.56 -28.29 -8.54
C ARG E 320 -6.07 -29.51 -7.78
N LYS E 321 -6.95 -30.50 -7.59
CA LYS E 321 -6.55 -31.73 -6.92
C LYS E 321 -5.48 -32.48 -7.71
N ALA E 322 -5.61 -32.54 -9.04
CA ALA E 322 -4.61 -33.22 -9.85
C ALA E 322 -3.26 -32.51 -9.79
N ILE E 323 -3.26 -31.17 -9.84
CA ILE E 323 -1.98 -30.47 -9.84
C ILE E 323 -1.36 -30.46 -8.45
N THR E 324 -2.16 -30.56 -7.39
CA THR E 324 -1.58 -30.64 -6.06
C THR E 324 -1.21 -32.07 -5.67
N ALA E 325 -1.71 -33.07 -6.39
CA ALA E 325 -1.28 -34.44 -6.18
C ALA E 325 -0.14 -34.86 -7.08
N ALA E 326 0.07 -34.15 -8.19
CA ALA E 326 1.20 -34.46 -9.07
C ALA E 326 2.54 -34.16 -8.40
N LEU E 327 2.60 -33.09 -7.61
CA LEU E 327 3.84 -32.74 -6.91
C LEU E 327 4.15 -33.68 -5.76
N ARG E 328 3.18 -34.49 -5.32
CA ARG E 328 3.46 -35.49 -4.29
C ARG E 328 4.46 -36.53 -4.80
N SER E 329 4.29 -36.97 -6.04
CA SER E 329 5.27 -37.85 -6.66
C SER E 329 6.46 -37.03 -7.16
N ASP E 330 7.53 -37.74 -7.48
CA ASP E 330 8.71 -37.09 -8.05
C ASP E 330 8.41 -36.65 -9.47
N PRO E 331 8.30 -35.35 -9.75
CA PRO E 331 7.77 -34.92 -11.05
C PRO E 331 8.79 -34.95 -12.18
N ASP E 332 10.05 -34.62 -11.90
CA ASP E 332 11.10 -34.43 -12.91
C ASP E 332 10.63 -33.47 -14.00
N ILE E 333 9.81 -33.96 -14.93
CA ILE E 333 9.13 -33.14 -15.91
C ILE E 333 7.64 -33.22 -15.62
N ILE E 334 7.03 -32.07 -15.32
CA ILE E 334 5.66 -32.06 -14.81
C ILE E 334 4.60 -31.99 -15.91
N MET E 335 4.90 -31.36 -17.04
CA MET E 335 4.06 -31.26 -18.24
C MET E 335 2.61 -30.89 -17.95
N PRO E 336 2.32 -29.68 -17.51
CA PRO E 336 0.92 -29.28 -17.31
C PRO E 336 0.30 -28.78 -18.62
N GLY E 337 -0.94 -28.31 -18.49
CA GLY E 337 -1.64 -27.76 -19.63
C GLY E 337 -2.72 -26.76 -19.27
N GLU E 338 -2.80 -25.67 -20.06
CA GLU E 338 -3.83 -24.64 -19.94
C GLU E 338 -3.84 -24.01 -18.54
N ALA E 339 -2.75 -23.32 -18.25
CA ALA E 339 -2.59 -22.60 -16.99
C ALA E 339 -3.50 -21.39 -17.02
N ARG E 340 -4.71 -21.55 -16.46
CA ARG E 340 -5.74 -20.53 -16.56
C ARG E 340 -5.98 -19.76 -15.27
N ASP E 341 -5.66 -20.35 -14.12
CA ASP E 341 -5.97 -19.73 -12.84
C ASP E 341 -4.72 -19.10 -12.24
N ALA E 342 -4.91 -17.99 -11.53
CA ALA E 342 -3.80 -17.30 -10.88
C ALA E 342 -3.18 -18.14 -9.78
N GLU E 343 -3.99 -18.82 -8.96
CA GLU E 343 -3.46 -19.65 -7.91
C GLU E 343 -2.74 -20.88 -8.47
N VAL E 344 -3.26 -21.44 -9.58
CA VAL E 344 -2.61 -22.59 -10.20
C VAL E 344 -1.22 -22.23 -10.70
N ILE E 345 -1.10 -21.10 -11.40
CA ILE E 345 0.21 -20.71 -11.92
C ILE E 345 1.11 -20.23 -10.78
N ASN E 346 0.54 -19.68 -9.71
CA ASN E 346 1.35 -19.32 -8.55
C ASN E 346 1.95 -20.54 -7.88
N LEU E 347 1.16 -21.61 -7.74
CA LEU E 347 1.69 -22.88 -7.26
C LEU E 347 2.70 -23.49 -8.24
N LEU E 348 2.45 -23.35 -9.54
CA LEU E 348 3.36 -23.89 -10.54
C LEU E 348 4.73 -23.21 -10.50
N PHE E 349 4.75 -21.89 -10.27
CA PHE E 349 6.02 -21.17 -10.19
C PHE E 349 6.86 -21.60 -9.00
N THR E 350 6.24 -22.04 -7.91
CA THR E 350 7.01 -22.58 -6.78
C THR E 350 7.72 -23.87 -7.16
N ALA E 351 7.02 -24.78 -7.82
CA ALA E 351 7.64 -26.01 -8.30
C ALA E 351 8.65 -25.75 -9.40
N ALA E 352 8.50 -24.66 -10.14
CA ALA E 352 9.47 -24.30 -11.18
C ALA E 352 10.84 -24.00 -10.57
N MET E 353 10.85 -23.26 -9.46
CA MET E 353 12.10 -22.91 -8.79
C MET E 353 12.49 -23.90 -7.70
N THR E 354 11.64 -24.89 -7.41
CA THR E 354 12.01 -25.92 -6.45
C THR E 354 13.10 -26.83 -7.01
N GLY E 355 13.20 -26.95 -8.33
CA GLY E 355 14.19 -27.83 -8.93
C GLY E 355 13.59 -28.76 -9.97
N HIS E 356 12.42 -28.41 -10.49
CA HIS E 356 11.74 -29.18 -11.52
C HIS E 356 11.81 -28.43 -12.84
N GLN E 357 11.24 -29.05 -13.88
CA GLN E 357 11.13 -28.44 -15.20
C GLN E 357 9.68 -28.48 -15.64
N VAL E 358 9.18 -27.33 -16.10
CA VAL E 358 7.76 -27.16 -16.41
C VAL E 358 7.63 -26.76 -17.88
N TRP E 359 6.71 -27.41 -18.59
CA TRP E 359 6.36 -27.09 -19.97
C TRP E 359 4.86 -26.79 -20.02
N THR E 360 4.50 -25.52 -19.96
CA THR E 360 3.10 -25.11 -19.96
C THR E 360 2.83 -24.16 -21.12
N SER E 361 1.54 -24.00 -21.43
CA SER E 361 1.10 -23.15 -22.52
C SER E 361 -0.04 -22.26 -22.05
N LEU E 362 -0.07 -21.03 -22.56
CA LEU E 362 -1.13 -20.08 -22.25
C LEU E 362 -1.41 -19.24 -23.49
N HIS E 363 -2.36 -18.32 -23.37
CA HIS E 363 -2.78 -17.47 -24.47
C HIS E 363 -2.10 -16.11 -24.35
N ALA E 364 -1.31 -15.75 -25.35
CA ALA E 364 -0.61 -14.47 -25.39
C ALA E 364 -0.21 -14.19 -26.83
N ASN E 365 0.59 -13.15 -27.03
CA ASN E 365 1.04 -12.78 -28.36
C ASN E 365 2.34 -11.99 -28.25
N ASN E 366 3.04 -11.89 -29.39
CA ASN E 366 4.25 -11.10 -29.61
C ASN E 366 5.45 -11.58 -28.79
N ALA E 367 5.31 -12.66 -28.01
CA ALA E 367 6.38 -13.28 -27.22
C ALA E 367 6.96 -12.37 -26.15
N LEU E 368 6.40 -11.17 -25.95
CA LEU E 368 6.82 -10.28 -24.89
C LEU E 368 5.68 -9.83 -23.98
N ALA E 369 4.44 -9.91 -24.43
CA ALA E 369 3.28 -9.63 -23.60
C ALA E 369 2.97 -10.77 -22.64
N ILE E 370 3.72 -11.87 -22.71
CA ILE E 370 3.52 -12.97 -21.77
C ILE E 370 3.81 -12.51 -20.34
N PHE E 371 4.86 -11.70 -20.17
CA PHE E 371 5.19 -11.20 -18.84
C PHE E 371 4.09 -10.27 -18.32
N ASP E 372 3.42 -9.55 -19.21
CA ASP E 372 2.27 -8.75 -18.81
C ASP E 372 1.13 -9.64 -18.31
N ARG E 373 0.92 -10.77 -18.98
CA ARG E 373 -0.08 -11.74 -18.50
C ARG E 373 0.31 -12.30 -17.14
N LEU E 374 1.59 -12.60 -16.94
CA LEU E 374 2.05 -13.09 -15.65
C LEU E 374 1.85 -12.07 -14.54
N LYS E 375 2.17 -10.79 -14.82
CA LYS E 375 1.93 -9.74 -13.85
C LYS E 375 0.45 -9.52 -13.59
N ASP E 376 -0.40 -9.70 -14.60
CA ASP E 376 -1.84 -9.64 -14.38
C ASP E 376 -2.31 -10.77 -13.48
N GLN E 377 -1.71 -11.97 -13.64
CA GLN E 377 -2.07 -13.08 -12.76
C GLN E 377 -1.53 -12.88 -11.34
N GLY E 378 -0.54 -12.01 -11.17
CA GLY E 378 -0.03 -11.71 -9.85
C GLY E 378 1.13 -12.58 -9.42
N VAL E 379 2.18 -12.65 -10.24
CA VAL E 379 3.35 -13.45 -9.92
C VAL E 379 4.49 -12.64 -9.32
N ASP E 380 4.29 -11.33 -9.12
CA ASP E 380 5.25 -10.40 -8.52
C ASP E 380 6.48 -10.19 -9.40
N GLU E 381 7.22 -9.10 -9.14
CA GLU E 381 8.35 -8.74 -9.97
C GLU E 381 9.60 -9.58 -9.71
N PHE E 382 9.81 -10.02 -8.46
CA PHE E 382 11.05 -10.71 -8.14
C PHE E 382 11.13 -12.11 -8.72
N LYS E 383 10.00 -12.79 -8.88
CA LYS E 383 10.00 -14.14 -9.44
C LYS E 383 10.40 -14.18 -10.90
N LEU E 384 10.11 -13.12 -11.67
CA LEU E 384 10.40 -13.08 -13.09
C LEU E 384 11.75 -12.45 -13.40
N THR E 385 12.51 -12.05 -12.39
CA THR E 385 13.81 -11.43 -12.64
C THR E 385 14.92 -12.46 -12.79
N ASP E 386 14.63 -13.72 -12.50
CA ASP E 386 15.66 -14.76 -12.55
C ASP E 386 15.90 -15.20 -13.99
N PRO E 387 17.13 -15.08 -14.51
CA PRO E 387 17.41 -15.64 -15.84
C PRO E 387 17.49 -17.15 -15.82
N GLU E 388 17.81 -17.76 -14.68
CA GLU E 388 17.92 -19.21 -14.61
C GLU E 388 16.55 -19.87 -14.56
N LEU E 389 15.56 -19.18 -14.00
CA LEU E 389 14.21 -19.76 -13.89
C LEU E 389 13.56 -19.89 -15.26
N ILE E 390 13.33 -18.76 -15.93
CA ILE E 390 12.80 -18.79 -17.28
C ILE E 390 13.84 -19.40 -18.22
N THR E 391 13.40 -20.32 -19.08
CA THR E 391 14.31 -20.98 -20.00
C THR E 391 14.03 -20.69 -21.46
N GLY E 392 12.85 -20.19 -21.79
CA GLY E 392 12.54 -19.86 -23.17
C GLY E 392 11.10 -19.48 -23.40
N LEU E 393 10.87 -18.57 -24.35
CA LEU E 393 9.51 -18.15 -24.72
C LEU E 393 9.30 -18.50 -26.18
N VAL E 394 8.15 -19.09 -26.49
CA VAL E 394 7.82 -19.48 -27.86
C VAL E 394 6.44 -18.94 -28.20
N ALA E 395 6.36 -18.18 -29.30
CA ALA E 395 5.09 -17.66 -29.79
C ALA E 395 4.89 -18.15 -31.22
N GLN E 396 3.77 -18.83 -31.46
CA GLN E 396 3.51 -19.45 -32.75
C GLN E 396 2.11 -19.12 -33.24
N ARG E 397 1.98 -18.98 -34.56
CA ARG E 397 0.71 -18.79 -35.23
C ARG E 397 0.60 -19.81 -36.35
N LEU E 398 -0.62 -20.06 -36.80
CA LEU E 398 -0.88 -21.02 -37.86
C LEU E 398 -1.42 -20.30 -39.09
N VAL E 399 -0.78 -20.51 -40.24
CA VAL E 399 -1.19 -19.87 -41.48
C VAL E 399 -1.31 -20.93 -42.57
N ARG E 400 -2.22 -20.69 -43.50
CA ARG E 400 -2.46 -21.63 -44.59
C ARG E 400 -1.25 -21.70 -45.51
N LYS E 401 -0.93 -22.92 -45.93
CA LYS E 401 0.24 -23.17 -46.78
C LYS E 401 -0.21 -23.47 -48.19
N LEU E 402 0.42 -22.80 -49.16
CA LEU E 402 0.06 -22.97 -50.56
C LEU E 402 0.52 -24.33 -51.08
N CYS E 403 -0.24 -24.86 -52.04
CA CYS E 403 0.13 -26.11 -52.67
C CYS E 403 1.34 -25.92 -53.57
N ALA E 404 2.32 -26.82 -53.44
CA ALA E 404 3.52 -26.73 -54.28
C ALA E 404 3.21 -27.08 -55.74
N GLN E 405 2.33 -28.06 -55.97
CA GLN E 405 1.97 -28.43 -57.33
C GLN E 405 1.07 -27.39 -57.98
N CYS E 406 0.10 -26.85 -57.25
CA CYS E 406 -0.85 -25.88 -57.78
C CYS E 406 -0.41 -24.50 -57.31
N SER E 407 0.52 -23.90 -58.04
CA SER E 407 1.03 -22.57 -57.72
C SER E 407 1.18 -21.76 -59.00
N ILE E 408 1.00 -20.46 -58.88
CA ILE E 408 1.15 -19.53 -60.00
C ILE E 408 2.04 -18.38 -59.57
N THR E 409 2.66 -17.73 -60.56
CA THR E 409 3.54 -16.60 -60.29
C THR E 409 2.73 -15.31 -60.21
N LEU E 410 3.44 -14.19 -60.07
CA LEU E 410 2.78 -12.90 -59.99
C LEU E 410 2.12 -12.52 -61.31
N THR E 411 2.82 -12.76 -62.42
CA THR E 411 2.26 -12.43 -63.74
C THR E 411 1.03 -13.26 -64.04
N GLU E 412 1.09 -14.56 -63.74
CA GLU E 412 -0.07 -15.43 -63.97
C GLU E 412 -1.23 -15.06 -63.06
N TYR E 413 -0.94 -14.56 -61.86
CA TYR E 413 -2.02 -14.14 -60.96
C TYR E 413 -2.68 -12.86 -61.44
N ILE E 414 -1.87 -11.87 -61.85
CA ILE E 414 -2.44 -10.61 -62.30
C ILE E 414 -3.04 -10.73 -63.71
N ALA E 415 -2.71 -11.79 -64.44
CA ALA E 415 -3.29 -11.98 -65.77
C ALA E 415 -4.77 -12.36 -65.68
N SER E 416 -5.21 -12.92 -64.56
CA SER E 416 -6.60 -13.35 -64.39
C SER E 416 -7.13 -12.80 -63.07
N GLY E 417 -7.64 -11.57 -63.11
CA GLY E 417 -8.26 -10.95 -61.95
C GLY E 417 -7.36 -10.76 -60.76
N GLY E 418 -6.13 -10.30 -60.99
CA GLY E 418 -5.18 -10.13 -59.91
C GLY E 418 -5.38 -8.80 -59.20
N GLY E 419 -5.67 -8.85 -57.90
CA GLY E 419 -5.80 -7.63 -57.12
C GLY E 419 -4.84 -7.61 -55.94
N ILE E 420 -3.87 -6.70 -55.98
CA ILE E 420 -2.85 -6.59 -54.95
C ILE E 420 -2.84 -5.15 -54.45
N SER E 421 -2.87 -4.98 -53.13
CA SER E 421 -2.89 -3.66 -52.52
C SER E 421 -1.54 -2.98 -52.68
N ASP E 422 -1.53 -1.65 -52.52
CA ASP E 422 -0.32 -0.85 -52.64
C ASP E 422 0.70 -1.19 -51.55
N THR E 423 0.25 -1.41 -50.32
CA THR E 423 1.17 -1.73 -49.23
C THR E 423 1.83 -3.10 -49.41
N ASP E 424 1.16 -4.03 -50.10
CA ASP E 424 1.73 -5.34 -50.34
C ASP E 424 2.91 -5.31 -51.30
N ARG E 425 2.91 -4.38 -52.25
CA ARG E 425 3.99 -4.30 -53.23
C ARG E 425 5.33 -3.97 -52.59
N LYS E 426 5.33 -3.33 -51.43
CA LYS E 426 6.58 -3.12 -50.70
C LYS E 426 7.15 -4.45 -50.20
N ILE E 427 6.28 -5.37 -49.79
CA ILE E 427 6.74 -6.66 -49.29
C ILE E 427 7.33 -7.50 -50.42
N ILE E 428 6.67 -7.52 -51.58
CA ILE E 428 7.13 -8.36 -52.68
C ILE E 428 8.13 -7.63 -53.56
N SER E 429 8.60 -6.45 -53.13
CA SER E 429 9.55 -5.69 -53.93
C SER E 429 10.90 -6.40 -53.97
N GLY E 430 11.40 -6.65 -55.17
CA GLY E 430 12.69 -7.29 -55.38
C GLY E 430 12.64 -8.79 -55.51
N HIS E 431 11.52 -9.41 -55.14
CA HIS E 431 11.35 -10.85 -55.18
C HIS E 431 10.00 -11.20 -55.80
N GLU E 432 9.69 -10.57 -56.94
CA GLU E 432 8.40 -10.79 -57.59
C GLU E 432 8.30 -12.20 -58.16
N THR E 433 9.40 -12.72 -58.73
CA THR E 433 9.35 -14.04 -59.35
C THR E 433 9.31 -15.15 -58.31
N SER E 434 9.95 -14.96 -57.16
CA SER E 434 10.02 -16.03 -56.16
C SER E 434 8.70 -16.23 -55.44
N VAL E 435 7.83 -15.22 -55.41
CA VAL E 435 6.58 -15.33 -54.69
C VAL E 435 5.62 -16.22 -55.45
N ARG E 436 4.62 -16.76 -54.75
CA ARG E 436 3.61 -17.63 -55.33
C ARG E 436 2.23 -17.22 -54.85
N PHE E 437 1.22 -17.59 -55.63
CA PHE E 437 -0.18 -17.27 -55.37
C PHE E 437 -1.02 -18.52 -55.47
N PRO E 438 -2.17 -18.56 -54.79
CA PRO E 438 -3.06 -19.72 -54.90
C PRO E 438 -3.55 -19.92 -56.32
N ASN E 439 -3.69 -21.20 -56.70
CA ASN E 439 -4.09 -21.55 -58.05
C ASN E 439 -5.60 -21.74 -58.11
N PRO E 440 -6.31 -20.95 -58.92
CA PRO E 440 -7.77 -21.11 -59.02
C PRO E 440 -8.17 -22.30 -59.88
N ARG E 441 -9.48 -22.41 -60.13
CA ARG E 441 -10.16 -23.37 -61.02
C ARG E 441 -10.25 -24.77 -60.44
N ALA E 442 -9.66 -25.03 -59.26
CA ALA E 442 -9.84 -26.28 -58.51
C ALA E 442 -9.42 -27.49 -59.34
N LYS E 443 -8.11 -27.56 -59.60
CA LYS E 443 -7.55 -28.63 -60.40
C LYS E 443 -7.64 -29.98 -59.66
N LYS E 444 -7.15 -31.02 -60.35
CA LYS E 444 -7.26 -32.38 -59.80
C LYS E 444 -6.44 -32.54 -58.53
N CYS E 445 -5.26 -31.93 -58.47
CA CYS E 445 -4.45 -31.99 -57.27
C CYS E 445 -5.11 -31.23 -56.13
N CYS E 446 -4.81 -31.68 -54.90
CA CYS E 446 -5.27 -31.12 -53.63
C CYS E 446 -6.78 -30.80 -53.63
N ARG E 447 -7.18 -29.80 -52.85
CA ARG E 447 -8.59 -29.43 -52.75
C ARG E 447 -8.86 -28.04 -53.30
N ASP E 448 -8.19 -27.02 -52.78
CA ASP E 448 -8.42 -25.63 -53.19
C ASP E 448 -7.12 -24.84 -53.32
N GLY E 449 -6.00 -25.53 -53.52
CA GLY E 449 -4.70 -24.89 -53.55
C GLY E 449 -4.04 -24.76 -52.20
N TYR E 450 -4.70 -25.16 -51.13
CA TYR E 450 -4.15 -25.13 -49.78
C TYR E 450 -4.05 -26.55 -49.27
N ASN E 451 -2.85 -26.96 -48.85
CA ASN E 451 -2.61 -28.29 -48.28
C ASN E 451 -2.06 -28.11 -46.87
N GLY E 452 -2.88 -28.40 -45.88
CA GLY E 452 -2.46 -28.29 -44.49
C GLY E 452 -2.35 -26.84 -44.04
N ARG E 453 -1.73 -26.68 -42.87
CA ARG E 453 -1.55 -25.36 -42.27
C ARG E 453 -0.21 -25.36 -41.56
N THR E 454 0.68 -24.45 -41.96
CA THR E 454 2.03 -24.40 -41.43
C THR E 454 2.12 -23.42 -40.26
N ILE E 455 3.28 -23.42 -39.62
CA ILE E 455 3.50 -22.69 -38.36
C ILE E 455 4.51 -21.59 -38.59
N LEU E 456 4.16 -20.37 -38.15
CA LEU E 456 5.08 -19.25 -38.10
C LEU E 456 5.38 -18.95 -36.64
N ALA E 457 6.61 -19.18 -36.22
CA ALA E 457 6.92 -19.14 -34.80
C ALA E 457 8.21 -18.37 -34.56
N GLU E 458 8.31 -17.82 -33.35
CA GLU E 458 9.51 -17.15 -32.87
C GLU E 458 9.83 -17.66 -31.47
N VAL E 459 11.13 -17.73 -31.17
CA VAL E 459 11.61 -18.21 -29.88
C VAL E 459 12.60 -17.19 -29.33
N ILE E 460 12.42 -16.83 -28.07
CA ILE E 460 13.27 -15.89 -27.36
C ILE E 460 13.95 -16.62 -26.22
N GLU E 461 15.29 -16.58 -26.20
CA GLU E 461 16.06 -17.13 -25.10
C GLU E 461 16.24 -16.04 -24.05
N PRO E 462 15.82 -16.27 -22.81
CA PRO E 462 15.93 -15.22 -21.78
C PRO E 462 17.37 -14.91 -21.42
N ASP E 463 17.59 -13.66 -21.03
CA ASP E 463 18.90 -13.18 -20.60
C ASP E 463 18.72 -12.27 -19.40
N SER E 464 19.82 -12.01 -18.69
CA SER E 464 19.76 -11.17 -17.51
C SER E 464 19.41 -9.73 -17.88
N LYS E 465 20.12 -9.14 -18.85
CA LYS E 465 19.83 -7.78 -19.26
C LYS E 465 18.47 -7.66 -19.92
N LEU E 466 18.09 -8.65 -20.73
CA LEU E 466 16.79 -8.62 -21.39
C LEU E 466 15.64 -8.67 -20.38
N LEU E 467 15.76 -9.52 -19.36
CA LEU E 467 14.74 -9.57 -18.33
C LEU E 467 14.75 -8.34 -17.45
N ARG E 468 15.94 -7.77 -17.19
CA ARG E 468 16.01 -6.54 -16.41
C ARG E 468 15.35 -5.37 -17.12
N LEU E 469 15.50 -5.30 -18.45
CA LEU E 469 14.84 -4.23 -19.21
C LEU E 469 13.33 -4.33 -19.14
N VAL E 470 12.79 -5.54 -19.24
CA VAL E 470 11.35 -5.73 -19.17
C VAL E 470 10.85 -5.47 -17.74
N ALA E 471 11.64 -5.85 -16.74
CA ALA E 471 11.24 -5.67 -15.35
C ALA E 471 11.12 -4.18 -14.99
N GLU E 472 11.85 -3.32 -15.68
CA GLU E 472 11.72 -1.89 -15.49
C GLU E 472 10.51 -1.30 -16.21
N GLY E 473 9.79 -2.11 -16.99
CA GLY E 473 8.65 -1.62 -17.74
C GLY E 473 9.00 -0.64 -18.83
N LYS E 474 10.13 -0.84 -19.51
CA LYS E 474 10.51 0.07 -20.59
C LYS E 474 9.63 -0.13 -21.81
N ARG E 475 9.39 -1.38 -22.21
CA ARG E 475 8.64 -1.78 -23.40
C ARG E 475 9.21 -1.18 -24.68
N GLU E 476 10.47 -0.74 -24.65
CA GLU E 476 11.13 -0.15 -25.81
C GLU E 476 12.62 -0.29 -25.61
N ASP E 477 13.32 -0.62 -26.70
CA ASP E 477 14.76 -0.92 -26.79
C ASP E 477 15.12 -2.25 -26.15
N ALA E 478 14.19 -2.91 -25.46
CA ALA E 478 14.38 -4.31 -25.08
C ALA E 478 14.18 -5.22 -26.27
N GLN E 479 13.18 -4.92 -27.11
CA GLN E 479 13.00 -5.63 -28.36
C GLN E 479 14.20 -5.41 -29.29
N HIS E 480 14.71 -4.17 -29.35
CA HIS E 480 15.90 -3.91 -30.15
C HIS E 480 17.11 -4.65 -29.62
N TYR E 481 17.29 -4.70 -28.30
CA TYR E 481 18.40 -5.45 -27.71
C TYR E 481 18.28 -6.94 -27.99
N TRP E 482 17.07 -7.49 -27.92
CA TRP E 482 16.87 -8.91 -28.23
C TRP E 482 17.12 -9.19 -29.72
N LEU E 483 16.71 -8.27 -30.58
CA LEU E 483 16.83 -8.49 -32.02
C LEU E 483 18.27 -8.31 -32.50
N THR E 484 19.05 -7.45 -31.86
CA THR E 484 20.40 -7.15 -32.31
C THR E 484 21.46 -7.97 -31.56
N SER E 485 21.48 -7.87 -30.23
CA SER E 485 22.52 -8.51 -29.45
C SER E 485 22.34 -10.01 -29.38
N LEU E 486 21.10 -10.47 -29.17
CA LEU E 486 20.83 -11.89 -29.04
C LEU E 486 20.66 -12.60 -30.38
N HIS E 487 20.71 -11.84 -31.49
CA HIS E 487 20.56 -12.39 -32.84
C HIS E 487 19.23 -13.13 -33.01
N GLY E 488 18.17 -12.61 -32.39
CA GLY E 488 16.87 -13.21 -32.49
C GLY E 488 16.17 -12.87 -33.80
N MET E 489 15.05 -13.55 -34.04
CA MET E 489 14.24 -13.34 -35.23
C MET E 489 12.80 -13.07 -34.82
N ALA E 490 12.24 -11.98 -35.33
CA ALA E 490 10.87 -11.60 -35.00
C ALA E 490 9.89 -12.46 -35.78
N LEU E 491 8.63 -12.46 -35.29
CA LEU E 491 7.57 -13.20 -35.96
C LEU E 491 7.31 -12.63 -37.35
N LYS E 492 7.31 -11.30 -37.49
CA LYS E 492 7.15 -10.67 -38.79
C LYS E 492 8.31 -11.02 -39.71
N GLU E 493 9.53 -11.08 -39.17
CA GLU E 493 10.68 -11.48 -39.97
C GLU E 493 10.55 -12.93 -40.46
N HIS E 494 10.10 -13.83 -39.58
CA HIS E 494 9.89 -15.21 -40.00
C HIS E 494 8.79 -15.32 -41.06
N ALA E 495 7.72 -14.53 -40.93
CA ALA E 495 6.69 -14.50 -41.95
C ALA E 495 7.23 -14.00 -43.28
N TRP E 496 8.03 -12.94 -43.26
CA TRP E 496 8.60 -12.40 -44.49
C TRP E 496 9.57 -13.37 -45.14
N LEU E 497 10.31 -14.13 -44.34
CA LEU E 497 11.22 -15.13 -44.91
C LEU E 497 10.46 -16.22 -45.67
N LYS E 498 9.33 -16.69 -45.14
CA LYS E 498 8.53 -17.66 -45.88
C LYS E 498 7.79 -17.02 -47.05
N ILE E 499 7.48 -15.72 -46.96
CA ILE E 499 6.88 -15.02 -48.09
C ILE E 499 7.86 -14.96 -49.26
N ILE E 500 9.14 -14.67 -48.97
CA ILE E 500 10.14 -14.64 -50.02
C ILE E 500 10.32 -16.02 -50.66
N SER E 501 10.33 -17.08 -49.83
CA SER E 501 10.48 -18.43 -50.35
C SER E 501 9.24 -18.91 -51.10
N GLY E 502 8.10 -18.23 -50.96
CA GLY E 502 6.89 -18.62 -51.66
C GLY E 502 6.13 -19.77 -51.03
N GLU E 503 6.39 -20.08 -49.76
CA GLU E 503 5.68 -21.18 -49.11
C GLU E 503 4.23 -20.81 -48.81
N ILE E 504 3.98 -19.55 -48.47
CA ILE E 504 2.66 -19.08 -48.10
C ILE E 504 2.32 -17.83 -48.90
N CYS E 505 1.03 -17.55 -49.01
CA CYS E 505 0.54 -16.40 -49.74
C CYS E 505 0.64 -15.13 -48.90
N VAL E 506 0.90 -14.01 -49.57
CA VAL E 506 1.02 -12.73 -48.88
C VAL E 506 -0.33 -12.26 -48.33
N MET E 507 -1.43 -12.61 -49.02
CA MET E 507 -2.75 -12.15 -48.60
C MET E 507 -3.14 -12.73 -47.25
N ASP E 508 -2.84 -14.02 -47.02
CA ASP E 508 -3.12 -14.61 -45.72
C ASP E 508 -2.12 -14.15 -44.67
N ALA E 509 -0.87 -13.92 -45.07
CA ALA E 509 0.16 -13.48 -44.12
C ALA E 509 -0.16 -12.10 -43.56
N VAL E 510 -0.63 -11.19 -44.41
CA VAL E 510 -1.01 -9.85 -43.94
C VAL E 510 -2.23 -9.94 -43.02
N ASN E 511 -3.21 -10.76 -43.38
CA ASN E 511 -4.42 -10.85 -42.58
C ASN E 511 -4.19 -11.60 -41.27
N LYS E 512 -3.11 -12.37 -41.17
CA LYS E 512 -2.83 -13.08 -39.92
C LYS E 512 -1.72 -12.42 -39.11
N ILE E 513 -0.74 -11.81 -39.77
CA ILE E 513 0.40 -11.18 -39.11
C ILE E 513 0.42 -9.71 -39.50
N SER E 514 0.48 -8.83 -38.51
CA SER E 514 0.48 -7.40 -38.72
C SER E 514 1.89 -6.84 -38.67
N GLY E 515 2.08 -5.68 -39.29
CA GLY E 515 3.36 -5.01 -39.27
C GLY E 515 4.42 -5.59 -40.17
N ILE E 516 4.03 -6.42 -41.14
CA ILE E 516 5.02 -7.03 -42.03
C ILE E 516 5.65 -5.97 -42.93
N ASP E 517 4.86 -4.99 -43.36
CA ASP E 517 5.37 -3.94 -44.25
C ASP E 517 6.27 -2.94 -43.55
N ASN E 518 6.38 -2.99 -42.23
CA ASN E 518 7.17 -2.04 -41.47
C ASN E 518 8.64 -2.47 -41.35
N ILE E 519 9.02 -3.61 -41.92
CA ILE E 519 10.39 -4.07 -41.83
C ILE E 519 11.27 -3.22 -42.74
N THR E 520 12.38 -2.72 -42.20
CA THR E 520 13.30 -1.90 -42.97
C THR E 520 14.06 -2.73 -43.99
N GLU E 521 14.57 -2.05 -45.02
CA GLU E 521 15.30 -2.74 -46.08
C GLU E 521 16.62 -3.33 -45.58
N GLU E 522 17.30 -2.62 -44.66
CA GLU E 522 18.53 -3.14 -44.09
C GLU E 522 18.28 -4.43 -43.31
N ARG E 523 17.17 -4.49 -42.58
CA ARG E 523 16.80 -5.73 -41.89
C ARG E 523 16.47 -6.83 -42.88
N LYS E 524 15.79 -6.51 -43.98
CA LYS E 524 15.45 -7.51 -44.97
C LYS E 524 16.71 -8.10 -45.61
N LYS E 525 17.69 -7.25 -45.92
CA LYS E 525 18.94 -7.73 -46.51
C LYS E 525 19.68 -8.66 -45.55
N TYR E 526 19.73 -8.30 -44.26
CA TYR E 526 20.39 -9.15 -43.29
C TYR E 526 19.67 -10.47 -43.11
N LEU E 527 18.33 -10.45 -43.12
CA LEU E 527 17.57 -11.69 -43.03
C LEU E 527 17.79 -12.58 -44.25
N PHE E 528 17.84 -11.99 -45.44
CA PHE E 528 18.03 -12.77 -46.64
C PHE E 528 19.45 -13.32 -46.76
N SER E 529 20.45 -12.59 -46.27
CA SER E 529 21.83 -13.06 -46.38
C SER E 529 22.06 -14.33 -45.57
N ARG E 530 21.50 -14.40 -44.35
CA ARG E 530 21.69 -15.58 -43.51
C ARG E 530 20.99 -16.80 -44.11
N ASP E 531 19.83 -16.60 -44.72
CA ASP E 531 19.13 -17.72 -45.35
C ASP E 531 19.84 -18.16 -46.64
N ASN E 532 20.43 -17.21 -47.37
CA ASN E 532 21.11 -17.57 -48.61
C ASN E 532 22.43 -18.27 -48.33
N GLU E 533 23.15 -17.85 -47.30
CA GLU E 533 24.45 -18.44 -46.99
C GLU E 533 24.33 -19.84 -46.39
N ILE E 534 23.16 -20.22 -45.90
CA ILE E 534 22.95 -21.54 -45.33
C ILE E 534 22.26 -22.45 -46.35
N VAL F 107 -1.97 -61.34 -4.16
CA VAL F 107 -1.86 -61.87 -2.80
C VAL F 107 -0.89 -61.00 -2.00
N GLU F 108 -1.17 -60.85 -0.71
CA GLU F 108 -0.36 -59.98 0.15
C GLU F 108 1.06 -60.50 0.34
N LYS F 109 1.27 -61.82 0.23
CA LYS F 109 2.61 -62.36 0.37
C LYS F 109 3.53 -61.95 -0.78
N ARG F 110 2.99 -61.88 -2.00
CA ARG F 110 3.78 -61.41 -3.13
C ARG F 110 4.19 -59.96 -2.95
N ALA F 111 3.26 -59.13 -2.48
CA ALA F 111 3.59 -57.72 -2.20
C ALA F 111 4.63 -57.60 -1.09
N SER F 112 4.50 -58.41 -0.04
CA SER F 112 5.47 -58.39 1.06
C SER F 112 6.85 -58.80 0.58
N MET F 113 6.92 -59.85 -0.25
CA MET F 113 8.20 -60.27 -0.82
C MET F 113 8.80 -59.22 -1.74
N LEU F 114 7.98 -58.58 -2.58
CA LEU F 114 8.49 -57.52 -3.45
C LEU F 114 9.01 -56.34 -2.63
N LEU F 115 8.29 -55.96 -1.57
CA LEU F 115 8.74 -54.88 -0.72
C LEU F 115 10.04 -55.24 -0.01
N PHE F 116 10.15 -56.49 0.45
CA PHE F 116 11.37 -56.92 1.15
C PHE F 116 12.57 -56.94 0.23
N GLU F 117 12.39 -57.43 -1.00
CA GLU F 117 13.51 -57.48 -1.93
C GLU F 117 13.84 -56.08 -2.47
N CYS F 118 12.87 -55.18 -2.49
CA CYS F 118 13.14 -53.81 -2.93
C CYS F 118 13.84 -53.01 -1.85
N ALA F 119 13.54 -53.27 -0.58
CA ALA F 119 14.15 -52.53 0.52
C ALA F 119 15.64 -52.82 0.61
N GLU F 120 16.03 -54.08 0.47
CA GLU F 120 17.42 -54.50 0.57
C GLU F 120 18.24 -54.10 -0.64
N MET F 121 17.61 -53.63 -1.71
CA MET F 121 18.33 -53.26 -2.93
C MET F 121 18.86 -51.84 -2.89
N ARG F 122 18.59 -51.10 -1.81
CA ARG F 122 19.05 -49.71 -1.62
C ARG F 122 18.53 -48.82 -2.75
N VAL F 123 17.20 -48.70 -2.78
CA VAL F 123 16.50 -47.92 -3.80
C VAL F 123 16.10 -46.59 -3.21
N SER F 124 15.73 -45.66 -4.09
CA SER F 124 15.28 -44.33 -3.67
C SER F 124 13.76 -44.22 -3.67
N ASP F 125 13.15 -44.45 -4.84
CA ASP F 125 11.70 -44.35 -5.00
C ASP F 125 11.17 -45.55 -5.77
N LEU F 126 9.90 -45.87 -5.55
CA LEU F 126 9.26 -46.99 -6.21
C LEU F 126 8.09 -46.49 -7.05
N HIS F 127 8.05 -46.90 -8.31
CA HIS F 127 6.98 -46.54 -9.23
C HIS F 127 6.32 -47.81 -9.74
N ILE F 128 4.99 -47.86 -9.70
CA ILE F 128 4.22 -48.94 -10.29
C ILE F 128 3.20 -48.31 -11.24
N LYS F 129 3.28 -48.66 -12.52
CA LYS F 129 2.38 -48.14 -13.53
C LYS F 129 1.52 -49.25 -14.09
N VAL F 130 0.23 -48.99 -14.23
CA VAL F 130 -0.73 -49.97 -14.75
C VAL F 130 -1.32 -49.42 -16.04
N TYR F 131 -1.24 -50.21 -17.11
CA TYR F 131 -1.76 -49.83 -18.41
C TYR F 131 -2.93 -50.71 -18.84
N ASP F 132 -3.58 -51.40 -17.90
CA ASP F 132 -4.75 -52.29 -18.01
C ASP F 132 -4.41 -53.62 -18.69
N ALA F 133 -3.21 -53.78 -19.26
CA ALA F 133 -2.78 -55.05 -19.83
C ALA F 133 -1.54 -55.59 -19.15
N GLU F 134 -0.64 -54.72 -18.71
CA GLU F 134 0.53 -55.10 -17.93
C GLU F 134 0.91 -53.94 -17.02
N ALA F 135 1.65 -54.25 -15.96
CA ALA F 135 2.10 -53.27 -14.99
C ALA F 135 3.62 -53.25 -14.96
N ASP F 136 4.19 -52.06 -15.11
CA ASP F 136 5.63 -51.87 -15.11
C ASP F 136 6.11 -51.41 -13.75
N ILE F 137 7.23 -51.97 -13.30
CA ILE F 137 7.84 -51.64 -12.02
C ILE F 137 9.13 -50.88 -12.28
N TYR F 138 9.29 -49.74 -11.62
CA TYR F 138 10.48 -48.91 -11.74
C TYR F 138 11.05 -48.64 -10.36
N ILE F 139 12.38 -48.73 -10.25
CA ILE F 139 13.08 -48.41 -9.01
C ILE F 139 14.19 -47.42 -9.32
N ARG F 140 14.27 -46.37 -8.51
CA ARG F 140 15.26 -45.32 -8.69
C ARG F 140 16.57 -45.79 -8.05
N LYS F 141 17.26 -46.69 -8.75
CA LYS F 141 18.59 -47.11 -8.34
C LYS F 141 19.56 -45.94 -8.51
N ASP F 142 20.31 -45.63 -7.47
CA ASP F 142 21.22 -44.48 -7.42
C ASP F 142 20.40 -43.23 -7.67
N GLY F 143 20.51 -42.57 -8.83
CA GLY F 143 19.76 -41.37 -9.10
C GLY F 143 18.75 -41.45 -10.23
N ASP F 144 18.65 -42.58 -10.92
CA ASP F 144 17.74 -42.71 -12.06
C ASP F 144 16.92 -43.98 -11.91
N MET F 145 15.73 -43.98 -12.51
CA MET F 145 14.83 -45.13 -12.46
C MET F 145 15.16 -46.10 -13.57
N GLU F 146 14.87 -47.39 -13.32
CA GLU F 146 15.15 -48.46 -14.27
C GLU F 146 13.96 -49.41 -14.28
N LEU F 147 13.65 -49.93 -15.46
CA LEU F 147 12.52 -50.83 -15.64
C LEU F 147 12.86 -52.17 -14.99
N LEU F 148 12.17 -52.50 -13.89
CA LEU F 148 12.47 -53.73 -13.18
C LEU F 148 11.80 -54.93 -13.83
N ARG F 149 10.47 -54.92 -13.91
CA ARG F 149 9.73 -56.06 -14.45
C ARG F 149 8.36 -55.61 -14.91
N GLN F 150 7.66 -56.53 -15.58
CA GLN F 150 6.30 -56.30 -16.11
C GLN F 150 5.42 -57.43 -15.62
N ILE F 151 4.67 -57.15 -14.56
CA ILE F 151 3.73 -58.11 -13.98
C ILE F 151 2.39 -57.98 -14.68
N GLU F 152 1.53 -58.97 -14.49
CA GLU F 152 0.20 -58.92 -15.08
C GLU F 152 -0.73 -58.01 -14.26
N SER F 153 -1.87 -57.67 -14.86
CA SER F 153 -2.72 -56.62 -14.30
C SER F 153 -3.44 -57.07 -13.04
N ASN F 154 -3.98 -58.29 -13.03
CA ASN F 154 -4.80 -58.73 -11.90
C ASN F 154 -3.97 -58.86 -10.63
N THR F 155 -2.76 -59.43 -10.75
CA THR F 155 -1.87 -59.52 -9.59
C THR F 155 -1.46 -58.13 -9.11
N ALA F 156 -1.22 -57.20 -10.03
CA ALA F 156 -0.86 -55.84 -9.65
C ALA F 156 -1.99 -55.17 -8.88
N HIS F 157 -3.24 -55.33 -9.35
CA HIS F 157 -4.37 -54.75 -8.63
C HIS F 157 -4.54 -55.40 -7.26
N SER F 158 -4.33 -56.73 -7.18
CA SER F 158 -4.47 -57.42 -5.90
C SER F 158 -3.42 -56.93 -4.90
N ILE F 159 -2.16 -56.80 -5.34
CA ILE F 159 -1.13 -56.38 -4.40
C ILE F 159 -1.29 -54.90 -4.05
N LEU F 160 -1.79 -54.08 -4.97
CA LEU F 160 -2.07 -52.69 -4.65
C LEU F 160 -3.19 -52.58 -3.60
N ALA F 161 -4.25 -53.38 -3.76
CA ALA F 161 -5.32 -53.37 -2.77
C ALA F 161 -4.83 -53.87 -1.41
N SER F 162 -4.00 -54.92 -1.42
CA SER F 162 -3.46 -55.44 -0.17
C SER F 162 -2.56 -54.42 0.52
N LEU F 163 -1.74 -53.73 -0.25
CA LEU F 163 -0.85 -52.71 0.33
C LEU F 163 -1.64 -51.52 0.86
N TYR F 164 -2.70 -51.11 0.16
CA TYR F 164 -3.50 -49.99 0.63
C TYR F 164 -4.30 -50.35 1.88
N ASN F 165 -4.85 -51.56 1.92
CA ASN F 165 -5.66 -51.96 3.08
C ASN F 165 -4.82 -52.20 4.33
N ASN F 166 -3.55 -52.53 4.19
CA ASN F 166 -2.69 -52.75 5.33
C ASN F 166 -2.12 -51.45 5.91
N ALA F 167 -2.33 -50.32 5.24
CA ALA F 167 -1.88 -49.04 5.77
C ALA F 167 -2.72 -48.64 6.97
N ASP F 168 -2.10 -47.91 7.89
CA ASP F 168 -2.81 -47.48 9.10
C ASP F 168 -3.78 -46.34 8.80
N ASP F 169 -3.58 -45.62 7.70
CA ASP F 169 -4.47 -44.54 7.29
C ASP F 169 -5.31 -45.04 6.11
N SER F 170 -6.64 -45.05 6.29
CA SER F 170 -7.54 -45.51 5.25
C SER F 170 -8.89 -44.82 5.44
N ASP F 171 -9.63 -44.70 4.33
CA ASP F 171 -10.96 -44.10 4.33
C ASP F 171 -12.05 -45.13 4.02
N ALA F 172 -11.79 -46.40 4.30
CA ALA F 172 -12.71 -47.53 4.12
C ALA F 172 -13.16 -47.70 2.67
N THR F 173 -12.40 -47.17 1.71
CA THR F 173 -12.71 -47.33 0.29
C THR F 173 -11.43 -47.14 -0.51
N TYR F 174 -11.41 -47.75 -1.70
CA TYR F 174 -10.23 -47.63 -2.55
C TYR F 174 -10.28 -46.36 -3.40
N LYS F 175 -11.43 -46.09 -4.01
CA LYS F 175 -11.67 -44.91 -4.85
C LYS F 175 -10.66 -44.84 -6.00
N ILE F 176 -10.81 -45.82 -6.91
CA ILE F 176 -9.90 -45.97 -8.04
C ILE F 176 -9.88 -44.70 -8.90
N ASN F 177 -11.05 -44.09 -9.10
CA ASN F 177 -11.11 -42.89 -9.92
C ASN F 177 -10.50 -41.68 -9.22
N ALA F 178 -10.37 -41.73 -7.90
CA ALA F 178 -9.86 -40.59 -7.14
C ALA F 178 -8.39 -40.76 -6.80
N TYR F 179 -7.82 -39.70 -6.22
CA TYR F 179 -6.43 -39.70 -5.79
C TYR F 179 -6.34 -40.04 -4.32
N GLN F 180 -5.39 -40.90 -3.96
CA GLN F 180 -5.24 -41.36 -2.59
C GLN F 180 -3.82 -41.16 -2.10
N ALA F 181 -3.68 -40.95 -0.79
CA ALA F 181 -2.38 -40.87 -0.15
C ALA F 181 -2.47 -41.53 1.20
N ALA F 182 -1.42 -42.26 1.59
CA ALA F 182 -1.43 -42.97 2.85
C ALA F 182 0.01 -43.15 3.33
N ARG F 183 0.13 -43.57 4.59
CA ARG F 183 1.42 -43.83 5.21
C ARG F 183 1.40 -45.17 5.92
N ILE F 184 2.54 -45.85 5.92
CA ILE F 184 2.72 -47.09 6.66
C ILE F 184 3.84 -46.87 7.66
N VAL F 185 3.54 -47.07 8.95
CA VAL F 185 4.48 -46.76 10.02
C VAL F 185 4.88 -48.06 10.71
N ALA F 186 5.95 -47.98 11.50
CA ALA F 186 6.45 -49.12 12.25
C ALA F 186 5.50 -49.45 13.39
N SER F 187 5.65 -50.69 13.90
CA SER F 187 4.91 -51.29 15.02
C SER F 187 3.44 -51.54 14.69
N LYS F 188 2.96 -51.17 13.50
CA LYS F 188 1.60 -51.49 13.05
C LYS F 188 1.70 -51.88 11.58
N SER F 189 1.95 -53.15 11.32
CA SER F 189 2.13 -53.64 9.96
C SER F 189 1.95 -55.15 9.97
N ARG F 190 1.01 -55.65 9.17
CA ARG F 190 0.78 -57.08 9.04
C ARG F 190 1.47 -57.70 7.84
N LEU F 191 2.30 -56.94 7.13
CA LEU F 191 2.95 -57.43 5.92
C LEU F 191 4.43 -57.73 6.12
N ALA F 192 4.89 -57.89 7.37
CA ALA F 192 6.27 -58.22 7.71
C ALA F 192 7.24 -57.17 7.15
N LEU F 193 7.10 -55.96 7.68
CA LEU F 193 7.91 -54.83 7.23
C LEU F 193 9.38 -55.09 7.55
N PRO F 194 10.29 -54.80 6.62
CA PRO F 194 11.71 -55.01 6.89
C PRO F 194 12.20 -54.07 7.97
N PRO F 195 13.21 -54.47 8.75
CA PRO F 195 13.73 -53.58 9.81
C PRO F 195 14.49 -52.37 9.30
N VAL F 196 14.86 -52.34 8.02
CA VAL F 196 15.69 -51.24 7.52
C VAL F 196 14.86 -50.02 7.15
N ILE F 197 13.55 -50.05 7.41
CA ILE F 197 12.69 -48.92 7.14
C ILE F 197 11.78 -48.69 8.35
N GLN F 198 11.58 -47.41 8.69
CA GLN F 198 10.70 -47.04 9.79
C GLN F 198 9.28 -46.80 9.28
N ALA F 199 9.12 -45.84 8.37
CA ALA F 199 7.82 -45.52 7.81
C ALA F 199 7.99 -45.09 6.36
N VAL F 200 6.96 -45.33 5.55
CA VAL F 200 6.94 -44.96 4.16
C VAL F 200 5.63 -44.25 3.85
N ARG F 201 5.63 -43.49 2.76
CA ARG F 201 4.43 -42.83 2.25
C ARG F 201 4.16 -43.33 0.84
N LEU F 202 2.89 -43.63 0.56
CA LEU F 202 2.50 -44.19 -0.72
C LEU F 202 1.31 -43.42 -1.27
N GLN F 203 1.42 -43.02 -2.54
CA GLN F 203 0.39 -42.24 -3.20
C GLN F 203 -0.13 -43.02 -4.40
N PHE F 204 -1.46 -43.10 -4.49
CA PHE F 204 -2.15 -43.76 -5.59
C PHE F 204 -2.77 -42.70 -6.50
N ASN F 205 -2.51 -42.82 -7.79
CA ASN F 205 -2.97 -41.84 -8.78
C ASN F 205 -3.62 -42.60 -9.94
N PRO F 206 -4.85 -42.28 -10.31
CA PRO F 206 -5.46 -42.93 -11.48
C PRO F 206 -4.81 -42.51 -12.77
N LEU F 207 -4.84 -43.40 -13.76
CA LEU F 207 -4.23 -43.15 -15.05
C LEU F 207 -5.03 -43.86 -16.13
N GLY F 208 -5.39 -43.14 -17.18
CA GLY F 208 -6.14 -43.72 -18.28
C GLY F 208 -7.51 -44.21 -17.84
N GLN F 209 -7.85 -45.41 -18.29
CA GLN F 209 -9.12 -46.05 -17.96
C GLN F 209 -8.83 -47.29 -17.13
N GLY F 210 -9.12 -47.22 -15.83
CA GLY F 210 -8.88 -48.33 -14.94
C GLY F 210 -7.42 -48.67 -14.72
N GLY F 211 -6.55 -47.67 -14.68
CA GLY F 211 -5.13 -47.87 -14.43
C GLY F 211 -4.69 -47.13 -13.18
N ARG F 212 -3.59 -47.59 -12.60
CA ARG F 212 -3.10 -47.06 -11.34
C ARG F 212 -1.66 -46.57 -11.50
N TYR F 213 -1.27 -45.65 -10.61
CA TYR F 213 0.09 -45.11 -10.61
C TYR F 213 0.51 -44.97 -9.15
N LEU F 214 1.19 -45.98 -8.63
CA LEU F 214 1.64 -45.98 -7.25
C LEU F 214 3.06 -45.39 -7.18
N ILE F 215 3.24 -44.42 -6.28
CA ILE F 215 4.54 -43.81 -6.03
C ILE F 215 4.85 -43.94 -4.55
N ALA F 216 6.04 -44.47 -4.24
CA ALA F 216 6.49 -44.64 -2.87
C ALA F 216 7.84 -43.95 -2.69
N ARG F 217 7.98 -43.24 -1.57
CA ARG F 217 9.18 -42.44 -1.31
C ARG F 217 10.25 -43.25 -0.59
N PHE F 218 9.86 -44.28 0.15
CA PHE F 218 10.77 -45.27 0.73
C PHE F 218 11.81 -44.64 1.67
N LEU F 219 11.35 -44.09 2.79
CA LEU F 219 12.26 -43.51 3.77
C LEU F 219 13.07 -44.61 4.45
N TYR F 220 14.38 -44.39 4.54
CA TYR F 220 15.32 -45.36 5.11
C TYR F 220 15.70 -44.97 6.53
N THR F 221 16.58 -45.78 7.12
CA THR F 221 17.10 -45.46 8.44
C THR F 221 18.26 -44.46 8.35
N ASP F 222 19.32 -44.84 7.65
CA ASP F 222 20.48 -43.97 7.50
C ASP F 222 20.54 -43.36 6.10
N ASP F 231 35.19 -39.94 6.52
CA ASP F 231 34.14 -40.21 7.51
C ASP F 231 33.82 -39.03 8.45
N PRO F 232 34.81 -38.32 9.02
CA PRO F 232 34.44 -37.15 9.83
C PRO F 232 33.93 -35.99 9.00
N THR F 233 34.57 -35.69 7.87
CA THR F 233 34.16 -34.57 7.03
C THR F 233 34.69 -34.79 5.63
N ARG F 234 34.27 -33.90 4.72
CA ARG F 234 34.72 -33.87 3.32
C ARG F 234 34.42 -35.19 2.61
N PHE F 235 33.12 -35.50 2.53
CA PHE F 235 32.68 -36.65 1.76
C PHE F 235 32.94 -36.45 0.27
N GLY F 236 32.50 -35.31 -0.26
CA GLY F 236 32.74 -34.97 -1.65
C GLY F 236 33.01 -33.49 -1.84
N PHE F 237 33.03 -32.76 -0.73
CA PHE F 237 33.22 -31.31 -0.79
C PHE F 237 34.67 -30.97 -1.15
N HIS F 238 34.86 -29.77 -1.68
CA HIS F 238 36.19 -29.26 -1.95
C HIS F 238 36.88 -28.89 -0.64
N HIS F 239 38.21 -28.76 -0.71
CA HIS F 239 38.96 -28.38 0.49
C HIS F 239 38.65 -26.95 0.91
N SER F 240 38.34 -26.08 -0.06
CA SER F 240 37.88 -24.74 0.28
C SER F 240 36.55 -24.77 1.04
N HIS F 241 35.66 -25.70 0.69
CA HIS F 241 34.42 -25.86 1.43
C HIS F 241 34.68 -26.28 2.87
N ALA F 242 35.63 -27.19 3.07
CA ALA F 242 36.00 -27.61 4.42
C ALA F 242 36.62 -26.47 5.21
N GLU F 243 37.47 -25.65 4.57
CA GLU F 243 38.03 -24.49 5.25
C GLU F 243 36.96 -23.47 5.62
N SER F 244 35.98 -23.25 4.73
CA SER F 244 34.89 -22.34 5.05
C SER F 244 34.01 -22.87 6.17
N PHE F 245 33.78 -24.18 6.21
CA PHE F 245 32.97 -24.77 7.27
C PHE F 245 33.63 -24.62 8.64
N SER F 246 34.97 -24.67 8.69
CA SER F 246 35.68 -24.48 9.96
C SER F 246 35.45 -23.08 10.51
N ARG F 247 35.50 -22.06 9.64
CA ARG F 247 35.20 -20.71 10.09
C ARG F 247 33.73 -20.54 10.42
N MET F 248 32.85 -21.25 9.70
CA MET F 248 31.42 -21.11 9.94
C MET F 248 31.00 -21.72 11.28
N ARG F 249 31.64 -22.82 11.68
CA ARG F 249 31.28 -23.49 12.91
C ARG F 249 31.71 -22.73 14.16
N ASN F 250 32.67 -21.80 14.03
CA ASN F 250 33.17 -21.07 15.19
C ASN F 250 32.32 -19.85 15.54
N LEU F 251 31.39 -19.45 14.67
CA LEU F 251 30.56 -18.30 14.96
C LEU F 251 29.44 -18.70 15.92
N PRO F 252 29.29 -18.00 17.05
CA PRO F 252 28.29 -18.42 18.05
C PRO F 252 26.86 -18.13 17.63
N ILE F 253 26.65 -17.15 16.74
CA ILE F 253 25.30 -16.77 16.32
C ILE F 253 25.26 -16.72 14.80
N GLY F 254 24.05 -16.85 14.27
CA GLY F 254 23.85 -16.72 12.84
C GLY F 254 22.84 -17.74 12.34
N ILE F 255 22.58 -17.66 11.04
CA ILE F 255 21.67 -18.57 10.34
C ILE F 255 22.38 -19.06 9.08
N ASN F 256 22.34 -20.37 8.85
CA ASN F 256 22.90 -21.00 7.66
C ASN F 256 21.80 -21.74 6.93
N ILE F 257 21.89 -21.77 5.61
CA ILE F 257 20.89 -22.38 4.74
C ILE F 257 21.54 -23.46 3.90
N ILE F 258 20.91 -24.63 3.84
CA ILE F 258 21.32 -25.71 2.96
C ILE F 258 20.25 -25.84 1.88
N SER F 259 20.66 -25.73 0.62
CA SER F 259 19.71 -25.69 -0.48
C SER F 259 20.03 -26.77 -1.50
N GLY F 260 18.98 -27.27 -2.16
CA GLY F 260 19.11 -28.27 -3.17
C GLY F 260 17.79 -28.93 -3.51
N PRO F 261 17.79 -29.81 -4.51
CA PRO F 261 16.58 -30.56 -4.84
C PRO F 261 16.22 -31.61 -3.79
N THR F 262 15.19 -32.41 -4.08
CA THR F 262 14.73 -33.42 -3.12
C THR F 262 15.80 -34.47 -2.84
N GLY F 263 16.50 -34.92 -3.87
CA GLY F 263 17.53 -35.93 -3.69
C GLY F 263 18.93 -35.36 -3.59
N SER F 264 19.07 -34.25 -2.85
CA SER F 264 20.36 -33.58 -2.74
C SER F 264 21.15 -33.98 -1.51
N GLY F 265 20.62 -34.86 -0.66
CA GLY F 265 21.33 -35.31 0.52
C GLY F 265 21.57 -34.23 1.56
N LYS F 266 20.54 -33.42 1.83
CA LYS F 266 20.69 -32.35 2.81
C LYS F 266 20.77 -32.89 4.23
N SER F 267 19.98 -33.91 4.54
CA SER F 267 19.95 -34.46 5.89
C SER F 267 21.28 -35.10 6.27
N THR F 268 21.94 -35.77 5.32
CA THR F 268 23.25 -36.35 5.58
C THR F 268 24.28 -35.27 5.90
N THR F 269 24.27 -34.17 5.15
CA THR F 269 25.19 -33.07 5.42
C THR F 269 24.91 -32.43 6.77
N LEU F 270 23.63 -32.25 7.12
CA LEU F 270 23.29 -31.69 8.42
C LEU F 270 23.73 -32.61 9.56
N LYS F 271 23.53 -33.92 9.41
CA LYS F 271 23.96 -34.87 10.44
C LYS F 271 25.48 -34.92 10.55
N ASN F 272 26.19 -34.76 9.43
CA ASN F 272 27.64 -34.73 9.48
C ASN F 272 28.15 -33.47 10.17
N LEU F 273 27.52 -32.33 9.92
CA LEU F 273 27.92 -31.09 10.57
C LEU F 273 27.56 -31.08 12.05
N LEU F 274 26.47 -31.75 12.43
CA LEU F 274 26.08 -31.81 13.83
C LEU F 274 27.11 -32.54 14.67
N GLU F 275 27.68 -33.62 14.15
CA GLU F 275 28.73 -34.34 14.88
C GLU F 275 29.96 -33.48 15.08
N LEU F 276 30.38 -32.74 14.05
CA LEU F 276 31.51 -31.84 14.18
C LEU F 276 31.24 -30.73 15.19
N LEU F 277 30.03 -30.16 15.18
CA LEU F 277 29.68 -29.15 16.18
C LEU F 277 29.68 -29.73 17.59
N TYR F 278 29.18 -30.95 17.75
CA TYR F 278 29.16 -31.59 19.06
C TYR F 278 30.57 -31.86 19.57
N ILE F 279 31.46 -32.34 18.69
CA ILE F 279 32.81 -32.67 19.11
C ILE F 279 33.63 -31.41 19.41
N GLU F 280 33.55 -30.40 18.53
CA GLU F 280 34.43 -29.25 18.66
C GLU F 280 34.08 -28.38 19.85
N LYS F 281 32.80 -28.28 20.21
CA LYS F 281 32.41 -27.39 21.30
C LYS F 281 32.76 -27.94 22.67
N LYS F 282 33.15 -29.21 22.76
CA LYS F 282 33.57 -29.85 24.02
C LYS F 282 32.50 -29.75 25.10
N LYS F 283 31.25 -29.95 24.70
CA LYS F 283 30.08 -29.96 25.58
C LYS F 283 29.87 -28.64 26.31
N LYS F 284 30.33 -27.54 25.74
CA LYS F 284 30.12 -26.23 26.34
C LYS F 284 28.82 -25.57 25.89
N VAL F 285 28.10 -26.16 24.94
CA VAL F 285 26.83 -25.65 24.47
C VAL F 285 25.82 -26.79 24.49
N ASN F 286 24.55 -26.42 24.46
CA ASN F 286 23.45 -27.38 24.43
C ASN F 286 23.04 -27.64 22.98
N ILE F 287 23.02 -28.90 22.60
CA ILE F 287 22.67 -29.29 21.23
C ILE F 287 21.29 -29.94 21.29
N ILE F 288 20.30 -29.26 20.72
CA ILE F 288 18.95 -29.78 20.59
C ILE F 288 18.60 -29.80 19.10
N SER F 289 18.01 -30.90 18.65
CA SER F 289 17.61 -31.07 17.27
C SER F 289 16.17 -31.57 17.22
N ILE F 290 15.40 -31.06 16.27
CA ILE F 290 14.00 -31.43 16.11
C ILE F 290 13.82 -32.03 14.71
N GLU F 291 13.30 -33.25 14.67
CA GLU F 291 13.04 -33.93 13.40
C GLU F 291 12.00 -35.02 13.66
N ASP F 292 10.82 -34.87 13.06
CA ASP F 292 9.75 -35.85 13.26
C ASP F 292 10.11 -37.26 12.78
N PRO F 293 10.65 -37.48 11.58
CA PRO F 293 11.08 -38.82 11.23
C PRO F 293 12.50 -39.08 11.71
N PRO F 294 12.69 -40.11 12.55
CA PRO F 294 14.05 -40.44 13.01
C PRO F 294 14.92 -40.90 11.86
N GLU F 295 16.22 -40.62 11.95
CA GLU F 295 17.18 -40.96 10.89
C GLU F 295 18.37 -41.66 11.54
N TYR F 296 18.28 -42.98 11.68
CA TYR F 296 19.33 -43.86 12.22
C TYR F 296 19.71 -43.37 13.62
N GLU F 297 21.00 -43.36 13.96
CA GLU F 297 21.47 -42.84 15.24
C GLU F 297 22.13 -41.48 15.03
N ILE F 298 21.92 -40.58 15.99
CA ILE F 298 22.47 -39.24 15.90
C ILE F 298 23.23 -38.90 17.17
N THR F 301 24.01 -35.33 21.79
CA THR F 301 23.02 -34.49 21.14
C THR F 301 21.60 -34.97 21.46
N ALA F 302 20.64 -34.06 21.35
CA ALA F 302 19.25 -34.38 21.64
C ALA F 302 18.43 -34.34 20.36
N GLN F 303 17.61 -35.36 20.15
CA GLN F 303 16.74 -35.45 18.98
C GLN F 303 15.29 -35.39 19.42
N LEU F 304 14.51 -34.54 18.75
CA LEU F 304 13.10 -34.35 19.09
C LEU F 304 12.22 -34.75 17.91
N PRO F 305 11.12 -35.47 18.16
CA PRO F 305 10.20 -35.88 17.09
C PRO F 305 9.30 -34.73 16.63
N THR F 311 -3.25 -36.48 10.00
CA THR F 311 -3.36 -35.74 8.75
C THR F 311 -2.24 -34.73 8.61
N GLU F 312 -2.23 -34.00 7.49
CA GLU F 312 -1.22 -32.98 7.26
C GLU F 312 -1.37 -31.82 8.24
N ALA F 313 -2.61 -31.43 8.55
CA ALA F 313 -2.84 -30.35 9.51
C ALA F 313 -2.38 -30.74 10.91
N GLN F 314 -2.61 -31.99 11.32
CA GLN F 314 -2.15 -32.44 12.63
C GLN F 314 -0.62 -32.45 12.70
N ARG F 315 0.04 -32.90 11.63
CA ARG F 315 1.50 -32.88 11.60
C ARG F 315 2.04 -31.46 11.64
N GLY F 316 1.41 -30.54 10.91
CA GLY F 316 1.82 -29.15 10.96
C GLY F 316 1.63 -28.53 12.34
N GLU F 317 0.51 -28.84 13.00
CA GLU F 317 0.29 -28.34 14.35
C GLU F 317 1.29 -28.91 15.34
N GLU F 318 1.63 -30.20 15.21
CA GLU F 318 2.64 -30.79 16.07
C GLU F 318 4.01 -30.16 15.84
N TYR F 319 4.35 -29.89 14.57
CA TYR F 319 5.61 -29.21 14.27
C TYR F 319 5.62 -27.79 14.84
N ARG F 320 4.50 -27.09 14.75
CA ARG F 320 4.39 -25.75 15.34
C ARG F 320 4.57 -25.79 16.84
N LYS F 321 3.93 -26.76 17.51
CA LYS F 321 4.08 -26.90 18.96
C LYS F 321 5.51 -27.24 19.34
N ALA F 322 6.17 -28.12 18.57
CA ALA F 322 7.56 -28.47 18.86
C ALA F 322 8.49 -27.27 18.68
N ILE F 323 8.28 -26.48 17.62
CA ILE F 323 9.20 -25.37 17.38
C ILE F 323 8.92 -24.22 18.34
N THR F 324 7.69 -24.09 18.85
CA THR F 324 7.41 -23.06 19.82
C THR F 324 7.73 -23.50 21.25
N ALA F 325 7.92 -24.80 21.48
CA ALA F 325 8.37 -25.29 22.77
C ALA F 325 9.88 -25.45 22.85
N ALA F 326 10.56 -25.54 21.70
CA ALA F 326 12.01 -25.64 21.70
C ALA F 326 12.66 -24.35 22.19
N LEU F 327 12.09 -23.20 21.84
CA LEU F 327 12.63 -21.91 22.27
C LEU F 327 12.40 -21.65 23.75
N ARG F 328 11.50 -22.40 24.40
CA ARG F 328 11.31 -22.27 25.84
C ARG F 328 12.58 -22.65 26.59
N SER F 329 13.23 -23.74 26.17
CA SER F 329 14.52 -24.11 26.73
C SER F 329 15.62 -23.26 26.10
N ASP F 330 16.79 -23.30 26.70
CA ASP F 330 17.96 -22.60 26.17
C ASP F 330 18.43 -23.33 24.92
N PRO F 331 18.28 -22.75 23.72
CA PRO F 331 18.52 -23.52 22.51
C PRO F 331 19.98 -23.66 22.12
N ASP F 332 20.78 -22.62 22.34
CA ASP F 332 22.16 -22.52 21.85
C ASP F 332 22.24 -22.83 20.36
N ILE F 333 22.18 -24.11 20.00
CA ILE F 333 22.05 -24.55 18.61
C ILE F 333 20.70 -25.23 18.49
N ILE F 334 19.84 -24.69 17.63
CA ILE F 334 18.45 -25.11 17.58
C ILE F 334 18.20 -26.28 16.63
N MET F 335 18.98 -26.40 15.55
CA MET F 335 18.96 -27.49 14.56
C MET F 335 17.56 -27.88 14.10
N PRO F 336 16.87 -27.05 13.34
CA PRO F 336 15.56 -27.44 12.80
C PRO F 336 15.70 -28.23 11.51
N GLY F 337 14.55 -28.54 10.91
CA GLY F 337 14.55 -29.24 9.65
C GLY F 337 13.30 -29.00 8.82
N GLU F 338 13.49 -28.85 7.51
CA GLU F 338 12.41 -28.72 6.53
C GLU F 338 11.51 -27.52 6.86
N ALA F 339 12.11 -26.33 6.75
CA ALA F 339 11.40 -25.08 6.97
C ALA F 339 10.47 -24.85 5.79
N ARG F 340 9.21 -25.27 5.94
CA ARG F 340 8.26 -25.27 4.85
C ARG F 340 7.20 -24.18 4.95
N ASP F 341 6.90 -23.69 6.15
CA ASP F 341 5.83 -22.73 6.34
C ASP F 341 6.39 -21.32 6.52
N ALA F 342 5.64 -20.33 6.02
CA ALA F 342 6.05 -18.94 6.13
C ALA F 342 6.07 -18.47 7.59
N GLU F 343 5.07 -18.85 8.38
CA GLU F 343 5.05 -18.46 9.78
C GLU F 343 6.16 -19.15 10.57
N VAL F 344 6.46 -20.40 10.23
CA VAL F 344 7.53 -21.13 10.93
C VAL F 344 8.88 -20.45 10.69
N ILE F 345 9.18 -20.11 9.43
CA ILE F 345 10.45 -19.46 9.15
C ILE F 345 10.46 -18.02 9.66
N ASN F 346 9.30 -17.37 9.72
CA ASN F 346 9.23 -16.04 10.31
C ASN F 346 9.55 -16.07 11.80
N LEU F 347 9.03 -17.07 12.51
CA LEU F 347 9.39 -17.27 13.91
C LEU F 347 10.85 -17.67 14.06
N LEU F 348 11.37 -18.47 13.13
CA LEU F 348 12.77 -18.89 13.18
C LEU F 348 13.72 -17.72 13.02
N PHE F 349 13.39 -16.78 12.13
CA PHE F 349 14.24 -15.61 11.93
C PHE F 349 14.33 -14.73 13.17
N THR F 350 13.28 -14.69 13.99
CA THR F 350 13.35 -13.95 15.25
C THR F 350 14.37 -14.57 16.19
N ALA F 351 14.33 -15.89 16.35
CA ALA F 351 15.32 -16.58 17.18
C ALA F 351 16.72 -16.52 16.58
N ALA F 352 16.82 -16.36 15.27
CA ALA F 352 18.13 -16.23 14.62
C ALA F 352 18.83 -14.95 15.08
N MET F 353 18.09 -13.84 15.16
CA MET F 353 18.66 -12.57 15.58
C MET F 353 18.53 -12.33 17.08
N THR F 354 17.84 -13.22 17.80
CA THR F 354 17.78 -13.09 19.25
C THR F 354 19.13 -13.39 19.90
N GLY F 355 19.98 -14.17 19.24
CA GLY F 355 21.26 -14.52 19.81
C GLY F 355 21.53 -16.02 19.79
N HIS F 356 20.82 -16.74 18.92
CA HIS F 356 20.99 -18.17 18.75
C HIS F 356 21.67 -18.45 17.41
N GLN F 357 21.91 -19.73 17.15
CA GLN F 357 22.45 -20.19 15.88
C GLN F 357 21.54 -21.25 15.30
N VAL F 358 21.20 -21.11 14.02
CA VAL F 358 20.21 -21.93 13.36
C VAL F 358 20.85 -22.62 12.15
N TRP F 359 20.62 -23.93 12.03
CA TRP F 359 21.06 -24.72 10.89
C TRP F 359 19.85 -25.38 10.27
N THR F 360 19.29 -24.76 9.22
CA THR F 360 18.10 -25.26 8.57
C THR F 360 18.37 -25.51 7.10
N SER F 361 17.48 -26.29 6.48
CA SER F 361 17.60 -26.64 5.07
C SER F 361 16.26 -26.44 4.38
N LEU F 362 16.31 -26.02 3.11
CA LEU F 362 15.11 -25.82 2.30
C LEU F 362 15.44 -26.18 0.86
N HIS F 363 14.46 -26.06 -0.01
CA HIS F 363 14.60 -26.41 -1.43
C HIS F 363 14.83 -25.14 -2.24
N ALA F 364 15.98 -25.08 -2.90
CA ALA F 364 16.35 -23.95 -3.75
C ALA F 364 17.43 -24.41 -4.71
N ASN F 365 18.01 -23.45 -5.44
CA ASN F 365 19.06 -23.76 -6.39
C ASN F 365 19.90 -22.52 -6.63
N ASN F 366 21.10 -22.74 -7.18
CA ASN F 366 22.07 -21.74 -7.64
C ASN F 366 22.65 -20.91 -6.49
N ALA F 367 22.30 -21.18 -5.24
CA ALA F 367 22.81 -20.53 -4.03
C ALA F 367 22.51 -19.04 -3.96
N LEU F 368 21.74 -18.49 -4.91
CA LEU F 368 21.33 -17.10 -4.88
C LEU F 368 19.82 -16.92 -4.98
N ALA F 369 19.09 -17.91 -5.49
CA ALA F 369 17.64 -17.87 -5.50
C ALA F 369 17.03 -18.17 -4.13
N ILE F 370 17.86 -18.48 -3.14
CA ILE F 370 17.37 -18.71 -1.78
C ILE F 370 16.71 -17.44 -1.24
N PHE F 371 17.32 -16.28 -1.51
CA PHE F 371 16.75 -15.02 -1.05
C PHE F 371 15.41 -14.74 -1.72
N ASP F 372 15.25 -15.19 -2.97
CA ASP F 372 13.96 -15.09 -3.63
C ASP F 372 12.92 -15.95 -2.93
N ARG F 373 13.31 -17.15 -2.49
CA ARG F 373 12.40 -17.99 -1.72
C ARG F 373 12.03 -17.33 -0.39
N LEU F 374 13.02 -16.70 0.26
CA LEU F 374 12.75 -16.00 1.53
C LEU F 374 11.78 -14.84 1.33
N LYS F 375 11.97 -14.06 0.25
CA LYS F 375 11.05 -12.98 -0.06
C LYS F 375 9.66 -13.49 -0.44
N ASP F 376 9.58 -14.65 -1.10
CA ASP F 376 8.29 -15.27 -1.36
C ASP F 376 7.60 -15.69 -0.07
N GLN F 377 8.36 -16.17 0.90
CA GLN F 377 7.78 -16.53 2.20
C GLN F 377 7.37 -15.30 2.99
N GLY F 378 7.93 -14.13 2.67
CA GLY F 378 7.54 -12.90 3.33
C GLY F 378 8.39 -12.56 4.54
N VAL F 379 9.71 -12.51 4.36
CA VAL F 379 10.61 -12.19 5.45
C VAL F 379 11.05 -10.73 5.45
N ASP F 380 10.54 -9.93 4.51
CA ASP F 380 10.82 -8.50 4.37
C ASP F 380 12.27 -8.21 4.00
N GLU F 381 12.54 -7.00 3.50
CA GLU F 381 13.86 -6.65 3.00
C GLU F 381 14.86 -6.34 4.10
N PHE F 382 14.41 -5.77 5.24
CA PHE F 382 15.34 -5.32 6.25
C PHE F 382 15.98 -6.47 7.02
N LYS F 383 15.28 -7.60 7.18
CA LYS F 383 15.83 -8.75 7.90
C LYS F 383 16.98 -9.41 7.16
N LEU F 384 16.98 -9.37 5.83
CA LEU F 384 18.03 -10.01 5.04
C LEU F 384 19.18 -9.08 4.70
N THR F 385 19.16 -7.84 5.17
CA THR F 385 20.24 -6.91 4.85
C THR F 385 21.39 -7.02 5.84
N ASP F 386 21.22 -7.78 6.91
CA ASP F 386 22.26 -7.89 7.94
C ASP F 386 23.33 -8.86 7.50
N PRO F 387 24.60 -8.43 7.41
CA PRO F 387 25.67 -9.40 7.13
C PRO F 387 25.99 -10.27 8.33
N GLU F 388 25.71 -9.79 9.54
CA GLU F 388 26.00 -10.57 10.74
C GLU F 388 24.98 -11.69 10.94
N LEU F 389 23.74 -11.48 10.49
CA LEU F 389 22.70 -12.48 10.68
C LEU F 389 22.97 -13.71 9.82
N ILE F 390 22.97 -13.54 8.50
CA ILE F 390 23.31 -14.64 7.60
C ILE F 390 24.78 -14.99 7.78
N THR F 391 25.07 -16.29 7.89
CA THR F 391 26.44 -16.74 8.08
C THR F 391 27.00 -17.57 6.94
N GLY F 392 26.15 -18.09 6.06
CA GLY F 392 26.63 -18.85 4.92
C GLY F 392 25.53 -19.54 4.14
N LEU F 393 25.71 -19.66 2.83
CA LEU F 393 24.76 -20.35 1.97
C LEU F 393 25.48 -21.53 1.32
N VAL F 394 24.83 -22.69 1.32
CA VAL F 394 25.40 -23.90 0.75
C VAL F 394 24.39 -24.51 -0.21
N ALA F 395 24.80 -24.74 -1.45
CA ALA F 395 23.98 -25.39 -2.45
C ALA F 395 24.71 -26.63 -2.95
N GLN F 396 24.06 -27.78 -2.84
CA GLN F 396 24.70 -29.05 -3.18
C GLN F 396 23.78 -29.89 -4.06
N ARG F 397 24.39 -30.64 -4.98
CA ARG F 397 23.71 -31.61 -5.83
C ARG F 397 24.44 -32.94 -5.72
N LEU F 398 23.75 -34.01 -6.08
CA LEU F 398 24.31 -35.36 -6.02
C LEU F 398 24.45 -35.91 -7.43
N VAL F 399 25.64 -36.36 -7.78
CA VAL F 399 25.90 -36.93 -9.10
C VAL F 399 26.61 -38.27 -8.95
N ARG F 400 26.35 -39.16 -9.90
CA ARG F 400 26.94 -40.50 -9.85
C ARG F 400 28.46 -40.43 -10.05
N LYS F 401 29.17 -41.24 -9.27
CA LYS F 401 30.62 -41.25 -9.28
C LYS F 401 31.12 -42.50 -10.00
N LEU F 402 32.06 -42.31 -10.93
CA LEU F 402 32.59 -43.43 -11.70
C LEU F 402 33.49 -44.31 -10.83
N CYS F 403 33.51 -45.59 -11.17
CA CYS F 403 34.38 -46.54 -10.48
C CYS F 403 35.83 -46.28 -10.85
N ALA F 404 36.71 -46.23 -9.85
CA ALA F 404 38.12 -46.03 -10.11
C ALA F 404 38.75 -47.25 -10.77
N GLN F 405 38.36 -48.45 -10.35
CA GLN F 405 38.90 -49.67 -10.96
C GLN F 405 38.37 -49.90 -12.36
N CYS F 406 37.07 -49.67 -12.58
CA CYS F 406 36.44 -49.89 -13.88
C CYS F 406 36.28 -48.54 -14.56
N SER F 407 37.36 -48.10 -15.23
CA SER F 407 37.35 -46.83 -15.94
C SER F 407 38.06 -47.00 -17.28
N ILE F 408 37.62 -46.24 -18.27
CA ILE F 408 38.21 -46.26 -19.60
C ILE F 408 38.49 -44.83 -20.03
N THR F 409 39.43 -44.66 -20.94
CA THR F 409 39.80 -43.35 -21.45
C THR F 409 38.88 -42.95 -22.61
N LEU F 410 39.17 -41.80 -23.22
CA LEU F 410 38.38 -41.32 -24.34
C LEU F 410 38.53 -42.22 -25.55
N THR F 411 39.77 -42.64 -25.86
CA THR F 411 40.00 -43.49 -27.01
C THR F 411 39.33 -44.85 -26.85
N GLU F 412 39.42 -45.43 -25.65
CA GLU F 412 38.77 -46.71 -25.40
C GLU F 412 37.25 -46.59 -25.43
N TYR F 413 36.72 -45.43 -25.05
CA TYR F 413 35.28 -45.23 -25.10
C TYR F 413 34.80 -45.08 -26.54
N ILE F 414 35.50 -44.28 -27.36
CA ILE F 414 35.08 -44.09 -28.73
C ILE F 414 35.41 -45.30 -29.60
N ALA F 415 36.27 -46.20 -29.12
CA ALA F 415 36.59 -47.39 -29.90
C ALA F 415 35.42 -48.38 -29.92
N SER F 416 34.53 -48.30 -28.94
CA SER F 416 33.39 -49.20 -28.84
C SER F 416 32.11 -48.39 -28.63
N GLY F 417 31.51 -47.95 -29.73
CA GLY F 417 30.25 -47.23 -29.68
C GLY F 417 30.27 -45.93 -28.92
N GLY F 418 31.31 -45.12 -29.11
CA GLY F 418 31.43 -43.88 -28.36
C GLY F 418 30.65 -42.76 -29.03
N GLY F 419 29.68 -42.20 -28.32
CA GLY F 419 28.93 -41.07 -28.83
C GLY F 419 29.03 -39.86 -27.93
N ILE F 420 29.67 -38.80 -28.42
CA ILE F 420 29.90 -37.58 -27.65
C ILE F 420 29.37 -36.41 -28.48
N SER F 421 28.58 -35.55 -27.84
CA SER F 421 27.99 -34.40 -28.51
C SER F 421 29.05 -33.35 -28.81
N ASP F 422 28.73 -32.45 -29.73
CA ASP F 422 29.64 -31.37 -30.13
C ASP F 422 29.92 -30.40 -28.99
N THR F 423 28.89 -30.06 -28.21
CA THR F 423 29.07 -29.13 -27.09
C THR F 423 29.93 -29.71 -25.98
N ASP F 424 29.94 -31.04 -25.83
CA ASP F 424 30.77 -31.67 -24.80
C ASP F 424 32.26 -31.57 -25.10
N ARG F 425 32.64 -31.57 -26.38
CA ARG F 425 34.05 -31.51 -26.76
C ARG F 425 34.71 -30.21 -26.30
N LYS F 426 33.94 -29.14 -26.12
CA LYS F 426 34.51 -27.92 -25.55
C LYS F 426 34.91 -28.12 -24.10
N ILE F 427 34.13 -28.92 -23.36
CA ILE F 427 34.45 -29.17 -21.95
C ILE F 427 35.71 -30.01 -21.82
N ILE F 428 35.83 -31.06 -22.64
CA ILE F 428 36.97 -31.97 -22.52
C ILE F 428 38.15 -31.49 -23.35
N SER F 429 38.08 -30.28 -23.90
CA SER F 429 39.18 -29.77 -24.73
C SER F 429 40.40 -29.49 -23.87
N GLY F 430 41.53 -30.07 -24.26
CA GLY F 430 42.80 -29.89 -23.58
C GLY F 430 43.09 -30.91 -22.50
N HIS F 431 42.08 -31.67 -22.07
CA HIS F 431 42.22 -32.67 -21.02
C HIS F 431 41.54 -33.97 -21.43
N GLU F 432 41.83 -34.41 -22.66
CA GLU F 432 41.19 -35.61 -23.19
C GLU F 432 41.68 -36.86 -22.46
N THR F 433 42.96 -36.92 -22.12
CA THR F 433 43.51 -38.10 -21.48
C THR F 433 43.08 -38.21 -20.02
N SER F 434 42.91 -37.07 -19.33
CA SER F 434 42.59 -37.11 -17.91
C SER F 434 41.15 -37.52 -17.65
N VAL F 435 40.26 -37.34 -18.64
CA VAL F 435 38.85 -37.67 -18.42
C VAL F 435 38.67 -39.18 -18.42
N ARG F 436 37.56 -39.63 -17.84
CA ARG F 436 37.23 -41.04 -17.75
C ARG F 436 35.77 -41.26 -18.11
N PHE F 437 35.46 -42.48 -18.53
CA PHE F 437 34.14 -42.89 -18.97
C PHE F 437 33.72 -44.17 -18.27
N PRO F 438 32.41 -44.40 -18.12
CA PRO F 438 31.96 -45.66 -17.51
C PRO F 438 32.40 -46.87 -18.30
N ASN F 439 32.73 -47.95 -17.57
CA ASN F 439 33.24 -49.16 -18.17
C ASN F 439 32.09 -50.12 -18.44
N PRO F 440 31.83 -50.50 -19.70
CA PRO F 440 30.74 -51.44 -19.98
C PRO F 440 31.10 -52.88 -19.66
N ARG F 441 30.21 -53.80 -20.05
CA ARG F 441 30.33 -55.27 -19.99
C ARG F 441 30.17 -55.84 -18.58
N ALA F 442 30.02 -54.99 -17.55
CA ALA F 442 29.67 -55.40 -16.19
C ALA F 442 30.69 -56.40 -15.63
N LYS F 443 31.90 -55.89 -15.41
CA LYS F 443 32.99 -56.71 -14.90
C LYS F 443 32.74 -57.14 -13.46
N LYS F 444 33.68 -57.91 -12.92
CA LYS F 444 33.54 -58.48 -11.58
C LYS F 444 33.51 -57.40 -10.52
N CYS F 445 34.31 -56.36 -10.66
CA CYS F 445 34.30 -55.26 -9.72
C CYS F 445 32.99 -54.49 -9.81
N CYS F 446 32.60 -53.88 -8.67
CA CYS F 446 31.42 -53.06 -8.48
C CYS F 446 30.16 -53.66 -9.08
N ARG F 447 29.21 -52.82 -9.50
CA ARG F 447 27.96 -53.30 -10.08
C ARG F 447 27.81 -52.92 -11.54
N ASP F 448 27.89 -51.62 -11.87
CA ASP F 448 27.69 -51.14 -13.24
C ASP F 448 28.67 -50.04 -13.59
N GLY F 449 29.82 -49.99 -12.92
CA GLY F 449 30.76 -48.90 -13.12
C GLY F 449 30.52 -47.68 -12.26
N TYR F 450 29.44 -47.66 -11.49
CA TYR F 450 29.13 -46.56 -10.59
C TYR F 450 29.16 -47.08 -9.16
N ASN F 451 29.95 -46.42 -8.31
CA ASN F 451 30.05 -46.77 -6.90
C ASN F 451 29.68 -45.55 -6.07
N GLY F 452 28.49 -45.59 -5.47
CA GLY F 452 28.04 -44.49 -4.65
C GLY F 452 27.62 -43.29 -5.48
N ARG F 453 27.43 -42.18 -4.77
CA ARG F 453 27.01 -40.92 -5.39
C ARG F 453 27.68 -39.78 -4.66
N THR F 454 28.47 -38.99 -5.38
CA THR F 454 29.25 -37.92 -4.78
C THR F 454 28.49 -36.59 -4.83
N ILE F 455 29.06 -35.59 -4.18
CA ILE F 455 28.41 -34.31 -3.95
C ILE F 455 29.16 -33.22 -4.70
N LEU F 456 28.43 -32.41 -5.45
CA LEU F 456 28.95 -31.20 -6.08
C LEU F 456 28.31 -30.01 -5.38
N ALA F 457 29.11 -29.24 -4.66
CA ALA F 457 28.54 -28.22 -3.79
C ALA F 457 29.31 -26.91 -3.93
N GLU F 458 28.62 -25.83 -3.62
CA GLU F 458 29.20 -24.49 -3.56
C GLU F 458 28.75 -23.81 -2.28
N VAL F 459 29.64 -23.00 -1.73
CA VAL F 459 29.39 -22.26 -0.49
C VAL F 459 29.69 -20.79 -0.72
N ILE F 460 28.77 -19.93 -0.30
CA ILE F 460 28.90 -18.49 -0.42
C ILE F 460 28.92 -17.91 0.99
N GLU F 461 29.98 -17.14 1.30
CA GLU F 461 30.08 -16.41 2.55
C GLU F 461 29.44 -15.05 2.37
N PRO F 462 28.44 -14.68 3.16
CA PRO F 462 27.76 -13.40 2.97
C PRO F 462 28.67 -12.22 3.29
N ASP F 463 28.42 -11.11 2.61
CA ASP F 463 29.15 -9.87 2.82
C ASP F 463 28.17 -8.71 2.76
N SER F 464 28.61 -7.56 3.24
CA SER F 464 27.75 -6.38 3.26
C SER F 464 27.42 -5.91 1.84
N LYS F 465 28.43 -5.74 1.00
CA LYS F 465 28.21 -5.29 -0.36
C LYS F 465 27.46 -6.35 -1.18
N LEU F 466 27.78 -7.63 -0.98
CA LEU F 466 27.10 -8.69 -1.69
C LEU F 466 25.62 -8.75 -1.35
N LEU F 467 25.28 -8.61 -0.06
CA LEU F 467 23.88 -8.60 0.32
C LEU F 467 23.18 -7.32 -0.11
N ARG F 468 23.89 -6.19 -0.12
CA ARG F 468 23.31 -4.94 -0.59
C ARG F 468 22.98 -5.00 -2.07
N LEU F 469 23.83 -5.65 -2.87
CA LEU F 469 23.55 -5.79 -4.30
C LEU F 469 22.30 -6.63 -4.55
N VAL F 470 22.14 -7.72 -3.80
CA VAL F 470 20.96 -8.57 -3.97
C VAL F 470 19.71 -7.85 -3.46
N ALA F 471 19.85 -7.08 -2.38
CA ALA F 471 18.70 -6.36 -1.82
C ALA F 471 18.15 -5.33 -2.78
N GLU F 472 18.98 -4.80 -3.68
CA GLU F 472 18.52 -3.88 -4.71
C GLU F 472 17.84 -4.60 -5.88
N GLY F 473 17.85 -5.93 -5.88
CA GLY F 473 17.27 -6.68 -6.97
C GLY F 473 18.00 -6.54 -8.29
N LYS F 474 19.33 -6.44 -8.26
CA LYS F 474 20.09 -6.32 -9.49
C LYS F 474 20.10 -7.63 -10.27
N ARG F 475 20.36 -8.74 -9.59
CA ARG F 475 20.48 -10.08 -10.16
C ARG F 475 21.58 -10.16 -11.23
N GLU F 476 22.50 -9.20 -11.24
CA GLU F 476 23.58 -9.16 -12.22
C GLU F 476 24.70 -8.32 -11.62
N ASP F 477 25.94 -8.78 -11.83
CA ASP F 477 27.19 -8.24 -11.31
C ASP F 477 27.35 -8.49 -9.82
N ALA F 478 26.32 -8.99 -9.13
CA ALA F 478 26.51 -9.50 -7.78
C ALA F 478 27.18 -10.87 -7.82
N GLN F 479 26.79 -11.70 -8.78
CA GLN F 479 27.48 -12.97 -9.00
C GLN F 479 28.93 -12.73 -9.43
N HIS F 480 29.17 -11.74 -10.29
CA HIS F 480 30.53 -11.40 -10.68
C HIS F 480 31.34 -10.89 -9.50
N TYR F 481 30.74 -10.06 -8.64
CA TYR F 481 31.43 -9.57 -7.45
C TYR F 481 31.75 -10.71 -6.49
N TRP F 482 30.83 -11.65 -6.31
CA TRP F 482 31.10 -12.80 -5.45
C TRP F 482 32.17 -13.70 -6.04
N LEU F 483 32.18 -13.88 -7.36
CA LEU F 483 33.14 -14.77 -7.99
C LEU F 483 34.53 -14.18 -8.07
N THR F 484 34.64 -12.85 -8.16
CA THR F 484 35.95 -12.21 -8.33
C THR F 484 36.51 -11.70 -7.00
N SER F 485 35.76 -10.85 -6.30
CA SER F 485 36.28 -10.22 -5.10
C SER F 485 36.34 -11.20 -3.93
N LEU F 486 35.29 -12.02 -3.76
CA LEU F 486 35.25 -12.96 -2.64
C LEU F 486 36.00 -14.26 -2.93
N HIS F 487 36.54 -14.43 -4.14
CA HIS F 487 37.27 -15.62 -4.55
C HIS F 487 36.43 -16.89 -4.40
N GLY F 488 35.13 -16.78 -4.69
CA GLY F 488 34.24 -17.91 -4.60
C GLY F 488 34.36 -18.83 -5.80
N MET F 489 33.71 -19.99 -5.70
CA MET F 489 33.70 -20.99 -6.74
C MET F 489 32.25 -21.36 -7.07
N ALA F 490 31.89 -21.30 -8.34
CA ALA F 490 30.55 -21.62 -8.77
C ALA F 490 30.33 -23.13 -8.80
N LEU F 491 29.05 -23.52 -8.83
CA LEU F 491 28.70 -24.93 -8.92
C LEU F 491 29.18 -25.53 -10.23
N LYS F 492 29.02 -24.80 -11.33
CA LYS F 492 29.52 -25.26 -12.62
C LYS F 492 31.04 -25.40 -12.61
N GLU F 493 31.73 -24.46 -11.95
CA GLU F 493 33.18 -24.55 -11.81
C GLU F 493 33.60 -25.77 -11.02
N HIS F 494 32.90 -26.07 -9.92
CA HIS F 494 33.20 -27.27 -9.14
C HIS F 494 32.93 -28.54 -9.94
N ALA F 495 31.86 -28.55 -10.73
CA ALA F 495 31.60 -29.69 -11.60
C ALA F 495 32.70 -29.87 -12.64
N TRP F 496 33.15 -28.77 -13.25
CA TRP F 496 34.21 -28.85 -14.25
C TRP F 496 35.53 -29.31 -13.64
N LEU F 497 35.81 -28.91 -12.41
CA LEU F 497 37.03 -29.35 -11.73
C LEU F 497 37.05 -30.87 -11.53
N LYS F 498 35.91 -31.45 -11.15
CA LYS F 498 35.86 -32.90 -11.01
C LYS F 498 35.81 -33.60 -12.38
N ILE F 499 35.29 -32.92 -13.40
CA ILE F 499 35.32 -33.47 -14.75
C ILE F 499 36.76 -33.59 -15.23
N ILE F 500 37.58 -32.57 -14.97
CA ILE F 500 38.98 -32.62 -15.37
C ILE F 500 39.72 -33.73 -14.63
N SER F 501 39.45 -33.88 -13.33
CA SER F 501 40.08 -34.94 -12.54
C SER F 501 39.59 -36.34 -12.91
N GLY F 502 38.48 -36.45 -13.63
CA GLY F 502 37.97 -37.74 -14.04
C GLY F 502 37.19 -38.48 -12.98
N GLU F 503 36.74 -37.79 -11.92
CA GLU F 503 36.00 -38.47 -10.86
C GLU F 503 34.59 -38.85 -11.32
N ILE F 504 33.98 -38.00 -12.17
CA ILE F 504 32.62 -38.23 -12.64
C ILE F 504 32.59 -38.11 -14.15
N CYS F 505 31.55 -38.71 -14.74
CA CYS F 505 31.37 -38.69 -16.19
C CYS F 505 30.77 -37.38 -16.65
N VAL F 506 31.16 -36.96 -17.85
CA VAL F 506 30.64 -35.70 -18.40
C VAL F 506 29.17 -35.83 -18.78
N MET F 507 28.73 -37.03 -19.19
CA MET F 507 27.34 -37.21 -19.61
C MET F 507 26.36 -36.99 -18.47
N ASP F 508 26.70 -37.48 -17.27
CA ASP F 508 25.85 -37.24 -16.11
C ASP F 508 25.97 -35.81 -15.62
N ALA F 509 27.18 -35.22 -15.72
CA ALA F 509 27.39 -33.85 -15.26
C ALA F 509 26.58 -32.85 -16.08
N VAL F 510 26.52 -33.04 -17.40
CA VAL F 510 25.72 -32.16 -18.24
C VAL F 510 24.24 -32.33 -17.94
N ASN F 511 23.79 -33.57 -17.76
CA ASN F 511 22.37 -33.82 -17.51
C ASN F 511 21.94 -33.39 -16.12
N LYS F 512 22.89 -33.21 -15.20
CA LYS F 512 22.54 -32.77 -13.85
C LYS F 512 22.86 -31.30 -13.62
N ILE F 513 23.92 -30.78 -14.22
CA ILE F 513 24.34 -29.39 -14.06
C ILE F 513 24.33 -28.72 -15.42
N SER F 514 23.67 -27.58 -15.51
CA SER F 514 23.54 -26.82 -16.75
C SER F 514 24.56 -25.69 -16.80
N GLY F 515 24.86 -25.25 -18.02
CA GLY F 515 25.77 -24.14 -18.21
C GLY F 515 27.23 -24.45 -18.02
N ILE F 516 27.61 -25.73 -18.04
CA ILE F 516 29.01 -26.09 -17.85
C ILE F 516 29.85 -25.62 -19.04
N ASP F 517 29.29 -25.71 -20.25
CA ASP F 517 30.02 -25.31 -21.45
C ASP F 517 30.18 -23.81 -21.59
N ASN F 518 29.52 -23.01 -20.76
CA ASN F 518 29.58 -21.56 -20.85
C ASN F 518 30.76 -20.96 -20.10
N ILE F 519 31.59 -21.78 -19.47
CA ILE F 519 32.73 -21.26 -18.72
C ILE F 519 33.81 -20.81 -19.69
N THR F 520 34.30 -19.59 -19.49
CA THR F 520 35.34 -19.04 -20.36
C THR F 520 36.68 -19.75 -20.12
N GLU F 521 37.55 -19.65 -21.12
CA GLU F 521 38.87 -20.30 -21.03
C GLU F 521 39.74 -19.65 -19.96
N GLU F 522 39.64 -18.33 -19.80
CA GLU F 522 40.41 -17.64 -18.77
C GLU F 522 39.98 -18.10 -17.38
N ARG F 523 38.68 -18.31 -17.17
CA ARG F 523 38.21 -18.86 -15.90
C ARG F 523 38.69 -20.29 -15.70
N LYS F 524 38.71 -21.09 -16.76
CA LYS F 524 39.19 -22.48 -16.65
C LYS F 524 40.66 -22.53 -16.27
N LYS F 525 41.47 -21.66 -16.86
CA LYS F 525 42.89 -21.62 -16.52
C LYS F 525 43.11 -21.23 -15.06
N TYR F 526 42.37 -20.24 -14.59
CA TYR F 526 42.49 -19.82 -13.19
C TYR F 526 42.03 -20.92 -12.23
N LEU F 527 40.95 -21.63 -12.59
CA LEU F 527 40.49 -22.75 -11.76
C LEU F 527 41.52 -23.87 -11.72
N PHE F 528 42.13 -24.19 -12.87
CA PHE F 528 43.11 -25.26 -12.92
C PHE F 528 44.41 -24.91 -12.21
N SER F 529 44.82 -23.63 -12.25
CA SER F 529 46.07 -23.23 -11.62
C SER F 529 46.01 -23.41 -10.10
N ARG F 530 44.89 -23.05 -9.48
CA ARG F 530 44.77 -23.18 -8.03
C ARG F 530 44.75 -24.64 -7.60
N ASP F 531 44.13 -25.51 -8.40
CA ASP F 531 44.12 -26.93 -8.06
C ASP F 531 45.49 -27.56 -8.31
N ASN F 532 46.22 -27.10 -9.33
CA ASN F 532 47.53 -27.67 -9.60
C ASN F 532 48.56 -27.22 -8.57
N GLU F 533 48.49 -25.97 -8.12
CA GLU F 533 49.46 -25.46 -7.16
C GLU F 533 49.26 -26.02 -5.76
N ILE F 534 48.10 -26.60 -5.46
CA ILE F 534 47.84 -27.18 -4.15
C ILE F 534 48.02 -28.70 -4.23
#